data_7Q2A
#
_entry.id   7Q2A
#
_cell.length_a   81.580
_cell.length_b   119.351
_cell.length_c   84.528
_cell.angle_alpha   90.000
_cell.angle_beta   114.560
_cell.angle_gamma   90.000
#
_symmetry.space_group_name_H-M   'P 1 21 1'
#
loop_
_entity.id
_entity.type
_entity.pdbx_description
1 polymer 'Catechol 2,3-dioxygenase'
2 non-polymer 'FE (III) ION'
3 non-polymer 'CALCIUM ION'
4 non-polymer 4-ethylbenzene-1,2-diol
5 water water
#
_entity_poly.entity_id   1
_entity_poly.type   'polypeptide(L)'
_entity_poly.pdbx_seq_one_letter_code
;MGSSHHHHHSSGENLYFQGHMMSDARFDIAHLARAELFSPKPQETLDFFTKFLGMYVTHREGQSVYLRGYEDPYPWSLKI
TEAPEAGMGHAAMRTSSPEALERRAKSLTDGNVDGTWSEDQFGYGKTFEYQSPDGHNLQLLWEAEKYVAPPELRSKILTR
PSKKPLQGIPVKRIDHLNLMSSDVTAVKDSFERHLGFRTTERVVDGNVEIGAWMSSNLLGHEVACMRDMTGGHGKLHHLA
FFYGTGQHNIDAVEMFRDYDIQIEAGPDKHGITQSQFLYVFEPGGNRIELFGEAGYLHLDPDAETKTWQMSDIDTGLAVG
GAKLPWESYFTYGTPSPLSLDQHIEKYAHFGPGAPDPDALAAELSVPDELEHSRAVADASL
;
_entity_poly.pdbx_strand_id   A,B,C,D
#
loop_
_chem_comp.id
_chem_comp.type
_chem_comp.name
_chem_comp.formula
8RU non-polymer 4-ethylbenzene-1,2-diol 'C8 H10 O2'
CA non-polymer 'CALCIUM ION' 'Ca 2'
FE non-polymer 'FE (III) ION' 'Fe 3'
#
# COMPACT_ATOMS: atom_id res chain seq x y z
N ASP A 24 -24.18 -10.91 -32.66
CA ASP A 24 -23.16 -10.87 -31.55
C ASP A 24 -22.86 -9.41 -31.22
N ALA A 25 -23.62 -8.84 -30.30
CA ALA A 25 -23.53 -7.45 -29.82
C ALA A 25 -22.49 -7.31 -28.71
N ARG A 26 -21.81 -8.41 -28.32
CA ARG A 26 -20.95 -8.49 -27.10
C ARG A 26 -19.96 -7.32 -27.06
N PHE A 27 -19.40 -6.96 -28.21
CA PHE A 27 -18.22 -6.06 -28.33
C PHE A 27 -18.58 -4.66 -28.85
N ASP A 28 -19.88 -4.39 -28.98
CA ASP A 28 -20.37 -3.12 -29.59
C ASP A 28 -20.16 -1.92 -28.64
N ILE A 29 -20.21 -2.12 -27.33
CA ILE A 29 -19.96 -1.01 -26.38
C ILE A 29 -18.52 -1.12 -25.85
N ALA A 30 -17.76 -0.05 -25.96
CA ALA A 30 -16.34 -0.02 -25.55
C ALA A 30 -16.28 0.32 -24.04
N HIS A 31 -16.83 1.46 -23.64
CA HIS A 31 -16.69 1.87 -22.21
C HIS A 31 -17.68 2.98 -21.86
N LEU A 32 -17.70 3.31 -20.57
CA LEU A 32 -18.46 4.44 -20.03
C LEU A 32 -17.65 5.72 -20.27
N ALA A 33 -18.12 6.63 -21.12
CA ALA A 33 -17.32 7.82 -21.50
C ALA A 33 -17.51 8.90 -20.44
N ARG A 34 -18.74 9.10 -19.94
CA ARG A 34 -19.00 10.36 -19.19
C ARG A 34 -20.31 10.24 -18.46
N ALA A 35 -20.51 11.14 -17.52
CA ALA A 35 -21.79 11.30 -16.82
C ALA A 35 -21.96 12.76 -16.39
N GLU A 36 -23.22 13.13 -16.24
CA GLU A 36 -23.63 14.48 -15.80
C GLU A 36 -24.30 14.32 -14.46
N LEU A 37 -23.84 15.11 -13.49
CA LEU A 37 -24.52 15.20 -12.18
C LEU A 37 -25.25 16.54 -12.09
N PHE A 38 -26.47 16.48 -11.61
CA PHE A 38 -27.25 17.65 -11.15
C PHE A 38 -26.87 17.93 -9.70
N SER A 39 -26.71 19.21 -9.37
CA SER A 39 -26.40 19.67 -8.01
C SER A 39 -27.13 20.98 -7.73
N PRO A 40 -27.83 21.07 -6.59
CA PRO A 40 -28.39 22.33 -6.10
C PRO A 40 -27.34 23.19 -5.42
N LYS A 41 -26.09 22.70 -5.30
CA LYS A 41 -24.98 23.48 -4.72
C LYS A 41 -23.81 23.37 -5.70
N PRO A 42 -23.96 23.92 -6.90
CA PRO A 42 -23.03 23.63 -8.00
C PRO A 42 -21.60 24.07 -7.70
N GLN A 43 -21.38 25.17 -6.97
CA GLN A 43 -19.99 25.61 -6.69
C GLN A 43 -19.36 24.65 -5.69
N GLU A 44 -20.12 24.18 -4.70
CA GLU A 44 -19.58 23.26 -3.67
C GLU A 44 -19.29 21.91 -4.34
N THR A 45 -20.14 21.48 -5.24
CA THR A 45 -19.92 20.23 -6.01
C THR A 45 -18.63 20.38 -6.82
N LEU A 46 -18.49 21.51 -7.51
CA LEU A 46 -17.29 21.80 -8.32
C LEU A 46 -16.07 21.75 -7.43
N ASP A 47 -16.11 22.43 -6.28
CA ASP A 47 -14.95 22.47 -5.36
C ASP A 47 -14.57 21.07 -4.89
N PHE A 48 -15.55 20.21 -4.66
CA PHE A 48 -15.31 18.81 -4.24
C PHE A 48 -14.47 18.09 -5.31
N PHE A 49 -14.86 18.23 -6.59
CA PHE A 49 -14.21 17.48 -7.68
C PHE A 49 -12.85 18.08 -8.03
N THR A 50 -12.61 19.37 -7.78
CA THR A 50 -11.34 20.05 -8.17
C THR A 50 -10.40 20.02 -6.97
N LYS A 51 -10.87 20.44 -5.78
CA LYS A 51 -9.96 20.60 -4.62
C LYS A 51 -9.64 19.25 -3.97
N PHE A 52 -10.62 18.35 -3.90
CA PHE A 52 -10.42 17.04 -3.28
C PHE A 52 -10.00 16.00 -4.32
N LEU A 53 -10.69 15.94 -5.44
CA LEU A 53 -10.44 14.84 -6.41
C LEU A 53 -9.57 15.32 -7.59
N GLY A 54 -9.06 16.55 -7.55
CA GLY A 54 -8.03 17.08 -8.45
C GLY A 54 -8.40 16.96 -9.92
N MET A 55 -9.68 17.07 -10.26
CA MET A 55 -10.11 16.97 -11.69
C MET A 55 -9.80 18.29 -12.39
N TYR A 56 -9.45 18.20 -13.66
CA TYR A 56 -9.19 19.36 -14.55
C TYR A 56 -10.54 19.86 -15.08
N VAL A 57 -10.73 21.17 -15.07
CA VAL A 57 -11.87 21.87 -15.73
C VAL A 57 -11.46 22.22 -17.15
N THR A 58 -12.23 21.74 -18.11
CA THR A 58 -11.91 21.91 -19.55
C THR A 58 -12.92 22.85 -20.23
N HIS A 59 -14.08 23.12 -19.63
CA HIS A 59 -15.11 23.97 -20.29
C HIS A 59 -16.14 24.44 -19.28
N ARG A 60 -16.73 25.61 -19.52
CA ARG A 60 -17.91 26.12 -18.78
C ARG A 60 -18.87 26.70 -19.79
N GLU A 61 -20.15 26.45 -19.62
CA GLU A 61 -21.18 26.85 -20.62
C GLU A 61 -22.49 26.86 -19.84
N GLY A 62 -23.29 27.92 -19.97
CA GLY A 62 -24.60 27.96 -19.30
C GLY A 62 -24.47 27.67 -17.82
N GLN A 63 -25.24 26.72 -17.34
CA GLN A 63 -25.31 26.33 -15.91
C GLN A 63 -24.37 25.14 -15.63
N SER A 64 -23.41 24.82 -16.51
CA SER A 64 -22.64 23.57 -16.47
C SER A 64 -21.14 23.84 -16.49
N VAL A 65 -20.39 22.98 -15.79
CA VAL A 65 -18.91 22.94 -15.84
C VAL A 65 -18.52 21.52 -16.21
N TYR A 66 -17.47 21.40 -17.00
CA TYR A 66 -17.06 20.13 -17.63
C TYR A 66 -15.63 19.81 -17.13
N LEU A 67 -15.46 18.58 -16.64
CA LEU A 67 -14.20 18.13 -15.96
C LEU A 67 -13.75 16.77 -16.54
N ARG A 68 -12.45 16.52 -16.41
CA ARG A 68 -11.87 15.19 -16.70
C ARG A 68 -10.85 14.88 -15.61
N GLY A 69 -10.69 13.60 -15.33
CA GLY A 69 -9.51 13.11 -14.60
C GLY A 69 -8.33 13.11 -15.53
N TYR A 70 -7.12 13.01 -14.98
CA TYR A 70 -5.91 13.22 -15.79
C TYR A 70 -5.70 12.10 -16.82
N GLU A 71 -6.38 10.94 -16.69
CA GLU A 71 -6.30 9.84 -17.66
C GLU A 71 -7.61 9.60 -18.38
N ASP A 72 -8.59 10.49 -18.23
CA ASP A 72 -9.81 10.40 -19.09
C ASP A 72 -9.40 10.82 -20.50
N PRO A 73 -9.82 10.05 -21.55
CA PRO A 73 -9.27 10.27 -22.88
C PRO A 73 -9.92 11.42 -23.66
N TYR A 74 -11.12 11.83 -23.28
CA TYR A 74 -11.92 12.83 -24.03
C TYR A 74 -11.91 14.11 -23.22
N PRO A 75 -12.41 15.23 -23.78
CA PRO A 75 -12.27 16.51 -23.07
C PRO A 75 -12.99 16.57 -21.73
N TRP A 76 -14.02 15.74 -21.55
CA TRP A 76 -14.69 15.62 -20.25
C TRP A 76 -15.23 14.21 -20.04
N SER A 77 -15.27 13.82 -18.76
CA SER A 77 -15.96 12.62 -18.24
C SER A 77 -17.03 13.01 -17.27
N LEU A 78 -16.96 14.21 -16.72
CA LEU A 78 -17.93 14.72 -15.71
C LEU A 78 -18.45 16.09 -16.14
N LYS A 79 -19.79 16.21 -16.10
CA LYS A 79 -20.50 17.49 -16.29
C LYS A 79 -21.26 17.77 -15.00
N ILE A 80 -21.00 18.90 -14.36
CA ILE A 80 -21.75 19.38 -13.19
C ILE A 80 -22.72 20.47 -13.68
N THR A 81 -24.01 20.21 -13.47
CA THR A 81 -25.09 21.11 -13.93
C THR A 81 -25.89 21.59 -12.72
N GLU A 82 -26.00 22.91 -12.56
CA GLU A 82 -26.91 23.52 -11.57
C GLU A 82 -28.32 23.01 -11.83
N ALA A 83 -29.02 22.60 -10.78
CA ALA A 83 -30.40 22.10 -10.87
C ALA A 83 -31.03 22.22 -9.51
N PRO A 84 -32.37 22.23 -9.41
CA PRO A 84 -33.02 22.36 -8.10
C PRO A 84 -32.90 21.08 -7.25
N GLU A 85 -32.60 19.95 -7.88
CA GLU A 85 -32.41 18.65 -7.18
C GLU A 85 -31.14 17.97 -7.68
N ALA A 86 -30.61 17.04 -6.90
CA ALA A 86 -29.41 16.24 -7.28
C ALA A 86 -29.89 15.13 -8.23
N GLY A 87 -28.96 14.37 -8.79
CA GLY A 87 -29.27 13.19 -9.61
C GLY A 87 -28.39 13.14 -10.84
N MET A 88 -28.63 12.17 -11.70
CA MET A 88 -27.86 11.99 -12.93
C MET A 88 -28.60 12.66 -14.10
N GLY A 89 -27.98 13.66 -14.73
CA GLY A 89 -28.52 14.24 -15.97
C GLY A 89 -28.48 13.20 -17.07
N HIS A 90 -27.36 12.50 -17.22
CA HIS A 90 -27.25 11.40 -18.20
C HIS A 90 -25.95 10.63 -17.95
N ALA A 91 -25.83 9.48 -18.61
CA ALA A 91 -24.53 8.82 -18.78
C ALA A 91 -24.42 8.44 -20.24
N ALA A 92 -23.21 8.57 -20.80
CA ALA A 92 -22.95 8.14 -22.19
C ALA A 92 -21.92 7.03 -22.21
N MET A 93 -22.21 6.01 -23.01
CA MET A 93 -21.28 4.94 -23.36
C MET A 93 -20.73 5.18 -24.77
N ARG A 94 -19.44 4.95 -24.92
CA ARG A 94 -18.83 4.98 -26.26
C ARG A 94 -18.86 3.58 -26.84
N THR A 95 -19.22 3.49 -28.13
CA THR A 95 -19.21 2.24 -28.91
C THR A 95 -17.78 1.92 -29.37
N SER A 96 -17.60 0.75 -29.98
CA SER A 96 -16.28 0.24 -30.43
C SER A 96 -16.05 0.60 -31.91
N SER A 97 -17.08 1.13 -32.58
CA SER A 97 -17.02 1.62 -33.96
C SER A 97 -18.26 2.47 -34.26
N PRO A 98 -18.24 3.26 -35.36
CA PRO A 98 -19.44 3.92 -35.82
C PRO A 98 -20.54 2.90 -36.20
N GLU A 99 -20.15 1.77 -36.79
CA GLU A 99 -21.15 0.75 -37.21
C GLU A 99 -21.83 0.19 -35.96
N ALA A 100 -21.06 -0.05 -34.87
CA ALA A 100 -21.64 -0.55 -33.60
C ALA A 100 -22.69 0.45 -33.10
N LEU A 101 -22.46 1.76 -33.24
CA LEU A 101 -23.44 2.76 -32.78
C LEU A 101 -24.74 2.57 -33.58
N GLU A 102 -24.63 2.41 -34.91
CA GLU A 102 -25.84 2.22 -35.75
C GLU A 102 -26.52 0.93 -35.32
N ARG A 103 -25.78 -0.16 -35.09
CA ARG A 103 -26.40 -1.44 -34.70
C ARG A 103 -27.13 -1.28 -33.36
N ARG A 104 -26.50 -0.66 -32.35
CA ARG A 104 -27.15 -0.55 -31.00
C ARG A 104 -28.41 0.32 -31.08
N ALA A 105 -28.34 1.48 -31.73
CA ALA A 105 -29.48 2.39 -31.87
C ALA A 105 -30.62 1.66 -32.62
N LYS A 106 -30.29 0.87 -33.64
CA LYS A 106 -31.31 0.11 -34.41
C LYS A 106 -31.93 -0.96 -33.53
N SER A 107 -31.14 -1.65 -32.70
CA SER A 107 -31.66 -2.70 -31.80
C SER A 107 -32.70 -2.05 -30.89
N LEU A 108 -32.36 -0.89 -30.32
CA LEU A 108 -33.24 -0.20 -29.35
C LEU A 108 -34.54 0.21 -30.08
N THR A 109 -34.42 0.88 -31.23
CA THR A 109 -35.56 1.33 -32.07
C THR A 109 -36.46 0.14 -32.40
N ASP A 110 -35.89 -0.94 -32.92
CA ASP A 110 -36.64 -2.18 -33.26
C ASP A 110 -37.31 -2.75 -32.02
N GLY A 111 -36.78 -2.48 -30.82
CA GLY A 111 -37.38 -2.93 -29.55
C GLY A 111 -38.39 -1.93 -29.01
N ASN A 112 -38.79 -0.96 -29.82
CA ASN A 112 -39.81 0.08 -29.49
C ASN A 112 -39.30 1.00 -28.39
N VAL A 113 -37.99 1.16 -28.28
CA VAL A 113 -37.40 2.19 -27.38
C VAL A 113 -37.31 3.48 -28.19
N ASP A 114 -37.90 4.54 -27.70
CA ASP A 114 -37.98 5.82 -28.45
C ASP A 114 -36.72 6.58 -28.12
N GLY A 115 -35.85 6.83 -29.10
CA GLY A 115 -34.59 7.56 -28.91
C GLY A 115 -34.56 8.83 -29.72
N THR A 116 -33.60 9.68 -29.44
CA THR A 116 -33.40 10.98 -30.12
C THR A 116 -31.92 11.08 -30.51
N TRP A 117 -31.62 11.54 -31.71
CA TRP A 117 -30.25 11.90 -32.14
C TRP A 117 -30.00 13.36 -31.80
N SER A 118 -28.83 13.66 -31.24
CA SER A 118 -28.38 15.02 -30.91
C SER A 118 -26.91 15.17 -31.28
N GLU A 119 -26.42 16.39 -31.25
CA GLU A 119 -24.98 16.68 -31.38
C GLU A 119 -24.79 18.09 -30.80
N ASP A 120 -24.91 18.23 -29.49
CA ASP A 120 -24.84 19.56 -28.85
C ASP A 120 -23.83 19.60 -27.68
N GLN A 121 -22.91 18.64 -27.52
CA GLN A 121 -21.97 18.68 -26.37
C GLN A 121 -20.54 18.96 -26.85
N PHE A 122 -19.88 19.92 -26.22
CA PHE A 122 -18.41 20.14 -26.29
C PHE A 122 -17.66 18.79 -26.26
N GLY A 123 -16.72 18.58 -27.19
CA GLY A 123 -15.74 17.47 -27.19
C GLY A 123 -16.26 16.19 -27.81
N TYR A 124 -17.52 16.15 -28.22
CA TYR A 124 -18.15 14.91 -28.73
C TYR A 124 -19.04 15.24 -29.94
N GLY A 125 -19.43 14.22 -30.70
CA GLY A 125 -20.30 14.36 -31.87
C GLY A 125 -21.63 13.71 -31.66
N LYS A 126 -22.03 12.91 -32.65
CA LYS A 126 -23.41 12.43 -32.84
C LYS A 126 -23.71 11.42 -31.73
N THR A 127 -24.84 11.62 -31.07
CA THR A 127 -25.26 10.96 -29.84
C THR A 127 -26.70 10.49 -29.97
N PHE A 128 -26.94 9.25 -29.60
CA PHE A 128 -28.27 8.63 -29.47
C PHE A 128 -28.69 8.66 -28.00
N GLU A 129 -29.77 9.38 -27.68
CA GLU A 129 -30.27 9.54 -26.29
C GLU A 129 -31.54 8.72 -26.12
N TYR A 130 -31.63 7.96 -25.04
CA TYR A 130 -32.82 7.13 -24.74
C TYR A 130 -32.94 6.98 -23.23
N GLN A 131 -34.03 6.35 -22.80
CA GLN A 131 -34.28 6.09 -21.38
C GLN A 131 -34.18 4.59 -21.12
N SER A 132 -33.59 4.25 -19.99
CA SER A 132 -33.68 2.85 -19.49
C SER A 132 -35.16 2.58 -19.21
N PRO A 133 -35.54 1.32 -19.02
CA PRO A 133 -36.90 0.99 -18.57
C PRO A 133 -37.37 1.70 -17.32
N ASP A 134 -36.46 2.24 -16.49
CA ASP A 134 -36.82 2.89 -15.21
C ASP A 134 -36.63 4.39 -15.31
N GLY A 135 -36.35 4.92 -16.51
CA GLY A 135 -36.33 6.37 -16.73
C GLY A 135 -34.93 6.98 -16.68
N HIS A 136 -33.86 6.20 -16.51
CA HIS A 136 -32.49 6.75 -16.47
C HIS A 136 -32.14 7.27 -17.85
N ASN A 137 -31.52 8.44 -17.90
CA ASN A 137 -31.10 9.07 -19.17
C ASN A 137 -29.80 8.43 -19.61
N LEU A 138 -29.84 7.61 -20.66
CA LEU A 138 -28.67 6.92 -21.24
C LEU A 138 -28.38 7.43 -22.62
N GLN A 139 -27.13 7.35 -23.02
CA GLN A 139 -26.71 7.85 -24.34
C GLN A 139 -25.65 6.92 -24.91
N LEU A 140 -25.60 6.84 -26.23
CA LEU A 140 -24.57 6.10 -26.98
C LEU A 140 -23.93 7.06 -27.98
N LEU A 141 -22.62 6.98 -28.11
CA LEU A 141 -21.89 7.78 -29.10
C LEU A 141 -20.65 7.03 -29.56
N TRP A 142 -20.18 7.44 -30.74
CA TRP A 142 -18.88 7.02 -31.29
C TRP A 142 -17.92 8.20 -31.31
N GLU A 143 -18.40 9.36 -31.78
CA GLU A 143 -17.55 10.55 -32.04
C GLU A 143 -17.15 11.18 -30.70
N ALA A 144 -15.85 11.13 -30.41
CA ALA A 144 -15.28 11.66 -29.16
C ALA A 144 -13.92 12.23 -29.50
N GLU A 145 -13.72 13.51 -29.27
CA GLU A 145 -12.40 14.17 -29.45
C GLU A 145 -11.42 13.55 -28.45
N LYS A 146 -10.17 13.40 -28.83
CA LYS A 146 -9.12 12.92 -27.89
C LYS A 146 -8.54 14.16 -27.25
N TYR A 147 -8.64 14.29 -25.93
CA TYR A 147 -8.04 15.42 -25.19
C TYR A 147 -6.54 15.43 -25.44
N VAL A 148 -6.04 16.60 -25.79
CA VAL A 148 -4.58 16.87 -25.90
C VAL A 148 -4.26 17.98 -24.90
N ALA A 149 -3.31 17.76 -24.02
CA ALA A 149 -2.97 18.73 -22.98
C ALA A 149 -2.19 19.86 -23.62
N PRO A 150 -2.20 21.06 -22.99
CA PRO A 150 -1.19 22.05 -23.26
C PRO A 150 0.18 21.46 -23.01
N PRO A 151 1.19 21.94 -23.74
CA PRO A 151 2.56 21.42 -23.63
C PRO A 151 3.04 21.24 -22.19
N GLU A 152 2.80 22.21 -21.31
CA GLU A 152 3.35 22.20 -19.94
C GLU A 152 2.64 21.13 -19.09
N LEU A 153 1.47 20.63 -19.50
CA LEU A 153 0.71 19.59 -18.76
C LEU A 153 0.88 18.20 -19.42
N ARG A 154 1.69 18.05 -20.45
CA ARG A 154 1.91 16.72 -21.04
C ARG A 154 2.81 15.89 -20.11
N SER A 155 2.57 14.60 -20.08
CA SER A 155 3.25 13.62 -19.20
C SER A 155 4.39 12.98 -19.97
N LYS A 156 5.44 12.61 -19.27
CA LYS A 156 6.49 11.72 -19.83
C LYS A 156 5.95 10.30 -19.98
N ILE A 157 4.81 9.98 -19.36
CA ILE A 157 4.16 8.66 -19.52
C ILE A 157 3.23 8.77 -20.72
N LEU A 158 3.54 8.08 -21.82
CA LEU A 158 2.91 8.44 -23.11
C LEU A 158 1.44 8.01 -23.14
N THR A 159 1.02 7.02 -22.35
CA THR A 159 -0.43 6.64 -22.28
C THR A 159 -1.19 7.66 -21.43
N ARG A 160 -0.48 8.51 -20.70
CA ARG A 160 -1.10 9.50 -19.80
C ARG A 160 -1.24 10.84 -20.51
N PRO A 161 -2.47 11.28 -20.84
CA PRO A 161 -2.66 12.48 -21.61
C PRO A 161 -2.40 13.80 -20.85
N SER A 162 -2.38 13.82 -19.53
CA SER A 162 -2.07 15.04 -18.75
C SER A 162 -1.41 14.63 -17.42
N LYS A 163 -0.47 15.41 -16.94
CA LYS A 163 0.21 15.18 -15.64
C LYS A 163 -0.83 14.98 -14.55
N LYS A 164 -0.52 14.09 -13.61
CA LYS A 164 -1.25 13.98 -12.35
C LYS A 164 -1.13 15.32 -11.63
N PRO A 165 -2.25 15.96 -11.30
CA PRO A 165 -2.22 17.23 -10.60
C PRO A 165 -1.58 17.12 -9.21
N LEU A 166 -1.20 18.28 -8.67
CA LEU A 166 -0.65 18.45 -7.32
C LEU A 166 -1.73 18.87 -6.34
N GLN A 167 -2.98 18.66 -6.66
CA GLN A 167 -4.13 19.11 -5.84
C GLN A 167 -4.91 17.90 -5.36
N GLY A 168 -5.14 17.82 -4.07
CA GLY A 168 -5.99 16.78 -3.47
C GLY A 168 -5.40 15.38 -3.66
N ILE A 169 -6.28 14.39 -3.74
CA ILE A 169 -5.91 12.99 -4.09
C ILE A 169 -6.56 12.75 -5.44
N PRO A 170 -5.86 13.03 -6.53
CA PRO A 170 -6.51 13.14 -7.83
C PRO A 170 -6.94 11.81 -8.45
N VAL A 171 -8.17 11.78 -8.93
CA VAL A 171 -8.72 10.59 -9.64
C VAL A 171 -8.11 10.52 -11.03
N LYS A 172 -7.93 9.31 -11.53
CA LYS A 172 -7.40 9.08 -12.89
C LYS A 172 -8.51 9.34 -13.90
N ARG A 173 -9.72 8.84 -13.63
CA ARG A 173 -10.76 8.76 -14.66
C ARG A 173 -12.09 8.36 -14.03
N ILE A 174 -13.15 8.48 -14.81
CA ILE A 174 -14.46 7.87 -14.50
C ILE A 174 -14.26 6.37 -14.42
N ASP A 175 -15.06 5.66 -13.64
CA ASP A 175 -14.97 4.21 -13.53
C ASP A 175 -16.28 3.54 -13.93
N HIS A 176 -17.35 3.80 -13.23
CA HIS A 176 -18.61 3.07 -13.44
C HIS A 176 -19.78 3.84 -12.86
N LEU A 177 -20.95 3.28 -13.10
CA LEU A 177 -22.24 3.89 -12.76
C LEU A 177 -23.05 2.85 -12.03
N ASN A 178 -23.73 3.24 -10.95
CA ASN A 178 -24.67 2.34 -10.28
C ASN A 178 -26.06 3.01 -10.29
N LEU A 179 -26.99 2.41 -11.02
CA LEU A 179 -28.39 2.91 -11.19
C LEU A 179 -29.31 2.24 -10.17
N MET A 180 -30.16 3.03 -9.51
CA MET A 180 -31.22 2.47 -8.65
C MET A 180 -32.46 2.30 -9.54
N SER A 181 -33.19 1.20 -9.37
CA SER A 181 -34.37 0.87 -10.18
C SER A 181 -35.46 0.25 -9.32
N SER A 182 -36.72 0.49 -9.72
CA SER A 182 -37.88 -0.24 -9.15
C SER A 182 -37.82 -1.69 -9.62
N ASP A 183 -37.12 -1.95 -10.72
CA ASP A 183 -37.14 -3.24 -11.44
C ASP A 183 -35.73 -3.47 -12.00
N VAL A 184 -34.92 -4.24 -11.28
CA VAL A 184 -33.52 -4.50 -11.69
C VAL A 184 -33.54 -5.33 -12.98
N THR A 185 -34.41 -6.34 -13.07
CA THR A 185 -34.42 -7.28 -14.22
C THR A 185 -34.68 -6.52 -15.51
N ALA A 186 -35.62 -5.57 -15.50
CA ALA A 186 -35.99 -4.82 -16.72
C ALA A 186 -34.77 -4.03 -17.20
N VAL A 187 -34.05 -3.38 -16.27
CA VAL A 187 -32.84 -2.60 -16.63
C VAL A 187 -31.76 -3.55 -17.15
N LYS A 188 -31.47 -4.64 -16.42
CA LYS A 188 -30.51 -5.68 -16.85
C LYS A 188 -30.84 -6.21 -18.26
N ASP A 189 -32.11 -6.59 -18.50
CA ASP A 189 -32.53 -7.16 -19.81
C ASP A 189 -32.24 -6.17 -20.92
N SER A 190 -32.42 -4.87 -20.68
CA SER A 190 -32.16 -3.80 -21.67
C SER A 190 -30.69 -3.79 -22.05
N PHE A 191 -29.80 -3.72 -21.04
CA PHE A 191 -28.34 -3.73 -21.28
C PHE A 191 -27.93 -5.04 -21.97
N GLU A 192 -28.47 -6.19 -21.54
CA GLU A 192 -28.07 -7.48 -22.13
C GLU A 192 -28.56 -7.54 -23.58
N ARG A 193 -29.85 -7.31 -23.79
CA ARG A 193 -30.53 -7.59 -25.08
C ARG A 193 -30.20 -6.49 -26.10
N HIS A 194 -30.21 -5.23 -25.72
CA HIS A 194 -30.00 -4.11 -26.68
C HIS A 194 -28.55 -3.66 -26.77
N LEU A 195 -27.76 -3.78 -25.69
CA LEU A 195 -26.36 -3.25 -25.73
C LEU A 195 -25.33 -4.39 -25.76
N GLY A 196 -25.75 -5.64 -25.55
CA GLY A 196 -24.85 -6.80 -25.62
C GLY A 196 -24.00 -6.95 -24.35
N PHE A 197 -24.35 -6.27 -23.24
CA PHE A 197 -23.62 -6.43 -21.96
C PHE A 197 -23.80 -7.86 -21.48
N ARG A 198 -22.84 -8.36 -20.71
CA ARG A 198 -23.05 -9.57 -19.91
C ARG A 198 -23.21 -9.13 -18.46
N THR A 199 -23.94 -9.91 -17.67
CA THR A 199 -24.08 -9.74 -16.23
C THR A 199 -23.01 -10.65 -15.61
N THR A 200 -21.99 -10.06 -15.00
CA THR A 200 -20.89 -10.84 -14.38
C THR A 200 -21.39 -11.45 -13.06
N GLU A 201 -22.10 -10.65 -12.28
CA GLU A 201 -22.55 -11.01 -10.93
C GLU A 201 -23.90 -10.38 -10.65
N ARG A 202 -24.66 -10.99 -9.77
CA ARG A 202 -25.98 -10.47 -9.36
C ARG A 202 -26.28 -10.97 -7.96
N VAL A 203 -27.15 -10.24 -7.27
CA VAL A 203 -27.68 -10.62 -5.95
C VAL A 203 -29.18 -10.91 -6.14
N VAL A 204 -29.65 -12.05 -5.67
CA VAL A 204 -31.08 -12.46 -5.77
C VAL A 204 -31.63 -12.68 -4.36
N ASP A 205 -32.92 -12.42 -4.21
CA ASP A 205 -33.69 -12.85 -3.01
C ASP A 205 -34.92 -13.58 -3.56
N GLY A 206 -34.97 -14.88 -3.32
CA GLY A 206 -35.90 -15.76 -4.05
C GLY A 206 -35.79 -15.53 -5.54
N ASN A 207 -36.87 -15.04 -6.15
CA ASN A 207 -37.07 -14.90 -7.60
C ASN A 207 -36.80 -13.46 -8.04
N VAL A 208 -36.42 -12.59 -7.10
CA VAL A 208 -36.26 -11.12 -7.33
C VAL A 208 -34.75 -10.81 -7.39
N GLU A 209 -34.30 -10.17 -8.48
CA GLU A 209 -32.93 -9.67 -8.65
C GLU A 209 -32.88 -8.35 -7.90
N ILE A 210 -32.07 -8.23 -6.86
CA ILE A 210 -31.93 -6.93 -6.15
C ILE A 210 -30.64 -6.23 -6.58
N GLY A 211 -29.71 -6.90 -7.28
CA GLY A 211 -28.61 -6.19 -7.95
C GLY A 211 -28.09 -6.94 -9.15
N ALA A 212 -27.59 -6.21 -10.16
CA ALA A 212 -26.92 -6.80 -11.33
C ALA A 212 -25.75 -5.92 -11.72
N TRP A 213 -24.62 -6.54 -11.95
CA TRP A 213 -23.33 -5.90 -12.31
C TRP A 213 -23.02 -6.33 -13.74
N MET A 214 -22.88 -5.37 -14.63
CA MET A 214 -22.90 -5.61 -16.08
C MET A 214 -21.67 -4.98 -16.72
N SER A 215 -21.19 -5.65 -17.75
CA SER A 215 -19.95 -5.20 -18.43
C SER A 215 -20.01 -5.60 -19.90
N SER A 216 -19.31 -4.81 -20.73
CA SER A 216 -19.04 -5.17 -22.15
C SER A 216 -17.56 -5.49 -22.34
N ASN A 217 -16.76 -5.53 -21.27
CA ASN A 217 -15.29 -5.68 -21.36
C ASN A 217 -14.77 -6.45 -20.15
N LEU A 218 -13.46 -6.44 -19.94
CA LEU A 218 -12.83 -7.22 -18.84
C LEU A 218 -13.26 -6.67 -17.49
N LEU A 219 -13.75 -5.45 -17.39
CA LEU A 219 -14.11 -4.90 -16.06
C LEU A 219 -15.26 -5.70 -15.44
N GLY A 220 -15.28 -5.79 -14.10
CA GLY A 220 -16.46 -6.45 -13.48
C GLY A 220 -17.77 -5.85 -13.96
N HIS A 221 -17.72 -4.54 -14.04
CA HIS A 221 -18.88 -3.71 -14.42
C HIS A 221 -18.42 -2.32 -14.76
N GLU A 222 -19.12 -1.76 -15.71
CA GLU A 222 -19.16 -0.31 -15.82
C GLU A 222 -20.55 0.18 -15.49
N VAL A 223 -21.54 -0.72 -15.53
CA VAL A 223 -22.92 -0.36 -15.15
C VAL A 223 -23.46 -1.39 -14.20
N ALA A 224 -23.95 -0.92 -13.07
CA ALA A 224 -24.69 -1.79 -12.13
C ALA A 224 -26.08 -1.22 -11.95
N CYS A 225 -26.96 -2.07 -11.47
CA CYS A 225 -28.35 -1.67 -11.18
C CYS A 225 -28.76 -2.34 -9.88
N MET A 226 -29.25 -1.57 -8.92
CA MET A 226 -29.66 -2.12 -7.62
C MET A 226 -31.10 -1.69 -7.33
N ARG A 227 -31.83 -2.58 -6.66
CA ARG A 227 -33.28 -2.38 -6.40
C ARG A 227 -33.42 -1.20 -5.44
N ASP A 228 -34.28 -0.23 -5.79
CA ASP A 228 -34.68 0.88 -4.92
C ASP A 228 -35.72 0.33 -3.94
N MET A 229 -35.36 0.13 -2.68
CA MET A 229 -36.21 -0.53 -1.66
C MET A 229 -37.22 0.49 -1.10
N THR A 230 -37.22 1.74 -1.58
CA THR A 230 -38.27 2.73 -1.25
C THR A 230 -39.37 2.74 -2.31
N GLY A 231 -39.27 1.92 -3.35
CA GLY A 231 -40.19 1.90 -4.50
C GLY A 231 -39.98 3.02 -5.49
N GLY A 232 -38.99 3.92 -5.27
CA GLY A 232 -38.65 5.01 -6.21
C GLY A 232 -38.17 4.51 -7.57
N HIS A 233 -38.03 5.42 -8.55
CA HIS A 233 -37.76 5.11 -9.97
C HIS A 233 -36.63 5.97 -10.51
N GLY A 234 -35.77 5.38 -11.34
CA GLY A 234 -34.85 6.15 -12.19
C GLY A 234 -33.81 6.94 -11.43
N LYS A 235 -33.39 6.50 -10.25
CA LYS A 235 -32.44 7.28 -9.44
C LYS A 235 -31.00 6.84 -9.76
N LEU A 236 -30.09 7.70 -9.32
CA LEU A 236 -28.64 7.42 -9.30
C LEU A 236 -28.30 6.87 -7.93
N HIS A 237 -27.71 5.68 -7.85
CA HIS A 237 -27.12 5.19 -6.59
C HIS A 237 -25.77 5.88 -6.42
N HIS A 238 -24.88 5.71 -7.37
CA HIS A 238 -23.57 6.40 -7.31
C HIS A 238 -22.91 6.45 -8.66
N LEU A 239 -22.02 7.42 -8.77
CA LEU A 239 -21.01 7.53 -9.81
C LEU A 239 -19.65 7.26 -9.18
N ALA A 240 -18.84 6.48 -9.86
CA ALA A 240 -17.53 6.06 -9.32
C ALA A 240 -16.40 6.58 -10.18
N PHE A 241 -15.31 6.96 -9.52
CA PHE A 241 -14.04 7.40 -10.14
C PHE A 241 -12.94 6.45 -9.66
N PHE A 242 -11.86 6.36 -10.44
CA PHE A 242 -10.81 5.35 -10.31
C PHE A 242 -9.49 5.92 -9.84
N TYR A 243 -8.91 5.29 -8.81
CA TYR A 243 -7.51 5.52 -8.39
C TYR A 243 -6.59 4.38 -8.86
N GLY A 244 -7.02 3.12 -8.75
CA GLY A 244 -6.21 1.91 -9.08
C GLY A 244 -5.32 1.47 -7.92
N THR A 245 -5.29 2.22 -6.79
CA THR A 245 -4.39 1.97 -5.64
C THR A 245 -5.21 2.06 -4.37
N GLY A 246 -5.23 1.00 -3.52
CA GLY A 246 -6.06 0.99 -2.30
C GLY A 246 -5.66 2.13 -1.36
N GLN A 247 -4.38 2.46 -1.32
CA GLN A 247 -3.89 3.53 -0.43
C GLN A 247 -4.60 4.84 -0.73
N HIS A 248 -4.98 5.10 -1.97
CA HIS A 248 -5.59 6.38 -2.35
C HIS A 248 -6.99 6.48 -1.75
N ASN A 249 -7.67 5.36 -1.50
CA ASN A 249 -8.95 5.39 -0.76
C ASN A 249 -8.69 5.76 0.69
N ILE A 250 -7.61 5.23 1.27
CA ILE A 250 -7.22 5.59 2.64
C ILE A 250 -6.88 7.07 2.69
N ASP A 251 -6.04 7.54 1.78
CA ASP A 251 -5.71 8.98 1.73
C ASP A 251 -6.99 9.81 1.50
N ALA A 252 -7.84 9.40 0.59
CA ALA A 252 -9.08 10.15 0.30
C ALA A 252 -9.94 10.21 1.57
N VAL A 253 -10.12 9.10 2.27
CA VAL A 253 -11.09 9.12 3.40
C VAL A 253 -10.54 10.02 4.52
N GLU A 254 -9.20 10.04 4.71
CA GLU A 254 -8.61 10.91 5.74
C GLU A 254 -8.84 12.39 5.37
N MET A 255 -8.66 12.71 4.10
CA MET A 255 -8.93 14.05 3.54
C MET A 255 -10.41 14.40 3.76
N PHE A 256 -11.32 13.55 3.37
CA PHE A 256 -12.78 13.81 3.53
C PHE A 256 -13.12 14.00 5.01
N ARG A 257 -12.56 13.13 5.89
CA ARG A 257 -12.86 13.19 7.33
C ARG A 257 -12.43 14.57 7.86
N ASP A 258 -11.23 15.02 7.56
CA ASP A 258 -10.70 16.27 8.16
C ASP A 258 -11.20 17.52 7.42
N TYR A 259 -11.80 17.42 6.26
CA TYR A 259 -12.31 18.60 5.51
C TYR A 259 -13.83 18.49 5.36
N ASP A 260 -14.47 17.74 6.22
CA ASP A 260 -15.93 17.84 6.51
C ASP A 260 -16.77 17.34 5.36
N ILE A 261 -16.39 16.26 4.72
CA ILE A 261 -17.26 15.57 3.73
C ILE A 261 -17.83 14.35 4.45
N GLN A 262 -19.11 14.09 4.25
CA GLN A 262 -19.79 12.95 4.88
C GLN A 262 -19.35 11.63 4.23
N ILE A 263 -18.92 10.69 5.05
CA ILE A 263 -18.44 9.36 4.62
C ILE A 263 -19.49 8.32 4.92
N GLU A 264 -19.87 7.53 3.94
CA GLU A 264 -20.91 6.50 4.13
C GLU A 264 -20.29 5.19 4.57
N ALA A 265 -19.31 4.67 3.84
CA ALA A 265 -18.72 3.36 4.16
C ALA A 265 -17.39 3.26 3.43
N GLY A 266 -16.56 2.37 3.97
CA GLY A 266 -15.21 2.09 3.44
C GLY A 266 -14.22 3.03 4.11
N PRO A 267 -12.94 2.94 3.75
CA PRO A 267 -12.47 1.99 2.75
C PRO A 267 -12.49 0.51 3.13
N ASP A 268 -12.87 -0.33 2.18
CA ASP A 268 -12.85 -1.80 2.32
C ASP A 268 -12.94 -2.33 0.89
N LYS A 269 -13.27 -3.59 0.76
CA LYS A 269 -13.29 -4.33 -0.52
C LYS A 269 -14.61 -5.07 -0.63
N HIS A 270 -15.35 -4.81 -1.70
CA HIS A 270 -16.60 -5.53 -1.99
C HIS A 270 -16.24 -6.95 -2.40
N GLY A 271 -16.86 -7.97 -1.82
CA GLY A 271 -16.77 -9.33 -2.39
C GLY A 271 -17.27 -9.35 -3.80
N ILE A 272 -18.42 -8.75 -4.02
CA ILE A 272 -19.04 -8.57 -5.37
C ILE A 272 -18.14 -7.61 -6.16
N THR A 273 -17.58 -8.05 -7.29
CA THR A 273 -16.60 -7.33 -8.17
C THR A 273 -15.18 -7.32 -7.60
N GLN A 274 -14.99 -7.64 -6.32
CA GLN A 274 -13.68 -7.57 -5.71
C GLN A 274 -13.08 -6.17 -5.91
N SER A 275 -13.86 -5.15 -5.71
CA SER A 275 -13.40 -3.75 -5.87
CA SER A 275 -13.35 -3.77 -5.88
C SER A 275 -13.16 -3.12 -4.51
N GLN A 276 -12.04 -2.45 -4.36
CA GLN A 276 -11.76 -1.55 -3.20
C GLN A 276 -12.58 -0.28 -3.36
N PHE A 277 -13.40 0.03 -2.37
CA PHE A 277 -14.43 1.08 -2.42
C PHE A 277 -14.30 2.03 -1.22
N LEU A 278 -14.76 3.23 -1.47
CA LEU A 278 -14.99 4.31 -0.49
C LEU A 278 -16.17 5.12 -1.02
N TYR A 279 -17.21 5.23 -0.20
CA TYR A 279 -18.44 5.96 -0.58
C TYR A 279 -18.53 7.19 0.30
N VAL A 280 -18.72 8.33 -0.36
CA VAL A 280 -18.90 9.64 0.31
C VAL A 280 -20.09 10.33 -0.39
N PHE A 281 -20.57 11.38 0.22
CA PHE A 281 -21.59 12.27 -0.36
C PHE A 281 -20.92 13.58 -0.70
N GLU A 282 -20.96 13.95 -1.96
CA GLU A 282 -20.50 15.30 -2.36
C GLU A 282 -21.55 16.32 -1.86
N PRO A 283 -21.17 17.59 -1.70
CA PRO A 283 -22.02 18.59 -1.06
C PRO A 283 -23.43 18.75 -1.67
N GLY A 284 -23.60 18.47 -2.96
CA GLY A 284 -24.93 18.55 -3.61
C GLY A 284 -25.83 17.39 -3.26
N GLY A 285 -25.31 16.34 -2.61
CA GLY A 285 -26.12 15.20 -2.14
C GLY A 285 -25.91 13.93 -2.96
N ASN A 286 -25.15 13.98 -4.06
CA ASN A 286 -24.92 12.75 -4.87
C ASN A 286 -23.89 11.87 -4.15
N ARG A 287 -24.10 10.54 -4.21
CA ARG A 287 -23.14 9.56 -3.68
C ARG A 287 -22.05 9.35 -4.71
N ILE A 288 -20.81 9.50 -4.25
CA ILE A 288 -19.61 9.30 -5.11
C ILE A 288 -18.81 8.13 -4.53
N GLU A 289 -18.36 7.21 -5.39
CA GLU A 289 -17.50 6.10 -4.97
C GLU A 289 -16.12 6.36 -5.53
N LEU A 290 -15.10 6.08 -4.73
CA LEU A 290 -13.69 6.09 -5.14
C LEU A 290 -13.25 4.60 -5.13
N PHE A 291 -12.68 4.15 -6.23
CA PHE A 291 -12.27 2.77 -6.49
C PHE A 291 -10.75 2.70 -6.37
N GLY A 292 -10.26 1.76 -5.57
CA GLY A 292 -8.83 1.51 -5.45
C GLY A 292 -8.41 0.54 -6.56
N GLU A 293 -7.84 -0.58 -6.19
CA GLU A 293 -7.31 -1.58 -7.16
C GLU A 293 -8.43 -2.05 -8.04
N ALA A 294 -8.12 -2.21 -9.32
CA ALA A 294 -9.08 -2.69 -10.33
C ALA A 294 -9.83 -3.92 -9.75
N GLY A 295 -9.10 -4.82 -9.10
CA GLY A 295 -9.63 -6.09 -8.60
C GLY A 295 -9.63 -7.18 -9.68
N TYR A 296 -10.84 -7.76 -9.92
CA TYR A 296 -10.98 -9.05 -10.65
C TYR A 296 -11.30 -8.75 -12.11
N LEU A 297 -10.35 -9.06 -12.99
CA LEU A 297 -10.59 -8.89 -14.44
C LEU A 297 -11.18 -10.16 -15.01
N HIS A 298 -12.21 -9.99 -15.82
CA HIS A 298 -13.02 -11.09 -16.40
C HIS A 298 -12.39 -11.58 -17.70
N LEU A 299 -11.25 -12.24 -17.59
CA LEU A 299 -10.47 -12.70 -18.76
C LEU A 299 -11.22 -13.89 -19.41
N ASP A 300 -11.78 -14.77 -18.61
CA ASP A 300 -12.59 -15.93 -19.10
C ASP A 300 -13.79 -15.39 -19.89
N PRO A 301 -13.84 -15.57 -21.24
CA PRO A 301 -14.87 -14.98 -22.08
C PRO A 301 -16.29 -15.57 -21.93
N ASP A 302 -16.45 -16.70 -21.28
CA ASP A 302 -17.78 -17.33 -21.12
C ASP A 302 -17.91 -17.84 -19.68
N ALA A 303 -17.46 -17.06 -18.69
CA ALA A 303 -17.76 -17.36 -17.27
C ALA A 303 -19.27 -17.28 -17.06
N GLU A 304 -19.85 -18.17 -16.29
CA GLU A 304 -21.29 -18.05 -15.91
C GLU A 304 -21.41 -16.86 -14.97
N THR A 305 -22.53 -16.18 -15.01
CA THR A 305 -22.96 -15.19 -14.01
C THR A 305 -22.79 -15.82 -12.62
N LYS A 306 -22.20 -15.07 -11.69
CA LYS A 306 -22.10 -15.51 -10.29
C LYS A 306 -23.31 -14.93 -9.58
N THR A 307 -24.15 -15.80 -9.00
CA THR A 307 -25.38 -15.38 -8.27
C THR A 307 -25.15 -15.46 -6.77
N TRP A 308 -25.18 -14.32 -6.12
CA TRP A 308 -25.09 -14.17 -4.66
C TRP A 308 -26.51 -14.29 -4.09
N GLN A 309 -26.69 -15.25 -3.20
CA GLN A 309 -27.97 -15.49 -2.46
C GLN A 309 -27.87 -14.66 -1.19
N MET A 310 -28.80 -14.88 -0.28
CA MET A 310 -28.83 -14.20 1.04
C MET A 310 -27.91 -14.95 2.04
N SER A 311 -27.61 -16.23 1.79
CA SER A 311 -26.64 -17.09 2.53
C SER A 311 -25.19 -16.74 2.13
N ASP A 312 -25.02 -16.27 0.89
CA ASP A 312 -23.74 -15.78 0.30
C ASP A 312 -23.42 -14.36 0.79
N ILE A 313 -24.38 -13.64 1.37
CA ILE A 313 -24.45 -12.16 1.16
C ILE A 313 -23.35 -11.38 1.86
N ASP A 314 -22.93 -11.81 3.05
CA ASP A 314 -22.10 -10.95 3.96
C ASP A 314 -20.82 -10.48 3.24
N THR A 315 -20.02 -11.43 2.76
CA THR A 315 -18.79 -11.19 1.96
C THR A 315 -19.10 -10.31 0.72
N GLY A 316 -20.30 -10.40 0.11
CA GLY A 316 -20.61 -9.65 -1.12
C GLY A 316 -20.45 -8.15 -0.91
N LEU A 317 -20.99 -7.74 0.22
CA LEU A 317 -20.97 -6.33 0.66
C LEU A 317 -19.53 -5.87 1.03
N ALA A 318 -18.86 -6.64 1.86
CA ALA A 318 -17.50 -6.27 2.35
C ALA A 318 -16.73 -7.50 2.79
N VAL A 319 -15.49 -7.62 2.32
CA VAL A 319 -14.60 -8.71 2.74
C VAL A 319 -14.15 -8.42 4.17
N GLY A 320 -13.82 -7.17 4.47
CA GLY A 320 -13.41 -6.78 5.82
C GLY A 320 -14.61 -6.51 6.70
N GLY A 321 -14.41 -5.73 7.75
CA GLY A 321 -15.42 -5.53 8.78
C GLY A 321 -16.34 -4.40 8.43
N ALA A 322 -16.27 -3.83 7.24
CA ALA A 322 -17.13 -2.66 6.91
C ALA A 322 -18.63 -3.04 7.05
N LYS A 323 -19.41 -2.09 7.56
CA LYS A 323 -20.89 -2.21 7.65
C LYS A 323 -21.48 -1.13 6.74
N LEU A 324 -22.27 -1.53 5.77
CA LEU A 324 -23.00 -0.59 4.87
C LEU A 324 -24.29 -0.15 5.56
N PRO A 325 -24.51 1.18 5.75
CA PRO A 325 -25.63 1.62 6.55
C PRO A 325 -26.94 1.34 5.80
N TRP A 326 -27.84 0.61 6.48
CA TRP A 326 -29.24 0.38 6.05
C TRP A 326 -29.87 1.72 5.68
N GLU A 327 -29.66 2.72 6.54
CA GLU A 327 -30.42 3.99 6.49
C GLU A 327 -29.96 4.87 5.35
N SER A 328 -28.92 4.53 4.59
CA SER A 328 -28.57 5.30 3.37
C SER A 328 -28.33 4.35 2.19
N TYR A 329 -27.59 3.29 2.38
CA TYR A 329 -26.96 2.57 1.23
C TYR A 329 -28.05 1.88 0.44
N PHE A 330 -29.01 1.33 1.15
CA PHE A 330 -30.06 0.46 0.57
C PHE A 330 -31.29 1.29 0.17
N THR A 331 -31.37 2.57 0.55
CA THR A 331 -32.61 3.39 0.47
C THR A 331 -32.39 4.77 -0.17
N TYR A 332 -31.21 5.36 -0.09
CA TYR A 332 -30.95 6.74 -0.57
C TYR A 332 -30.27 6.70 -1.93
N GLY A 333 -30.90 7.40 -2.88
CA GLY A 333 -30.32 7.76 -4.18
C GLY A 333 -30.84 9.10 -4.61
N THR A 334 -30.35 9.62 -5.72
CA THR A 334 -30.65 10.99 -6.18
C THR A 334 -31.38 10.93 -7.52
N PRO A 335 -32.43 11.77 -7.73
CA PRO A 335 -32.95 12.69 -6.70
C PRO A 335 -33.72 11.98 -5.59
N SER A 336 -33.67 12.54 -4.39
CA SER A 336 -34.35 12.00 -3.19
C SER A 336 -35.49 12.95 -2.82
N PRO A 337 -36.71 12.46 -2.53
CA PRO A 337 -37.79 13.36 -2.10
C PRO A 337 -37.42 13.99 -0.76
N LEU A 338 -36.45 13.44 -0.02
CA LEU A 338 -35.93 13.98 1.27
C LEU A 338 -34.48 14.41 1.11
N SER A 339 -34.07 15.44 1.87
CA SER A 339 -32.65 15.80 2.11
C SER A 339 -31.93 14.56 2.66
N LEU A 340 -30.61 14.51 2.56
CA LEU A 340 -29.84 13.33 3.05
C LEU A 340 -30.06 13.20 4.56
N ASP A 341 -29.99 14.31 5.30
CA ASP A 341 -30.18 14.32 6.78
C ASP A 341 -31.59 13.83 7.11
N GLN A 342 -32.61 14.36 6.42
CA GLN A 342 -34.03 13.93 6.60
C GLN A 342 -34.19 12.46 6.22
N HIS A 343 -33.51 12.00 5.15
CA HIS A 343 -33.56 10.57 4.72
C HIS A 343 -33.07 9.68 5.86
N ILE A 344 -31.89 9.96 6.38
CA ILE A 344 -31.21 9.12 7.41
C ILE A 344 -32.08 9.13 8.68
N GLU A 345 -32.62 10.29 9.05
CA GLU A 345 -33.62 10.47 10.15
C GLU A 345 -34.77 9.48 9.94
N LYS A 346 -35.41 9.52 8.79
CA LYS A 346 -36.64 8.72 8.52
C LYS A 346 -36.31 7.22 8.53
N TYR A 347 -35.21 6.78 7.91
CA TYR A 347 -34.96 5.33 7.68
C TYR A 347 -34.22 4.73 8.88
N ALA A 348 -33.67 5.58 9.76
CA ALA A 348 -33.17 5.20 11.09
C ALA A 348 -34.27 5.38 12.16
N HIS A 349 -35.46 5.88 11.79
CA HIS A 349 -36.63 6.12 12.70
C HIS A 349 -36.29 7.20 13.72
N PRO A 355 -42.60 4.47 14.38
CA PRO A 355 -41.80 4.46 13.13
C PRO A 355 -42.57 5.08 11.94
N ASP A 356 -41.95 5.15 10.76
CA ASP A 356 -42.61 5.54 9.47
C ASP A 356 -43.13 4.28 8.78
N PRO A 357 -44.42 4.20 8.39
CA PRO A 357 -44.95 3.04 7.67
C PRO A 357 -44.18 2.72 6.37
N ASP A 358 -43.62 3.74 5.73
CA ASP A 358 -42.76 3.67 4.52
C ASP A 358 -41.43 2.97 4.82
N ALA A 359 -40.72 3.37 5.89
CA ALA A 359 -39.48 2.74 6.39
C ALA A 359 -39.73 1.25 6.71
N LEU A 360 -40.88 0.91 7.33
CA LEU A 360 -41.26 -0.49 7.71
C LEU A 360 -41.59 -1.31 6.45
N ALA A 361 -42.29 -0.73 5.48
CA ALA A 361 -42.58 -1.33 4.14
C ALA A 361 -41.26 -1.75 3.47
N ALA A 362 -40.27 -0.84 3.46
CA ALA A 362 -38.90 -1.08 2.93
C ALA A 362 -38.25 -2.26 3.68
N GLU A 363 -38.30 -2.24 5.02
CA GLU A 363 -37.72 -3.30 5.89
C GLU A 363 -38.37 -4.67 5.55
N LEU A 364 -39.70 -4.72 5.38
CA LEU A 364 -40.45 -6.00 5.14
C LEU A 364 -40.15 -6.54 3.73
N SER A 365 -39.94 -5.68 2.73
CA SER A 365 -39.64 -6.10 1.33
C SER A 365 -38.21 -6.71 1.24
N VAL A 366 -37.25 -6.20 2.03
CA VAL A 366 -35.83 -6.67 2.08
C VAL A 366 -35.73 -7.96 2.89
N PRO A 367 -35.06 -9.02 2.38
CA PRO A 367 -34.81 -10.23 3.17
C PRO A 367 -33.82 -9.97 4.34
N ASP A 368 -34.05 -10.63 5.48
CA ASP A 368 -33.41 -10.33 6.80
C ASP A 368 -31.92 -10.66 6.76
N GLU A 369 -31.49 -11.61 5.93
CA GLU A 369 -30.06 -12.00 5.81
C GLU A 369 -29.27 -10.80 5.25
N LEU A 370 -29.91 -10.01 4.38
CA LEU A 370 -29.38 -8.75 3.79
C LEU A 370 -29.53 -7.64 4.84
N GLU A 371 -30.75 -7.48 5.41
CA GLU A 371 -31.11 -6.40 6.38
C GLU A 371 -30.28 -6.51 7.67
N HIS A 372 -30.12 -7.73 8.21
CA HIS A 372 -29.41 -8.01 9.49
C HIS A 372 -28.08 -8.72 9.23
N SER A 373 -27.53 -8.61 8.01
CA SER A 373 -26.15 -9.05 7.69
C SER A 373 -25.17 -8.38 8.68
N ARG A 374 -24.07 -9.06 9.04
CA ARG A 374 -22.95 -8.45 9.80
C ARG A 374 -22.27 -7.33 8.96
N ALA A 375 -22.57 -7.21 7.66
CA ALA A 375 -22.02 -6.14 6.76
C ALA A 375 -23.02 -4.96 6.61
N VAL A 376 -24.09 -4.95 7.41
CA VAL A 376 -25.11 -3.86 7.48
C VAL A 376 -25.16 -3.32 8.91
N ALA A 377 -25.21 -1.99 9.06
CA ALA A 377 -25.43 -1.25 10.32
C ALA A 377 -26.78 -0.52 10.22
N ASP A 378 -27.60 -0.55 11.27
CA ASP A 378 -28.92 0.14 11.29
C ASP A 378 -28.85 1.40 12.16
N ASP B 24 13.06 10.26 38.60
CA ASP B 24 12.65 10.30 37.15
C ASP B 24 12.56 8.85 36.63
N ALA B 25 11.36 8.27 36.77
CA ALA B 25 11.03 6.90 36.35
C ALA B 25 10.70 6.83 34.85
N ARG B 26 10.75 7.94 34.10
CA ARG B 26 10.18 8.05 32.72
C ARG B 26 10.73 6.96 31.81
N PHE B 27 12.02 6.63 31.97
CA PHE B 27 12.84 5.82 31.05
C PHE B 27 13.11 4.41 31.64
N ASP B 28 12.51 4.08 32.78
CA ASP B 28 12.79 2.81 33.51
C ASP B 28 12.19 1.61 32.78
N ILE B 29 11.06 1.75 32.07
CA ILE B 29 10.47 0.64 31.28
C ILE B 29 10.87 0.82 29.81
N ALA B 30 11.41 -0.22 29.20
CA ALA B 30 11.88 -0.20 27.81
C ALA B 30 10.71 -0.53 26.89
N HIS B 31 10.08 -1.67 27.05
CA HIS B 31 9.02 -2.13 26.13
C HIS B 31 8.26 -3.30 26.70
N LEU B 32 7.19 -3.68 25.96
CA LEU B 32 6.38 -4.86 26.26
C LEU B 32 7.10 -6.09 25.68
N ALA B 33 7.59 -6.99 26.55
CA ALA B 33 8.38 -8.15 26.09
C ALA B 33 7.48 -9.25 25.57
N ARG B 34 6.40 -9.55 26.29
CA ARG B 34 5.70 -10.80 26.06
C ARG B 34 4.33 -10.73 26.73
N ALA B 35 3.49 -11.68 26.36
CA ALA B 35 2.21 -11.92 27.03
C ALA B 35 1.85 -13.38 26.91
N GLU B 36 1.00 -13.83 27.82
CA GLU B 36 0.46 -15.20 27.87
C GLU B 36 -1.03 -15.10 27.65
N LEU B 37 -1.55 -15.87 26.71
CA LEU B 37 -3.01 -16.05 26.54
C LEU B 37 -3.43 -17.43 27.06
N PHE B 38 -4.53 -17.44 27.80
CA PHE B 38 -5.28 -18.63 28.18
C PHE B 38 -6.27 -18.94 27.06
N SER B 39 -6.35 -20.23 26.73
CA SER B 39 -7.24 -20.72 25.68
C SER B 39 -7.87 -22.04 26.11
N PRO B 40 -9.21 -22.16 26.01
CA PRO B 40 -9.90 -23.46 26.17
C PRO B 40 -9.84 -24.28 24.89
N LYS B 41 -9.24 -23.73 23.82
CA LYS B 41 -9.06 -24.48 22.55
C LYS B 41 -7.61 -24.32 22.14
N PRO B 42 -6.68 -24.85 22.95
CA PRO B 42 -5.26 -24.52 22.80
C PRO B 42 -4.70 -24.88 21.42
N GLN B 43 -5.12 -25.98 20.82
CA GLN B 43 -4.59 -26.38 19.50
C GLN B 43 -5.08 -25.37 18.45
N GLU B 44 -6.35 -24.99 18.52
CA GLU B 44 -6.92 -24.07 17.53
C GLU B 44 -6.27 -22.69 17.70
N THR B 45 -6.03 -22.25 18.92
CA THR B 45 -5.33 -20.98 19.18
C THR B 45 -3.94 -21.07 18.55
N LEU B 46 -3.23 -22.16 18.82
CA LEU B 46 -1.88 -22.36 18.28
C LEU B 46 -1.92 -22.31 16.76
N ASP B 47 -2.87 -23.00 16.14
CA ASP B 47 -2.98 -23.03 14.66
C ASP B 47 -3.23 -21.61 14.11
N PHE B 48 -4.01 -20.80 14.82
CA PHE B 48 -4.27 -19.39 14.42
C PHE B 48 -2.94 -18.64 14.32
N PHE B 49 -2.11 -18.73 15.34
CA PHE B 49 -0.86 -17.95 15.47
C PHE B 49 0.22 -18.47 14.53
N THR B 50 0.21 -19.75 14.16
CA THR B 50 1.24 -20.35 13.28
C THR B 50 0.76 -20.33 11.85
N LYS B 51 -0.44 -20.80 11.56
CA LYS B 51 -0.91 -20.97 10.17
C LYS B 51 -1.36 -19.63 9.57
N PHE B 52 -1.97 -18.75 10.36
CA PHE B 52 -2.44 -17.44 9.87
C PHE B 52 -1.38 -16.37 10.13
N LEU B 53 -0.85 -16.30 11.35
CA LEU B 53 0.03 -15.17 11.71
C LEU B 53 1.52 -15.55 11.63
N GLY B 54 1.83 -16.76 11.17
CA GLY B 54 3.20 -17.18 10.80
C GLY B 54 4.19 -17.06 11.93
N MET B 55 3.74 -17.24 13.18
CA MET B 55 4.68 -17.10 14.33
C MET B 55 5.50 -18.40 14.45
N TYR B 56 6.75 -18.24 14.85
CA TYR B 56 7.66 -19.37 15.10
C TYR B 56 7.40 -19.94 16.50
N VAL B 57 7.33 -21.26 16.60
CA VAL B 57 7.28 -22.00 17.90
C VAL B 57 8.70 -22.27 18.37
N THR B 58 9.04 -21.81 19.56
CA THR B 58 10.41 -21.92 20.09
C THR B 58 10.48 -22.89 21.27
N HIS B 59 9.36 -23.23 21.90
CA HIS B 59 9.39 -24.07 23.13
C HIS B 59 8.00 -24.62 23.41
N ARG B 60 7.92 -25.81 24.01
CA ARG B 60 6.68 -26.41 24.51
C ARG B 60 7.02 -27.02 25.87
N GLU B 61 6.15 -26.91 26.85
CA GLU B 61 6.40 -27.48 28.18
C GLU B 61 5.05 -27.47 28.88
N GLY B 62 4.73 -28.56 29.59
CA GLY B 62 3.48 -28.60 30.35
C GLY B 62 2.33 -28.42 29.38
N GLN B 63 1.41 -27.53 29.68
CA GLN B 63 0.23 -27.29 28.81
C GLN B 63 0.42 -25.96 28.06
N SER B 64 1.68 -25.55 27.82
CA SER B 64 1.97 -24.24 27.21
C SER B 64 2.88 -24.40 25.98
N VAL B 65 2.68 -23.50 24.99
CA VAL B 65 3.50 -23.41 23.78
C VAL B 65 3.96 -21.96 23.69
N TYR B 66 5.21 -21.77 23.29
CA TYR B 66 5.89 -20.47 23.31
C TYR B 66 6.27 -20.09 21.89
N LEU B 67 5.92 -18.86 21.49
CA LEU B 67 6.04 -18.37 20.09
C LEU B 67 6.68 -17.00 20.08
N ARG B 68 7.33 -16.68 18.97
CA ARG B 68 7.80 -15.32 18.66
C ARG B 68 7.46 -14.97 17.22
N GLY B 69 7.27 -13.69 16.97
CA GLY B 69 7.32 -13.13 15.62
C GLY B 69 8.76 -13.07 15.17
N TYR B 70 8.97 -12.95 13.88
CA TYR B 70 10.33 -13.04 13.32
C TYR B 70 11.21 -11.90 13.76
N GLU B 71 10.69 -10.79 14.26
CA GLU B 71 11.48 -9.65 14.76
C GLU B 71 11.36 -9.45 16.25
N ASP B 72 10.69 -10.36 16.97
CA ASP B 72 10.73 -10.33 18.45
C ASP B 72 12.17 -10.67 18.88
N PRO B 73 12.74 -9.92 19.82
CA PRO B 73 14.17 -10.09 20.16
C PRO B 73 14.48 -11.25 21.10
N TYR B 74 13.52 -11.75 21.83
CA TYR B 74 13.70 -12.77 22.88
C TYR B 74 13.13 -14.08 22.39
N PRO B 75 13.36 -15.21 23.07
CA PRO B 75 12.95 -16.50 22.52
C PRO B 75 11.43 -16.67 22.41
N TRP B 76 10.68 -15.89 23.18
CA TRP B 76 9.21 -15.83 22.97
C TRP B 76 8.67 -14.46 23.32
N SER B 77 7.55 -14.10 22.67
CA SER B 77 6.73 -12.92 22.96
C SER B 77 5.29 -13.37 23.30
N LEU B 78 4.94 -14.59 22.91
CA LEU B 78 3.57 -15.14 23.14
C LEU B 78 3.70 -16.53 23.75
N LYS B 79 2.91 -16.73 24.82
CA LYS B 79 2.74 -18.05 25.49
C LYS B 79 1.26 -18.38 25.40
N ILE B 80 0.94 -19.52 24.79
CA ILE B 80 -0.43 -20.06 24.76
C ILE B 80 -0.51 -21.17 25.79
N THR B 81 -1.41 -21.02 26.76
CA THR B 81 -1.61 -21.97 27.86
C THR B 81 -3.05 -22.51 27.83
N GLU B 82 -3.20 -23.83 27.79
CA GLU B 82 -4.50 -24.49 28.01
C GLU B 82 -5.11 -24.03 29.34
N ALA B 83 -6.38 -23.67 29.33
CA ALA B 83 -7.12 -23.19 30.50
C ALA B 83 -8.61 -23.41 30.26
N PRO B 84 -9.42 -23.42 31.35
CA PRO B 84 -10.86 -23.59 31.22
C PRO B 84 -11.56 -22.40 30.56
N GLU B 85 -10.91 -21.23 30.57
CA GLU B 85 -11.48 -19.96 30.07
C GLU B 85 -10.36 -19.21 29.31
N ALA B 86 -10.73 -18.26 28.47
CA ALA B 86 -9.78 -17.38 27.76
C ALA B 86 -9.29 -16.30 28.72
N GLY B 87 -8.32 -15.49 28.31
CA GLY B 87 -7.89 -14.30 29.06
C GLY B 87 -6.39 -14.17 29.02
N MET B 88 -5.87 -13.21 29.76
CA MET B 88 -4.41 -12.96 29.82
C MET B 88 -3.83 -13.66 31.06
N GLY B 89 -2.91 -14.60 30.87
CA GLY B 89 -2.14 -15.20 31.97
C GLY B 89 -1.27 -14.16 32.62
N HIS B 90 -0.55 -13.40 31.81
CA HIS B 90 0.24 -12.24 32.28
C HIS B 90 0.72 -11.42 31.10
N ALA B 91 1.29 -10.28 31.38
CA ALA B 91 2.13 -9.52 30.44
C ALA B 91 3.38 -9.12 31.19
N ALA B 92 4.50 -9.14 30.49
CA ALA B 92 5.79 -8.73 31.06
C ALA B 92 6.34 -7.58 30.25
N MET B 93 6.79 -6.55 30.99
CA MET B 93 7.55 -5.44 30.46
C MET B 93 9.04 -5.64 30.79
N ARG B 94 9.87 -5.30 29.85
CA ARG B 94 11.31 -5.31 30.07
C ARG B 94 11.75 -3.89 30.43
N THR B 95 12.60 -3.78 31.45
CA THR B 95 13.14 -2.53 31.97
C THR B 95 14.32 -2.11 31.10
N SER B 96 14.85 -0.93 31.34
CA SER B 96 15.95 -0.32 30.54
C SER B 96 17.30 -0.64 31.19
N SER B 97 17.27 -1.20 32.39
CA SER B 97 18.48 -1.64 33.12
C SER B 97 18.07 -2.54 34.28
N PRO B 98 19.02 -3.30 34.86
CA PRO B 98 18.75 -4.02 36.11
C PRO B 98 18.39 -3.07 37.25
N GLU B 99 19.02 -1.89 37.30
CA GLU B 99 18.76 -0.91 38.38
C GLU B 99 17.31 -0.41 38.25
N ALA B 100 16.85 -0.16 37.02
CA ALA B 100 15.46 0.27 36.79
C ALA B 100 14.51 -0.79 37.35
N LEU B 101 14.79 -2.08 37.13
CA LEU B 101 13.92 -3.14 37.66
C LEU B 101 13.84 -3.01 39.20
N GLU B 102 14.98 -2.83 39.86
CA GLU B 102 15.01 -2.69 41.34
C GLU B 102 14.18 -1.47 41.73
N ARG B 103 14.37 -0.34 41.07
CA ARG B 103 13.62 0.90 41.42
C ARG B 103 12.11 0.68 41.25
N ARG B 104 11.68 0.09 40.13
CA ARG B 104 10.22 -0.11 39.88
C ARG B 104 9.62 -1.08 40.89
N ALA B 105 10.26 -2.22 41.14
CA ALA B 105 9.78 -3.22 42.11
C ALA B 105 9.67 -2.56 43.50
N LYS B 106 10.64 -1.74 43.86
CA LYS B 106 10.66 -1.07 45.19
C LYS B 106 9.53 -0.06 45.27
N SER B 107 9.28 0.69 44.19
CA SER B 107 8.18 1.67 44.15
C SER B 107 6.88 0.91 44.42
N LEU B 108 6.66 -0.20 43.75
CA LEU B 108 5.39 -0.96 43.89
C LEU B 108 5.25 -1.50 45.32
N THR B 109 6.29 -2.16 45.83
CA THR B 109 6.36 -2.69 47.23
C THR B 109 6.06 -1.55 48.23
N ASP B 110 6.78 -0.43 48.13
CA ASP B 110 6.57 0.76 49.00
C ASP B 110 5.14 1.27 48.85
N GLY B 111 4.48 1.03 47.70
CA GLY B 111 3.08 1.45 47.48
C GLY B 111 2.10 0.40 47.95
N ASN B 112 2.58 -0.58 48.73
CA ASN B 112 1.78 -1.68 49.33
C ASN B 112 1.19 -2.58 48.25
N VAL B 113 1.86 -2.68 47.10
CA VAL B 113 1.48 -3.68 46.06
C VAL B 113 2.22 -4.96 46.40
N ASP B 114 1.49 -6.05 46.50
CA ASP B 114 2.01 -7.40 46.79
CA ASP B 114 1.99 -7.41 46.78
C ASP B 114 2.70 -7.95 45.53
N GLY B 115 4.00 -8.24 45.64
CA GLY B 115 4.77 -8.78 44.52
C GLY B 115 5.37 -10.12 44.89
N THR B 116 5.81 -10.86 43.89
CA THR B 116 6.59 -12.10 44.07
C THR B 116 7.70 -12.16 43.02
N TRP B 117 8.86 -12.66 43.42
CA TRP B 117 10.02 -12.84 42.54
C TRP B 117 10.01 -14.26 42.04
N SER B 118 10.26 -14.45 40.77
CA SER B 118 10.28 -15.78 40.12
C SER B 118 11.41 -15.80 39.12
N GLU B 119 11.75 -17.00 38.67
CA GLU B 119 12.73 -17.20 37.60
C GLU B 119 12.42 -18.57 37.02
N ASP B 120 11.26 -18.73 36.39
CA ASP B 120 10.80 -20.05 35.94
C ASP B 120 10.42 -20.06 34.46
N GLN B 121 10.76 -19.06 33.65
CA GLN B 121 10.32 -19.05 32.22
C GLN B 121 11.52 -19.24 31.32
N PHE B 122 11.39 -20.16 30.37
CA PHE B 122 12.34 -20.30 29.23
C PHE B 122 12.67 -18.93 28.65
N GLY B 123 13.96 -18.65 28.42
CA GLY B 123 14.47 -17.50 27.67
C GLY B 123 14.64 -16.25 28.49
N TYR B 124 14.29 -16.27 29.76
CA TYR B 124 14.28 -15.04 30.61
C TYR B 124 14.79 -15.38 32.01
N GLY B 125 15.17 -14.38 32.78
CA GLY B 125 15.68 -14.58 34.17
C GLY B 125 14.73 -14.01 35.20
N LYS B 126 15.28 -13.23 36.11
CA LYS B 126 14.63 -12.77 37.35
C LYS B 126 13.48 -11.84 36.99
N THR B 127 12.29 -12.17 37.49
CA THR B 127 11.00 -11.53 37.14
C THR B 127 10.26 -11.17 38.42
N PHE B 128 9.75 -9.93 38.46
CA PHE B 128 8.86 -9.45 39.52
C PHE B 128 7.41 -9.55 39.03
N GLU B 129 6.58 -10.33 39.71
CA GLU B 129 5.14 -10.50 39.38
C GLU B 129 4.28 -9.71 40.36
N TYR B 130 3.30 -8.98 39.84
CA TYR B 130 2.35 -8.24 40.69
C TYR B 130 1.01 -8.16 39.96
N GLN B 131 0.00 -7.63 40.64
CA GLN B 131 -1.33 -7.40 40.01
C GLN B 131 -1.58 -5.91 39.86
N SER B 132 -2.23 -5.54 38.76
CA SER B 132 -2.73 -4.17 38.58
C SER B 132 -3.78 -3.95 39.66
N PRO B 133 -4.22 -2.69 39.90
CA PRO B 133 -5.33 -2.43 40.83
C PRO B 133 -6.61 -3.18 40.50
N ASP B 134 -6.79 -3.69 39.26
CA ASP B 134 -8.03 -4.39 38.86
C ASP B 134 -7.79 -5.89 38.74
N GLY B 135 -6.58 -6.38 39.10
CA GLY B 135 -6.33 -7.82 39.11
C GLY B 135 -5.64 -8.37 37.87
N HIS B 136 -5.16 -7.52 36.94
CA HIS B 136 -4.38 -8.01 35.77
C HIS B 136 -3.02 -8.50 36.28
N ASN B 137 -2.56 -9.64 35.77
CA ASN B 137 -1.22 -10.18 36.13
C ASN B 137 -0.17 -9.48 35.29
N LEU B 138 0.66 -8.67 35.93
CA LEU B 138 1.72 -7.90 35.27
C LEU B 138 3.07 -8.35 35.82
N GLN B 139 4.11 -8.21 35.02
CA GLN B 139 5.45 -8.66 35.39
C GLN B 139 6.46 -7.66 34.85
N LEU B 140 7.58 -7.56 35.56
CA LEU B 140 8.72 -6.71 35.17
C LEU B 140 9.97 -7.58 35.15
N LEU B 141 10.82 -7.41 34.16
CA LEU B 141 12.09 -8.15 34.12
C LEU B 141 13.13 -7.34 33.41
N TRP B 142 14.39 -7.67 33.69
CA TRP B 142 15.57 -7.17 32.94
C TRP B 142 16.17 -8.29 32.13
N GLU B 143 16.35 -9.47 32.74
CA GLU B 143 17.10 -10.60 32.14
C GLU B 143 16.28 -11.22 31.02
N ALA B 144 16.76 -11.10 29.80
CA ALA B 144 16.09 -11.67 28.62
C ALA B 144 17.16 -12.14 27.67
N GLU B 145 17.11 -13.40 27.29
CA GLU B 145 18.04 -13.98 26.30
C GLU B 145 17.71 -13.34 24.96
N LYS B 146 18.72 -13.06 24.14
CA LYS B 146 18.51 -12.59 22.76
C LYS B 146 18.37 -13.83 21.89
N TYR B 147 17.23 -13.98 21.22
CA TYR B 147 17.00 -15.10 20.30
C TYR B 147 18.07 -15.07 19.22
N VAL B 148 18.66 -16.22 18.99
CA VAL B 148 19.59 -16.44 17.85
C VAL B 148 19.00 -17.53 16.97
N ALA B 149 18.81 -17.25 15.70
CA ALA B 149 18.18 -18.20 14.79
C ALA B 149 19.20 -19.30 14.47
N PRO B 150 18.69 -20.50 14.15
CA PRO B 150 19.52 -21.50 13.49
C PRO B 150 20.01 -20.90 12.19
N PRO B 151 21.19 -21.35 11.73
CA PRO B 151 21.81 -20.77 10.55
C PRO B 151 20.88 -20.60 9.34
N GLU B 152 20.05 -21.57 9.06
CA GLU B 152 19.19 -21.56 7.84
C GLU B 152 18.06 -20.50 8.00
N LEU B 153 17.76 -20.02 9.21
CA LEU B 153 16.73 -18.99 9.44
C LEU B 153 17.36 -17.61 9.68
N ARG B 154 18.68 -17.43 9.54
CA ARG B 154 19.28 -16.09 9.72
C ARG B 154 18.91 -15.22 8.53
N SER B 155 18.73 -13.93 8.77
CA SER B 155 18.34 -12.96 7.73
C SER B 155 19.60 -12.28 7.21
N LYS B 156 19.59 -11.87 5.95
CA LYS B 156 20.58 -10.91 5.41
C LYS B 156 20.33 -9.52 5.98
N ILE B 157 19.15 -9.26 6.54
CA ILE B 157 18.86 -7.96 7.21
C ILE B 157 19.34 -8.07 8.64
N LEU B 158 20.42 -7.38 9.03
CA LEU B 158 21.13 -7.75 10.27
C LEU B 158 20.33 -7.37 11.52
N THR B 159 19.37 -6.44 11.46
CA THR B 159 18.49 -6.08 12.62
C THR B 159 17.41 -7.15 12.75
N ARG B 160 17.25 -7.98 11.72
CA ARG B 160 16.19 -9.02 11.72
C ARG B 160 16.76 -10.34 12.22
N PRO B 161 16.35 -10.83 13.39
CA PRO B 161 16.94 -12.04 13.96
C PRO B 161 16.51 -13.35 13.28
N SER B 162 15.39 -13.40 12.54
CA SER B 162 14.99 -14.59 11.78
C SER B 162 14.28 -14.17 10.51
N LYS B 163 14.39 -14.96 9.47
CA LYS B 163 13.73 -14.68 8.20
C LYS B 163 12.20 -14.60 8.44
N LYS B 164 11.56 -13.74 7.69
CA LYS B 164 10.09 -13.71 7.56
C LYS B 164 9.64 -15.05 7.02
N PRO B 165 8.76 -15.77 7.73
CA PRO B 165 8.30 -17.08 7.26
C PRO B 165 7.45 -16.99 5.97
N LEU B 166 7.29 -18.12 5.32
CA LEU B 166 6.48 -18.27 4.10
C LEU B 166 5.07 -18.76 4.43
N GLN B 167 4.67 -18.67 5.69
CA GLN B 167 3.33 -19.17 6.13
C GLN B 167 2.44 -17.99 6.51
N GLY B 168 1.22 -17.98 5.98
CA GLY B 168 0.22 -16.97 6.39
C GLY B 168 0.63 -15.55 6.02
N ILE B 169 0.20 -14.57 6.82
CA ILE B 169 0.61 -13.15 6.76
C ILE B 169 1.34 -12.92 8.05
N PRO B 170 2.67 -13.12 8.06
CA PRO B 170 3.37 -13.23 9.31
C PRO B 170 3.56 -11.90 10.05
N VAL B 171 3.28 -11.92 11.33
CA VAL B 171 3.47 -10.74 12.21
C VAL B 171 4.97 -10.59 12.48
N LYS B 172 5.44 -9.36 12.64
CA LYS B 172 6.87 -9.12 12.96
C LYS B 172 7.10 -9.38 14.45
N ARG B 173 6.17 -8.95 15.31
CA ARG B 173 6.44 -8.87 16.76
C ARG B 173 5.16 -8.56 17.51
N ILE B 174 5.22 -8.74 18.82
CA ILE B 174 4.20 -8.22 19.75
C ILE B 174 4.16 -6.70 19.57
N ASP B 175 3.01 -6.08 19.80
CA ASP B 175 2.90 -4.61 19.71
C ASP B 175 2.49 -4.01 21.05
N HIS B 176 1.29 -4.35 21.52
CA HIS B 176 0.72 -3.67 22.68
C HIS B 176 -0.38 -4.50 23.28
N LEU B 177 -0.85 -4.00 24.42
CA LEU B 177 -1.81 -4.69 25.28
C LEU B 177 -2.94 -3.71 25.55
N ASN B 178 -4.18 -4.18 25.55
CA ASN B 178 -5.30 -3.32 25.95
C ASN B 178 -6.06 -4.06 27.05
N LEU B 179 -6.01 -3.50 28.26
CA LEU B 179 -6.63 -4.08 29.49
C LEU B 179 -8.02 -3.45 29.67
N MET B 180 -8.98 -4.26 30.06
CA MET B 180 -10.31 -3.76 30.49
C MET B 180 -10.25 -3.61 32.01
N SER B 181 -10.77 -2.52 32.54
CA SER B 181 -10.76 -2.26 33.99
C SER B 181 -12.10 -1.69 34.45
N SER B 182 -12.52 -2.03 35.67
CA SER B 182 -13.70 -1.39 36.32
C SER B 182 -13.33 0.05 36.60
N ASP B 183 -12.02 0.36 36.71
CA ASP B 183 -11.53 1.70 37.06
C ASP B 183 -10.30 2.02 36.21
N VAL B 184 -10.46 2.81 35.16
CA VAL B 184 -9.34 3.12 34.25
C VAL B 184 -8.32 3.97 35.00
N THR B 185 -8.77 4.96 35.78
CA THR B 185 -7.86 5.90 36.48
C THR B 185 -6.91 5.14 37.40
N ALA B 186 -7.41 4.17 38.16
CA ALA B 186 -6.58 3.40 39.13
C ALA B 186 -5.50 2.65 38.37
N VAL B 187 -5.82 2.05 37.23
CA VAL B 187 -4.83 1.32 36.40
C VAL B 187 -3.84 2.33 35.81
N LYS B 188 -4.31 3.41 35.20
CA LYS B 188 -3.44 4.49 34.68
C LYS B 188 -2.51 5.03 35.76
N ASP B 189 -3.02 5.34 36.96
CA ASP B 189 -2.21 5.94 38.04
C ASP B 189 -1.09 4.97 38.42
N SER B 190 -1.36 3.67 38.42
CA SER B 190 -0.34 2.63 38.72
C SER B 190 0.80 2.71 37.71
N PHE B 191 0.48 2.67 36.41
CA PHE B 191 1.49 2.78 35.34
C PHE B 191 2.22 4.12 35.43
N GLU B 192 1.52 5.22 35.66
CA GLU B 192 2.18 6.54 35.73
C GLU B 192 3.08 6.60 36.96
N ARG B 193 2.55 6.29 38.13
CA ARG B 193 3.22 6.59 39.43
C ARG B 193 4.30 5.53 39.68
N HIS B 194 4.02 4.26 39.44
CA HIS B 194 4.98 3.18 39.80
C HIS B 194 5.87 2.80 38.63
N LEU B 195 5.43 2.95 37.36
CA LEU B 195 6.27 2.50 36.21
C LEU B 195 6.83 3.69 35.43
N GLY B 196 6.33 4.90 35.66
CA GLY B 196 6.87 6.09 34.98
C GLY B 196 6.27 6.28 33.59
N PHE B 197 5.23 5.55 33.21
CA PHE B 197 4.56 5.73 31.90
C PHE B 197 3.96 7.15 31.84
N ARG B 198 3.89 7.70 30.65
CA ARG B 198 3.04 8.90 30.40
C ARG B 198 1.78 8.41 29.70
N THR B 199 0.68 9.14 29.88
CA THR B 199 -0.57 8.92 29.14
C THR B 199 -0.52 9.84 27.93
N THR B 200 -0.46 9.27 26.73
CA THR B 200 -0.35 10.11 25.50
C THR B 200 -1.74 10.65 25.14
N GLU B 201 -2.77 9.82 25.30
CA GLU B 201 -4.16 10.13 24.89
C GLU B 201 -5.11 9.45 25.84
N ARG B 202 -6.28 10.00 26.00
CA ARG B 202 -7.35 9.38 26.80
C ARG B 202 -8.69 9.82 26.25
N VAL B 203 -9.72 9.05 26.58
CA VAL B 203 -11.13 9.37 26.34
C VAL B 203 -11.78 9.60 27.71
N VAL B 204 -12.49 10.71 27.86
CA VAL B 204 -13.19 11.06 29.13
C VAL B 204 -14.68 11.25 28.82
N ASP B 205 -15.49 10.92 29.81
CA ASP B 205 -16.93 11.27 29.78
C ASP B 205 -17.21 11.96 31.11
N GLY B 206 -17.52 13.25 31.04
CA GLY B 206 -17.48 14.14 32.21
C GLY B 206 -16.15 13.97 32.92
N ASN B 207 -16.19 13.51 34.17
CA ASN B 207 -15.01 13.44 35.06
C ASN B 207 -14.53 11.99 35.16
N VAL B 208 -15.06 11.10 34.32
CA VAL B 208 -14.71 9.65 34.30
C VAL B 208 -13.79 9.38 33.09
N GLU B 209 -12.61 8.78 33.33
CA GLU B 209 -11.71 8.29 32.26
C GLU B 209 -12.27 6.96 31.76
N ILE B 210 -12.63 6.85 30.50
CA ILE B 210 -13.10 5.54 29.98
C ILE B 210 -12.05 4.89 29.07
N GLY B 211 -10.97 5.59 28.73
CA GLY B 211 -9.81 4.98 28.03
C GLY B 211 -8.55 5.75 28.33
N ALA B 212 -7.42 5.08 28.49
CA ALA B 212 -6.09 5.71 28.62
C ALA B 212 -5.09 4.88 27.80
N TRP B 213 -4.28 5.57 27.04
CA TRP B 213 -3.23 5.01 26.18
C TRP B 213 -1.90 5.49 26.75
N MET B 214 -1.04 4.56 27.15
CA MET B 214 0.15 4.87 27.96
C MET B 214 1.40 4.30 27.30
N SER B 215 2.48 5.01 27.50
CA SER B 215 3.76 4.69 26.86
C SER B 215 4.91 5.09 27.74
N SER B 216 6.04 4.39 27.59
CA SER B 216 7.34 4.78 28.20
C SER B 216 8.33 5.17 27.10
N ASN B 217 7.88 5.20 25.84
CA ASN B 217 8.81 5.42 24.71
C ASN B 217 8.08 6.21 23.60
N LEU B 218 8.64 6.25 22.39
CA LEU B 218 8.06 7.02 21.26
C LEU B 218 6.69 6.47 20.88
N LEU B 219 6.39 5.21 21.17
CA LEU B 219 5.13 4.60 20.69
C LEU B 219 3.94 5.34 21.31
N GLY B 220 2.82 5.42 20.59
CA GLY B 220 1.58 5.99 21.21
C GLY B 220 1.27 5.29 22.53
N HIS B 221 1.41 3.99 22.50
CA HIS B 221 1.12 3.12 23.65
C HIS B 221 1.72 1.74 23.45
N GLU B 222 2.09 1.17 24.56
CA GLU B 222 2.24 -0.28 24.60
C GLU B 222 1.19 -0.85 25.52
N VAL B 223 0.68 -0.03 26.43
CA VAL B 223 -0.41 -0.47 27.33
C VAL B 223 -1.54 0.56 27.28
N ALA B 224 -2.73 0.04 27.11
CA ALA B 224 -3.95 0.85 27.18
C ALA B 224 -4.87 0.21 28.18
N CYS B 225 -5.80 1.00 28.65
CA CYS B 225 -6.82 0.52 29.60
C CYS B 225 -8.15 1.15 29.22
N MET B 226 -9.17 0.35 29.07
CA MET B 226 -10.51 0.85 28.68
C MET B 226 -11.54 0.35 29.70
N ARG B 227 -12.52 1.19 29.96
CA ARG B 227 -13.51 0.94 31.04
C ARG B 227 -14.33 -0.29 30.69
N ASP B 228 -14.46 -1.23 31.62
CA ASP B 228 -15.31 -2.43 31.47
C ASP B 228 -16.74 -1.98 31.81
N MET B 229 -17.61 -1.83 30.80
CA MET B 229 -18.97 -1.25 30.95
C MET B 229 -19.92 -2.31 31.52
N THR B 230 -19.45 -3.54 31.75
CA THR B 230 -20.25 -4.64 32.29
C THR B 230 -20.03 -4.78 33.79
N GLY B 231 -19.17 -3.94 34.38
CA GLY B 231 -18.82 -4.05 35.81
C GLY B 231 -17.81 -5.15 36.10
N GLY B 232 -17.30 -5.86 35.09
CA GLY B 232 -16.30 -6.93 35.29
C GLY B 232 -14.96 -6.34 35.72
N HIS B 233 -14.01 -7.18 36.10
CA HIS B 233 -12.69 -6.77 36.66
C HIS B 233 -11.57 -7.53 35.94
N GLY B 234 -10.45 -6.87 35.67
CA GLY B 234 -9.18 -7.55 35.41
C GLY B 234 -9.19 -8.30 34.07
N LYS B 235 -9.98 -7.86 33.10
CA LYS B 235 -10.10 -8.57 31.80
C LYS B 235 -9.08 -8.05 30.79
N LEU B 236 -8.85 -8.85 29.79
CA LEU B 236 -8.08 -8.49 28.58
C LEU B 236 -9.08 -7.99 27.53
N HIS B 237 -8.89 -6.80 27.01
CA HIS B 237 -9.63 -6.33 25.82
C HIS B 237 -8.97 -6.97 24.59
N HIS B 238 -7.68 -6.73 24.38
CA HIS B 238 -6.99 -7.35 23.24
C HIS B 238 -5.47 -7.33 23.44
N LEU B 239 -4.88 -8.25 22.73
CA LEU B 239 -3.41 -8.29 22.51
C LEU B 239 -3.19 -7.97 21.04
N ALA B 240 -2.20 -7.13 20.77
CA ALA B 240 -1.93 -6.67 19.41
C ALA B 240 -0.54 -7.10 18.94
N PHE B 241 -0.46 -7.45 17.68
CA PHE B 241 0.80 -7.78 16.95
C PHE B 241 0.96 -6.78 15.82
N PHE B 242 2.22 -6.57 15.41
CA PHE B 242 2.66 -5.55 14.46
C PHE B 242 3.03 -6.10 13.09
N TYR B 243 2.50 -5.50 12.04
CA TYR B 243 2.92 -5.67 10.65
C TYR B 243 3.76 -4.48 10.17
N GLY B 244 3.39 -3.23 10.51
CA GLY B 244 4.06 -2.00 10.04
C GLY B 244 3.54 -1.55 8.67
N THR B 245 2.67 -2.31 8.02
CA THR B 245 2.19 -2.09 6.64
C THR B 245 0.67 -2.25 6.60
N GLY B 246 -0.07 -1.24 6.16
CA GLY B 246 -1.55 -1.27 6.10
C GLY B 246 -2.04 -2.41 5.23
N GLN B 247 -1.35 -2.69 4.15
CA GLN B 247 -1.75 -3.78 3.23
C GLN B 247 -1.84 -5.09 3.97
N HIS B 248 -0.99 -5.34 4.96
CA HIS B 248 -0.98 -6.65 5.66
C HIS B 248 -2.28 -6.82 6.43
N ASN B 249 -2.91 -5.74 6.88
CA ASN B 249 -4.24 -5.85 7.54
C ASN B 249 -5.29 -6.21 6.48
N ILE B 250 -5.18 -5.65 5.29
CA ILE B 250 -6.06 -6.01 4.15
C ILE B 250 -5.86 -7.48 3.81
N ASP B 251 -4.62 -7.89 3.67
CA ASP B 251 -4.32 -9.33 3.39
C ASP B 251 -4.83 -10.18 4.58
N ALA B 252 -4.61 -9.76 5.82
CA ALA B 252 -5.00 -10.60 6.97
C ALA B 252 -6.53 -10.73 6.96
N VAL B 253 -7.24 -9.63 6.74
CA VAL B 253 -8.73 -9.73 6.88
C VAL B 253 -9.29 -10.64 5.76
N GLU B 254 -8.72 -10.63 4.58
CA GLU B 254 -9.19 -11.48 3.45
C GLU B 254 -8.90 -12.96 3.78
N MET B 255 -7.76 -13.24 4.37
CA MET B 255 -7.43 -14.57 4.93
C MET B 255 -8.45 -14.99 5.99
N PHE B 256 -8.70 -14.15 6.99
CA PHE B 256 -9.63 -14.50 8.08
C PHE B 256 -11.03 -14.71 7.51
N ARG B 257 -11.45 -13.86 6.58
CA ARG B 257 -12.79 -13.99 5.98
C ARG B 257 -12.93 -15.36 5.29
N ASP B 258 -11.97 -15.76 4.48
CA ASP B 258 -12.10 -17.01 3.69
C ASP B 258 -11.75 -18.25 4.53
N TYR B 259 -11.13 -18.14 5.69
CA TYR B 259 -10.73 -19.30 6.50
C TYR B 259 -11.46 -19.25 7.85
N ASP B 260 -12.60 -18.57 7.90
CA ASP B 260 -13.65 -18.76 8.93
C ASP B 260 -13.17 -18.26 10.30
N ILE B 261 -12.47 -17.15 10.35
CA ILE B 261 -12.19 -16.45 11.62
C ILE B 261 -13.17 -15.30 11.72
N GLN B 262 -13.71 -15.07 12.89
CA GLN B 262 -14.70 -13.99 13.10
C GLN B 262 -13.94 -12.65 13.15
N ILE B 263 -14.42 -11.71 12.35
CA ILE B 263 -13.86 -10.36 12.22
C ILE B 263 -14.73 -9.39 12.98
N GLU B 264 -14.14 -8.62 13.87
CA GLU B 264 -14.92 -7.60 14.65
C GLU B 264 -15.03 -6.28 13.90
N ALA B 265 -13.90 -5.70 13.47
CA ALA B 265 -13.93 -4.40 12.81
C ALA B 265 -12.57 -4.16 12.16
N GLY B 266 -12.54 -3.22 11.23
CA GLY B 266 -11.37 -2.91 10.42
C GLY B 266 -11.34 -3.79 9.18
N PRO B 267 -10.34 -3.62 8.30
CA PRO B 267 -9.25 -2.67 8.53
C PRO B 267 -9.65 -1.20 8.39
N ASP B 268 -9.14 -0.36 9.27
CA ASP B 268 -9.30 1.10 9.20
C ASP B 268 -8.20 1.70 10.08
N LYS B 269 -8.35 2.95 10.48
CA LYS B 269 -7.32 3.69 11.22
C LYS B 269 -8.00 4.37 12.38
N HIS B 270 -7.54 4.10 13.59
CA HIS B 270 -8.00 4.79 14.81
C HIS B 270 -7.48 6.23 14.75
N GLY B 271 -8.33 7.23 14.95
CA GLY B 271 -7.88 8.58 15.26
C GLY B 271 -7.01 8.61 16.49
N ILE B 272 -7.43 7.92 17.52
CA ILE B 272 -6.65 7.76 18.79
C ILE B 272 -5.45 6.86 18.47
N THR B 273 -4.22 7.36 18.65
CA THR B 273 -2.91 6.73 18.31
C THR B 273 -2.60 6.74 16.80
N GLN B 274 -3.57 7.02 15.93
CA GLN B 274 -3.32 7.01 14.51
C GLN B 274 -2.78 5.64 14.08
N SER B 275 -3.37 4.59 14.61
CA SER B 275 -2.90 3.23 14.29
C SER B 275 -3.87 2.58 13.31
N GLN B 276 -3.33 1.95 12.28
CA GLN B 276 -4.10 1.07 11.38
C GLN B 276 -4.36 -0.26 12.11
N PHE B 277 -5.63 -0.61 12.21
CA PHE B 277 -6.12 -1.69 13.08
C PHE B 277 -6.98 -2.67 12.27
N LEU B 278 -6.99 -3.90 12.80
CA LEU B 278 -7.89 -5.00 12.41
C LEU B 278 -8.12 -5.82 13.66
N TYR B 279 -9.39 -6.05 14.02
CA TYR B 279 -9.71 -6.83 15.21
C TYR B 279 -10.42 -8.10 14.78
N VAL B 280 -9.95 -9.20 15.31
CA VAL B 280 -10.52 -10.55 15.06
C VAL B 280 -10.57 -11.28 16.40
N PHE B 281 -11.31 -12.36 16.43
CA PHE B 281 -11.38 -13.28 17.57
C PHE B 281 -10.67 -14.56 17.16
N GLU B 282 -9.61 -14.90 17.91
CA GLU B 282 -8.95 -16.19 17.73
C GLU B 282 -9.89 -17.26 18.30
N PRO B 283 -9.77 -18.52 17.85
CA PRO B 283 -10.74 -19.56 18.19
C PRO B 283 -11.02 -19.77 19.67
N GLY B 284 -10.05 -19.51 20.55
CA GLY B 284 -10.26 -19.62 21.99
C GLY B 284 -11.10 -18.51 22.59
N GLY B 285 -11.39 -17.45 21.83
CA GLY B 285 -12.28 -16.35 22.23
C GLY B 285 -11.56 -15.05 22.56
N ASN B 286 -10.22 -15.03 22.54
CA ASN B 286 -9.48 -13.78 22.82
C ASN B 286 -9.54 -12.89 21.58
N ARG B 287 -9.59 -11.59 21.83
CA ARG B 287 -9.60 -10.57 20.79
C ARG B 287 -8.13 -10.28 20.46
N ILE B 288 -7.81 -10.40 19.20
CA ILE B 288 -6.44 -10.11 18.66
C ILE B 288 -6.54 -8.92 17.74
N GLU B 289 -5.61 -7.97 17.86
CA GLU B 289 -5.54 -6.80 16.96
C GLU B 289 -4.27 -6.96 16.12
N LEU B 290 -4.40 -6.68 14.82
CA LEU B 290 -3.25 -6.60 13.89
C LEU B 290 -3.07 -5.13 13.57
N PHE B 291 -1.84 -4.64 13.67
CA PHE B 291 -1.48 -3.23 13.54
C PHE B 291 -0.71 -3.07 12.23
N GLY B 292 -1.15 -2.11 11.41
CA GLY B 292 -0.44 -1.76 10.18
C GLY B 292 0.67 -0.78 10.48
N GLU B 293 0.67 0.35 9.81
CA GLU B 293 1.70 1.39 9.94
C GLU B 293 1.82 1.85 11.38
N ALA B 294 3.04 2.03 11.83
CA ALA B 294 3.29 2.47 13.21
C ALA B 294 2.39 3.69 13.52
N GLY B 295 2.28 4.61 12.55
CA GLY B 295 1.47 5.84 12.76
C GLY B 295 2.28 6.95 13.45
N TYR B 296 1.76 7.47 14.59
CA TYR B 296 2.23 8.76 15.17
C TYR B 296 3.24 8.49 16.29
N LEU B 297 4.48 8.86 16.03
CA LEU B 297 5.56 8.69 17.02
C LEU B 297 5.63 9.97 17.86
N HIS B 298 5.73 9.77 19.14
CA HIS B 298 5.69 10.88 20.14
C HIS B 298 7.11 11.38 20.36
N LEU B 299 7.65 12.11 19.40
CA LEU B 299 9.03 12.63 19.44
C LEU B 299 9.08 13.81 20.44
N ASP B 300 8.06 14.63 20.49
CA ASP B 300 7.99 15.77 21.46
C ASP B 300 7.99 15.19 22.88
N PRO B 301 9.07 15.41 23.68
CA PRO B 301 9.17 14.80 25.02
C PRO B 301 8.23 15.38 26.11
N ASP B 302 7.57 16.51 25.90
CA ASP B 302 6.65 17.05 26.93
C ASP B 302 5.35 17.50 26.27
N ALA B 303 4.84 16.75 25.30
CA ALA B 303 3.48 16.94 24.77
C ALA B 303 2.47 16.72 25.91
N GLU B 304 1.44 17.53 26.01
CA GLU B 304 0.33 17.27 26.94
C GLU B 304 -0.41 16.05 26.43
N THR B 305 -0.99 15.30 27.33
CA THR B 305 -2.03 14.30 27.10
C THR B 305 -3.09 14.92 26.19
N LYS B 306 -3.47 14.20 25.14
CA LYS B 306 -4.57 14.64 24.26
C LYS B 306 -5.82 13.96 24.81
N THR B 307 -6.83 14.74 25.17
CA THR B 307 -8.08 14.24 25.80
C THR B 307 -9.21 14.32 24.80
N TRP B 308 -9.72 13.17 24.41
CA TRP B 308 -10.87 13.01 23.51
C TRP B 308 -12.12 13.07 24.40
N GLN B 309 -12.98 14.06 24.12
CA GLN B 309 -14.29 14.26 24.81
C GLN B 309 -15.29 13.45 24.00
N MET B 310 -16.58 13.62 24.26
CA MET B 310 -17.65 12.89 23.50
C MET B 310 -17.97 13.62 22.18
N SER B 311 -17.64 14.92 22.09
CA SER B 311 -17.70 15.81 20.89
C SER B 311 -16.56 15.51 19.92
N ASP B 312 -15.43 15.04 20.45
CA ASP B 312 -14.21 14.63 19.69
C ASP B 312 -14.40 13.20 19.14
N ILE B 313 -15.39 12.43 19.60
CA ILE B 313 -15.19 10.96 19.76
C ILE B 313 -15.12 10.19 18.43
N ASP B 314 -15.89 10.59 17.44
CA ASP B 314 -16.17 9.77 16.22
C ASP B 314 -14.85 9.37 15.52
N THR B 315 -14.04 10.37 15.15
CA THR B 315 -12.72 10.20 14.53
C THR B 315 -11.81 9.35 15.44
N GLY B 316 -11.95 9.40 16.79
CA GLY B 316 -11.07 8.67 17.72
C GLY B 316 -11.10 7.18 17.43
N LEU B 317 -12.31 6.71 17.25
CA LEU B 317 -12.63 5.30 16.96
C LEU B 317 -12.14 4.92 15.55
N ALA B 318 -12.50 5.70 14.54
CA ALA B 318 -12.17 5.37 13.13
C ALA B 318 -12.13 6.63 12.28
N VAL B 319 -11.02 6.81 11.55
CA VAL B 319 -10.94 7.90 10.56
C VAL B 319 -11.86 7.61 9.39
N GLY B 320 -11.88 6.38 8.91
CA GLY B 320 -12.73 5.99 7.78
C GLY B 320 -14.14 5.65 8.26
N GLY B 321 -14.84 4.85 7.47
CA GLY B 321 -16.25 4.53 7.66
C GLY B 321 -16.45 3.42 8.67
N ALA B 322 -15.38 2.85 9.26
CA ALA B 322 -15.53 1.67 10.13
C ALA B 322 -16.46 1.97 11.31
N LYS B 323 -17.27 0.96 11.66
CA LYS B 323 -18.18 1.01 12.82
C LYS B 323 -17.72 -0.06 13.80
N LEU B 324 -17.38 0.32 15.01
CA LEU B 324 -17.04 -0.65 16.10
C LEU B 324 -18.33 -1.15 16.72
N PRO B 325 -18.57 -2.48 16.76
CA PRO B 325 -19.83 -3.00 17.26
C PRO B 325 -19.95 -2.73 18.78
N TRP B 326 -21.03 -2.03 19.16
CA TRP B 326 -21.45 -1.83 20.57
C TRP B 326 -21.47 -3.18 21.29
N GLU B 327 -22.02 -4.21 20.66
CA GLU B 327 -22.34 -5.49 21.35
C GLU B 327 -21.10 -6.33 21.60
N SER B 328 -19.91 -5.93 21.12
CA SER B 328 -18.68 -6.67 21.47
C SER B 328 -17.60 -5.69 21.93
N TYR B 329 -17.39 -4.62 21.20
CA TYR B 329 -16.13 -3.84 21.33
C TYR B 329 -16.11 -3.18 22.71
N PHE B 330 -17.28 -2.70 23.13
CA PHE B 330 -17.40 -1.85 24.33
C PHE B 330 -17.70 -2.70 25.57
N THR B 331 -17.99 -4.00 25.40
CA THR B 331 -18.53 -4.86 26.49
C THR B 331 -17.81 -6.21 26.63
N TYR B 332 -17.24 -6.79 25.57
CA TYR B 332 -16.62 -8.15 25.60
C TYR B 332 -15.11 -8.06 25.81
N GLY B 333 -14.65 -8.73 26.82
CA GLY B 333 -13.24 -9.07 27.07
C GLY B 333 -13.11 -10.45 27.70
N THR B 334 -11.88 -10.87 27.97
CA THR B 334 -11.61 -12.24 28.41
C THR B 334 -10.88 -12.20 29.75
N PRO B 335 -11.23 -13.09 30.70
CA PRO B 335 -12.30 -14.07 30.56
C PRO B 335 -13.70 -13.45 30.59
N SER B 336 -14.62 -14.03 29.83
CA SER B 336 -16.03 -13.59 29.75
C SER B 336 -16.88 -14.65 30.45
N PRO B 337 -17.80 -14.27 31.37
CA PRO B 337 -18.68 -15.28 31.98
C PRO B 337 -19.60 -15.88 30.91
N LEU B 338 -19.73 -15.24 29.75
CA LEU B 338 -20.51 -15.72 28.57
C LEU B 338 -19.56 -16.04 27.41
N SER B 339 -19.90 -17.05 26.62
CA SER B 339 -19.32 -17.31 25.28
C SER B 339 -19.46 -16.02 24.44
N LEU B 340 -18.67 -15.87 23.39
CA LEU B 340 -18.76 -14.69 22.50
C LEU B 340 -20.15 -14.62 21.88
N ASP B 341 -20.69 -15.76 21.43
CA ASP B 341 -22.06 -15.82 20.83
C ASP B 341 -23.10 -15.41 21.86
N GLN B 342 -23.02 -15.95 23.08
CA GLN B 342 -23.94 -15.60 24.21
C GLN B 342 -23.77 -14.12 24.58
N HIS B 343 -22.54 -13.62 24.58
CA HIS B 343 -22.26 -12.19 24.86
C HIS B 343 -23.01 -11.28 23.86
N ILE B 344 -22.80 -11.52 22.56
CA ILE B 344 -23.34 -10.69 21.46
C ILE B 344 -24.87 -10.77 21.53
N GLU B 345 -25.42 -11.97 21.76
CA GLU B 345 -26.87 -12.22 22.00
C GLU B 345 -27.37 -11.26 23.07
N LYS B 346 -26.76 -11.31 24.24
CA LYS B 346 -27.23 -10.56 25.43
C LYS B 346 -27.12 -9.04 25.19
N TYR B 347 -26.01 -8.55 24.62
CA TYR B 347 -25.74 -7.09 24.57
C TYR B 347 -26.35 -6.47 23.31
N ALA B 348 -26.75 -7.30 22.34
CA ALA B 348 -27.62 -6.92 21.19
C ALA B 348 -29.09 -7.18 21.52
N HIS B 349 -29.42 -7.72 22.71
CA HIS B 349 -30.82 -8.02 23.17
C HIS B 349 -31.54 -9.04 22.25
N PHE B 350 -30.88 -10.12 21.78
CA PHE B 350 -31.51 -11.18 20.94
C PHE B 350 -32.36 -12.10 21.83
N PRO B 355 -35.45 -6.63 27.62
CA PRO B 355 -33.98 -6.55 27.61
C PRO B 355 -33.36 -7.13 28.89
N ASP B 356 -32.02 -7.21 28.95
CA ASP B 356 -31.23 -7.65 30.12
C ASP B 356 -30.89 -6.42 30.98
N PRO B 357 -31.19 -6.43 32.31
CA PRO B 357 -30.83 -5.30 33.19
C PRO B 357 -29.34 -4.91 33.14
N ASP B 358 -28.47 -5.91 32.90
CA ASP B 358 -27.00 -5.79 32.74
C ASP B 358 -26.64 -4.99 31.48
N ALA B 359 -27.24 -5.37 30.33
CA ALA B 359 -27.11 -4.67 29.04
C ALA B 359 -27.53 -3.19 29.17
N LEU B 360 -28.66 -2.92 29.85
CA LEU B 360 -29.22 -1.56 30.06
C LEU B 360 -28.31 -0.74 30.99
N ALA B 361 -27.78 -1.35 32.07
CA ALA B 361 -26.79 -0.73 32.99
C ALA B 361 -25.58 -0.25 32.17
N ALA B 362 -25.06 -1.10 31.28
CA ALA B 362 -23.92 -0.78 30.37
C ALA B 362 -24.30 0.43 29.49
N GLU B 363 -25.48 0.38 28.87
CA GLU B 363 -25.99 1.45 27.97
C GLU B 363 -26.07 2.78 28.75
N LEU B 364 -26.58 2.78 29.99
CA LEU B 364 -26.80 4.02 30.80
C LEU B 364 -25.46 4.60 31.26
N SER B 365 -24.46 3.76 31.57
CA SER B 365 -23.12 4.23 32.05
C SER B 365 -22.34 4.90 30.89
N VAL B 366 -22.53 4.43 29.64
CA VAL B 366 -21.85 4.98 28.42
C VAL B 366 -22.57 6.24 27.96
N PRO B 367 -21.86 7.36 27.70
CA PRO B 367 -22.51 8.55 27.11
C PRO B 367 -22.92 8.32 25.65
N ASP B 368 -24.05 8.91 25.25
CA ASP B 368 -24.76 8.62 23.97
C ASP B 368 -23.93 9.04 22.75
N GLU B 369 -23.05 10.03 22.89
CA GLU B 369 -22.18 10.51 21.77
C GLU B 369 -21.24 9.37 21.37
N LEU B 370 -20.83 8.56 22.35
CA LEU B 370 -19.98 7.35 22.18
C LEU B 370 -20.90 6.20 21.71
N GLU B 371 -22.02 5.97 22.41
CA GLU B 371 -22.97 4.84 22.16
C GLU B 371 -23.60 4.96 20.75
N HIS B 372 -24.01 6.17 20.35
CA HIS B 372 -24.71 6.46 19.07
C HIS B 372 -23.79 7.24 18.12
N SER B 373 -22.47 7.21 18.35
CA SER B 373 -21.45 7.69 17.38
C SER B 373 -21.68 7.04 16.02
N ARG B 374 -21.40 7.75 14.93
CA ARG B 374 -21.37 7.18 13.56
C ARG B 374 -20.24 6.12 13.43
N ALA B 375 -19.32 6.00 14.42
CA ALA B 375 -18.23 4.97 14.41
C ALA B 375 -18.61 3.73 15.26
N VAL B 376 -19.88 3.66 15.70
CA VAL B 376 -20.45 2.52 16.49
C VAL B 376 -21.65 1.99 15.69
N ALA B 377 -21.77 0.66 15.59
CA ALA B 377 -22.98 -0.05 15.11
C ALA B 377 -23.60 -0.83 16.28
N ASP B 378 -24.92 -0.77 16.46
CA ASP B 378 -25.65 -1.59 17.46
C ASP B 378 -26.52 -2.59 16.70
N ALA B 379 -26.10 -3.87 16.67
CA ALA B 379 -26.95 -5.03 16.28
C ALA B 379 -28.15 -5.11 17.23
N ASP C 24 -13.08 -8.05 -39.22
CA ASP C 24 -12.81 -7.44 -37.87
C ASP C 24 -12.43 -8.56 -36.90
N ALA C 25 -11.13 -8.85 -36.83
CA ALA C 25 -10.53 -9.89 -35.97
C ALA C 25 -10.25 -9.33 -34.56
N ARG C 26 -10.63 -8.09 -34.25
CA ARG C 26 -10.16 -7.35 -33.03
C ARG C 26 -10.46 -8.15 -31.76
N PHE C 27 -11.61 -8.81 -31.74
CA PHE C 27 -12.24 -9.42 -30.54
C PHE C 27 -12.13 -10.95 -30.55
N ASP C 28 -11.43 -11.52 -31.55
CA ASP C 28 -11.35 -12.99 -31.73
C ASP C 28 -10.49 -13.67 -30.64
N ILE C 29 -9.53 -12.98 -30.05
CA ILE C 29 -8.70 -13.56 -28.95
C ILE C 29 -9.17 -12.95 -27.63
N ALA C 30 -9.44 -13.80 -26.66
CA ALA C 30 -9.96 -13.38 -25.34
C ALA C 30 -8.78 -13.08 -24.42
N HIS C 31 -7.90 -14.02 -24.19
CA HIS C 31 -6.80 -13.80 -23.20
C HIS C 31 -5.73 -14.87 -23.32
N LEU C 32 -4.65 -14.65 -22.58
CA LEU C 32 -3.55 -15.62 -22.45
C LEU C 32 -3.95 -16.72 -21.44
N ALA C 33 -4.16 -17.96 -21.90
CA ALA C 33 -4.67 -19.01 -21.00
C ALA C 33 -3.53 -19.61 -20.16
N ARG C 34 -2.39 -19.89 -20.77
CA ARG C 34 -1.38 -20.75 -20.13
C ARG C 34 -0.05 -20.61 -20.84
N ALA C 35 0.98 -21.07 -20.17
CA ALA C 35 2.31 -21.22 -20.76
C ALA C 35 3.01 -22.41 -20.13
N GLU C 36 3.96 -22.96 -20.88
CA GLU C 36 4.81 -24.07 -20.43
C GLU C 36 6.23 -23.54 -20.33
N LEU C 37 6.88 -23.75 -19.18
CA LEU C 37 8.31 -23.45 -19.02
C LEU C 37 9.11 -24.76 -19.03
N PHE C 38 10.21 -24.76 -19.77
CA PHE C 38 11.25 -25.79 -19.71
C PHE C 38 12.20 -25.41 -18.59
N SER C 39 12.62 -26.40 -17.81
CA SER C 39 13.59 -26.23 -16.72
C SER C 39 14.52 -27.44 -16.67
N PRO C 40 15.84 -27.20 -16.61
CA PRO C 40 16.82 -28.26 -16.29
C PRO C 40 16.92 -28.52 -14.80
N LYS C 41 16.16 -27.78 -13.98
CA LYS C 41 16.10 -27.99 -12.52
C LYS C 41 14.64 -28.04 -12.15
N PRO C 42 13.90 -29.05 -12.67
CA PRO C 42 12.44 -29.06 -12.60
C PRO C 42 11.91 -29.00 -11.16
N GLN C 43 12.55 -29.64 -10.19
CA GLN C 43 12.02 -29.69 -8.82
C GLN C 43 12.22 -28.30 -8.21
N GLU C 44 13.35 -27.65 -8.46
CA GLU C 44 13.64 -26.32 -7.89
C GLU C 44 12.68 -25.30 -8.53
N THR C 45 12.39 -25.41 -9.80
CA THR C 45 11.43 -24.54 -10.51
C THR C 45 10.07 -24.76 -9.86
N LEU C 46 9.67 -26.02 -9.66
CA LEU C 46 8.38 -26.34 -9.05
C LEU C 46 8.34 -25.70 -7.66
N ASP C 47 9.38 -25.87 -6.86
CA ASP C 47 9.41 -25.32 -5.50
C ASP C 47 9.29 -23.79 -5.52
N PHE C 48 9.88 -23.13 -6.51
CA PHE C 48 9.77 -21.66 -6.66
C PHE C 48 8.29 -21.27 -6.81
N PHE C 49 7.56 -21.95 -7.69
CA PHE C 49 6.16 -21.58 -8.02
C PHE C 49 5.20 -21.98 -6.90
N THR C 50 5.51 -23.00 -6.11
CA THR C 50 4.61 -23.49 -5.03
C THR C 50 4.99 -22.81 -3.70
N LYS C 51 6.25 -22.80 -3.34
CA LYS C 51 6.67 -22.31 -2.00
C LYS C 51 6.72 -20.78 -1.97
N PHE C 52 7.17 -20.14 -3.05
CA PHE C 52 7.28 -18.67 -3.08
C PHE C 52 6.00 -18.06 -3.66
N LEU C 53 5.49 -18.59 -4.77
CA LEU C 53 4.38 -17.93 -5.48
C LEU C 53 3.04 -18.65 -5.20
N GLY C 54 3.02 -19.65 -4.33
CA GLY C 54 1.79 -20.23 -3.77
C GLY C 54 0.86 -20.79 -4.82
N MET C 55 1.38 -21.28 -5.93
CA MET C 55 0.52 -21.84 -6.99
C MET C 55 0.06 -23.25 -6.59
N TYR C 56 -1.16 -23.60 -6.97
CA TYR C 56 -1.77 -24.92 -6.74
C TYR C 56 -1.31 -25.88 -7.83
N VAL C 57 -0.94 -27.09 -7.42
CA VAL C 57 -0.63 -28.21 -8.35
C VAL C 57 -1.91 -28.97 -8.60
N THR C 58 -2.28 -29.13 -9.87
CA THR C 58 -3.55 -29.77 -10.27
C THR C 58 -3.31 -31.08 -11.01
N HIS C 59 -2.10 -31.34 -11.48
CA HIS C 59 -1.82 -32.57 -12.28
C HIS C 59 -0.32 -32.79 -12.40
N ARG C 60 0.10 -34.04 -12.49
CA ARG C 60 1.50 -34.44 -12.81
C ARG C 60 1.40 -35.58 -13.83
N GLU C 61 2.22 -35.57 -14.84
CA GLU C 61 2.15 -36.57 -15.94
C GLU C 61 3.50 -36.54 -16.61
N GLY C 62 4.09 -37.70 -16.90
CA GLY C 62 5.41 -37.75 -17.56
C GLY C 62 6.41 -36.94 -16.80
N GLN C 63 7.10 -36.03 -17.47
CA GLN C 63 8.14 -35.19 -16.83
C GLN C 63 7.59 -33.77 -16.61
N SER C 64 6.27 -33.63 -16.47
CA SER C 64 5.61 -32.30 -16.37
C SER C 64 4.70 -32.21 -15.14
N VAL C 65 4.60 -30.99 -14.61
CA VAL C 65 3.70 -30.67 -13.46
C VAL C 65 2.89 -29.46 -13.91
N TYR C 66 1.61 -29.47 -13.55
CA TYR C 66 0.61 -28.50 -14.01
C TYR C 66 0.13 -27.71 -12.78
N LEU C 67 0.12 -26.39 -12.91
CA LEU C 67 -0.18 -25.45 -11.78
C LEU C 67 -1.14 -24.37 -12.24
N ARG C 68 -1.87 -23.81 -11.28
CA ARG C 68 -2.71 -22.62 -11.51
C ARG C 68 -2.57 -21.69 -10.30
N GLY C 69 -2.72 -20.40 -10.56
CA GLY C 69 -2.94 -19.38 -9.53
C GLY C 69 -4.34 -19.53 -9.03
N TYR C 70 -4.63 -18.99 -7.86
CA TYR C 70 -5.96 -19.23 -7.25
C TYR C 70 -7.09 -18.58 -8.06
N GLU C 71 -6.82 -17.63 -8.95
CA GLU C 71 -7.86 -17.01 -9.82
C GLU C 71 -7.68 -17.36 -11.29
N ASP C 72 -6.82 -18.30 -11.61
CA ASP C 72 -6.77 -18.87 -12.99
C ASP C 72 -8.04 -19.68 -13.22
N PRO C 73 -8.72 -19.47 -14.37
CA PRO C 73 -10.06 -20.06 -14.53
C PRO C 73 -10.05 -21.54 -14.94
N TYR C 74 -8.95 -22.01 -15.49
CA TYR C 74 -8.85 -23.37 -16.07
C TYR C 74 -7.99 -24.21 -15.15
N PRO C 75 -7.88 -25.53 -15.37
CA PRO C 75 -7.19 -26.37 -14.40
C PRO C 75 -5.69 -26.11 -14.31
N TRP C 76 -5.12 -25.48 -15.34
CA TRP C 76 -3.72 -25.00 -15.24
C TRP C 76 -3.52 -23.75 -16.08
N SER C 77 -2.54 -22.93 -15.67
CA SER C 77 -2.01 -21.79 -16.42
C SER C 77 -0.51 -21.95 -16.62
N LEU C 78 0.13 -22.81 -15.82
CA LEU C 78 1.58 -23.05 -15.89
C LEU C 78 1.86 -24.56 -15.95
N LYS C 79 2.69 -24.94 -16.91
CA LYS C 79 3.23 -26.33 -17.04
C LYS C 79 4.74 -26.23 -16.93
N ILE C 80 5.31 -26.95 -15.96
CA ILE C 80 6.76 -27.05 -15.74
C ILE C 80 7.20 -28.41 -16.31
N THR C 81 8.07 -28.37 -17.29
CA THR C 81 8.54 -29.60 -18.00
C THR C 81 10.06 -29.71 -17.85
N GLU C 82 10.53 -30.83 -17.33
CA GLU C 82 11.96 -31.20 -17.37
C GLU C 82 12.48 -31.14 -18.80
N ALA C 83 13.62 -30.51 -19.00
CA ALA C 83 14.27 -30.36 -20.31
C ALA C 83 15.73 -30.05 -20.07
N PRO C 84 16.61 -30.30 -21.07
CA PRO C 84 18.03 -30.04 -20.89
C PRO C 84 18.37 -28.55 -20.85
N GLU C 85 17.47 -27.70 -21.35
CA GLU C 85 17.62 -26.22 -21.36
C GLU C 85 16.30 -25.57 -20.92
N ALA C 86 16.40 -24.33 -20.45
CA ALA C 86 15.26 -23.48 -20.06
C ALA C 86 14.59 -22.94 -21.31
N GLY C 87 13.45 -22.30 -21.16
CA GLY C 87 12.76 -21.63 -22.26
C GLY C 87 11.27 -21.86 -22.18
N MET C 88 10.56 -21.42 -23.20
CA MET C 88 9.11 -21.57 -23.30
C MET C 88 8.79 -22.81 -24.15
N GLY C 89 8.10 -23.81 -23.58
CA GLY C 89 7.57 -24.92 -24.36
C GLY C 89 6.50 -24.44 -25.31
N HIS C 90 5.56 -23.63 -24.80
CA HIS C 90 4.52 -22.96 -25.60
C HIS C 90 3.80 -21.89 -24.79
N ALA C 91 3.00 -21.07 -25.43
CA ALA C 91 1.93 -20.28 -24.81
C ALA C 91 0.67 -20.50 -25.58
N ALA C 92 -0.47 -20.60 -24.88
CA ALA C 92 -1.77 -20.75 -25.54
C ALA C 92 -2.65 -19.56 -25.18
N MET C 93 -3.28 -19.00 -26.21
CA MET C 93 -4.34 -17.97 -26.07
C MET C 93 -5.71 -18.63 -26.24
N ARG C 94 -6.64 -18.20 -25.42
CA ARG C 94 -8.05 -18.61 -25.57
C ARG C 94 -8.77 -17.59 -26.45
N THR C 95 -9.54 -18.09 -27.42
CA THR C 95 -10.38 -17.30 -28.31
C THR C 95 -11.67 -16.90 -27.60
N SER C 96 -12.48 -16.06 -28.23
CA SER C 96 -13.74 -15.51 -27.65
C SER C 96 -14.91 -16.38 -28.10
N SER C 97 -14.68 -17.31 -29.01
CA SER C 97 -15.72 -18.28 -29.47
C SER C 97 -15.05 -19.41 -30.23
N PRO C 98 -15.77 -20.54 -30.44
CA PRO C 98 -15.26 -21.59 -31.31
C PRO C 98 -15.06 -21.07 -32.74
N GLU C 99 -15.97 -20.23 -33.23
CA GLU C 99 -15.87 -19.69 -34.61
C GLU C 99 -14.60 -18.85 -34.73
N ALA C 100 -14.27 -18.04 -33.70
CA ALA C 100 -13.07 -17.21 -33.71
C ALA C 100 -11.85 -18.11 -33.86
N LEU C 101 -11.82 -19.27 -33.19
CA LEU C 101 -10.67 -20.20 -33.32
C LEU C 101 -10.54 -20.64 -34.78
N GLU C 102 -11.65 -21.01 -35.41
CA GLU C 102 -11.60 -21.44 -36.84
C GLU C 102 -11.10 -20.25 -37.69
N ARG C 103 -11.62 -19.04 -37.46
CA ARG C 103 -11.20 -17.87 -38.28
C ARG C 103 -9.70 -17.57 -38.09
N ARG C 104 -9.19 -17.57 -36.85
CA ARG C 104 -7.77 -17.23 -36.61
C ARG C 104 -6.86 -18.29 -37.24
N ALA C 105 -7.15 -19.56 -37.00
CA ALA C 105 -6.38 -20.68 -37.61
C ALA C 105 -6.36 -20.56 -39.13
N LYS C 106 -7.48 -20.21 -39.72
CA LYS C 106 -7.62 -20.08 -41.21
C LYS C 106 -6.78 -18.90 -41.69
N SER C 107 -6.78 -17.79 -40.94
CA SER C 107 -5.98 -16.62 -41.34
C SER C 107 -4.50 -17.05 -41.36
N LEU C 108 -4.06 -17.78 -40.35
CA LEU C 108 -2.63 -18.16 -40.23
C LEU C 108 -2.26 -19.10 -41.40
N THR C 109 -3.08 -20.13 -41.62
CA THR C 109 -2.80 -21.11 -42.69
C THR C 109 -2.85 -20.39 -44.04
N ASP C 110 -3.84 -19.51 -44.32
CA ASP C 110 -3.88 -18.70 -45.56
C ASP C 110 -2.60 -17.85 -45.69
N GLY C 111 -1.92 -17.51 -44.60
CA GLY C 111 -0.65 -16.75 -44.65
C GLY C 111 0.54 -17.66 -44.71
N ASN C 112 0.35 -18.95 -45.04
CA ASN C 112 1.40 -19.98 -45.21
C ASN C 112 2.14 -20.21 -43.90
N VAL C 113 1.44 -20.08 -42.78
CA VAL C 113 1.96 -20.49 -41.47
C VAL C 113 1.64 -21.98 -41.32
N ASP C 114 2.63 -22.77 -40.96
CA ASP C 114 2.46 -24.23 -40.70
C ASP C 114 1.83 -24.42 -39.32
N GLY C 115 0.64 -24.95 -39.28
CA GLY C 115 -0.16 -25.22 -38.09
C GLY C 115 -0.37 -26.71 -37.90
N THR C 116 -0.70 -27.11 -36.68
CA THR C 116 -0.98 -28.50 -36.28
C THR C 116 -2.22 -28.45 -35.40
N TRP C 117 -3.21 -29.30 -35.59
CA TRP C 117 -4.31 -29.49 -34.62
C TRP C 117 -3.92 -30.59 -33.65
N SER C 118 -4.17 -30.38 -32.35
CA SER C 118 -3.89 -31.37 -31.28
C SER C 118 -5.03 -31.33 -30.26
N GLU C 119 -5.05 -32.29 -29.36
CA GLU C 119 -6.00 -32.33 -28.22
C GLU C 119 -5.37 -33.31 -27.25
N ASP C 120 -4.23 -32.95 -26.64
CA ASP C 120 -3.48 -33.87 -25.78
C ASP C 120 -3.17 -33.26 -24.42
N GLN C 121 -3.81 -32.13 -24.00
CA GLN C 121 -3.46 -31.54 -22.69
C GLN C 121 -4.64 -31.71 -21.73
N PHE C 122 -4.35 -32.19 -20.53
CA PHE C 122 -5.22 -32.10 -19.34
C PHE C 122 -5.93 -30.73 -19.29
N GLY C 123 -7.26 -30.70 -19.09
CA GLY C 123 -8.07 -29.53 -18.74
C GLY C 123 -8.54 -28.73 -19.95
N TYR C 124 -8.15 -29.14 -21.16
CA TYR C 124 -8.41 -28.35 -22.38
C TYR C 124 -8.74 -29.31 -23.54
N GLY C 125 -9.37 -28.79 -24.59
CA GLY C 125 -9.69 -29.57 -25.81
C GLY C 125 -8.86 -29.14 -26.99
N LYS C 126 -9.54 -28.87 -28.09
CA LYS C 126 -8.95 -28.83 -29.45
C LYS C 126 -8.11 -27.55 -29.53
N THR C 127 -6.87 -27.72 -29.95
CA THR C 127 -5.81 -26.71 -29.94
C THR C 127 -5.15 -26.64 -31.32
N PHE C 128 -4.94 -25.42 -31.79
CA PHE C 128 -4.16 -25.09 -33.00
C PHE C 128 -2.77 -24.66 -32.57
N GLU C 129 -1.75 -25.40 -32.97
CA GLU C 129 -0.33 -25.09 -32.66
C GLU C 129 0.36 -24.52 -33.86
N TYR C 130 1.16 -23.46 -33.67
CA TYR C 130 1.95 -22.86 -34.77
C TYR C 130 3.16 -22.18 -34.17
N GLN C 131 4.05 -21.70 -35.05
CA GLN C 131 5.23 -20.94 -34.59
C GLN C 131 5.09 -19.50 -35.02
N SER C 132 5.53 -18.59 -34.18
CA SER C 132 5.72 -17.18 -34.55
C SER C 132 6.75 -17.15 -35.68
N PRO C 133 6.87 -16.03 -36.41
CA PRO C 133 7.92 -15.88 -37.41
C PRO C 133 9.33 -16.16 -36.93
N ASP C 134 9.57 -16.10 -35.62
CA ASP C 134 10.93 -16.23 -35.04
C ASP C 134 11.06 -17.59 -34.35
N GLY C 135 10.05 -18.44 -34.40
CA GLY C 135 10.18 -19.80 -33.86
C GLY C 135 9.52 -19.97 -32.49
N HIS C 136 8.81 -18.99 -31.95
CA HIS C 136 8.12 -19.18 -30.65
C HIS C 136 6.94 -20.13 -30.83
N ASN C 137 6.75 -21.08 -29.91
CA ASN C 137 5.63 -22.04 -29.96
C ASN C 137 4.39 -21.39 -29.40
N LEU C 138 3.42 -21.12 -30.25
CA LEU C 138 2.15 -20.45 -29.89
C LEU C 138 1.01 -21.39 -30.17
N GLN C 139 -0.08 -21.22 -29.45
CA GLN C 139 -1.27 -22.09 -29.59
C GLN C 139 -2.52 -21.25 -29.44
N LEU C 140 -3.59 -21.66 -30.08
CA LEU C 140 -4.94 -21.10 -29.93
C LEU C 140 -5.90 -22.20 -29.53
N LEU C 141 -6.81 -21.90 -28.61
CA LEU C 141 -7.86 -22.87 -28.26
C LEU C 141 -9.12 -22.13 -27.85
N TRP C 142 -10.23 -22.85 -27.90
CA TRP C 142 -11.54 -22.42 -27.36
C TRP C 142 -11.90 -23.29 -26.16
N GLU C 143 -11.76 -24.59 -26.28
CA GLU C 143 -12.23 -25.59 -25.29
C GLU C 143 -11.32 -25.56 -24.07
N ALA C 144 -11.88 -25.12 -22.95
CA ALA C 144 -11.13 -25.01 -21.68
C ALA C 144 -12.08 -25.37 -20.56
N GLU C 145 -11.71 -26.38 -19.77
CA GLU C 145 -12.52 -26.77 -18.60
C GLU C 145 -12.47 -25.60 -17.59
N LYS C 146 -13.56 -25.36 -16.88
CA LYS C 146 -13.55 -24.36 -15.78
C LYS C 146 -13.15 -25.10 -14.53
N TYR C 147 -12.02 -24.74 -13.93
CA TYR C 147 -11.60 -25.33 -12.66
C TYR C 147 -12.69 -25.11 -11.60
N VAL C 148 -13.02 -26.19 -10.92
CA VAL C 148 -13.92 -26.17 -9.75
C VAL C 148 -13.12 -26.70 -8.58
N ALA C 149 -13.06 -25.95 -7.48
CA ALA C 149 -12.25 -26.35 -6.33
C ALA C 149 -12.99 -27.45 -5.59
N PRO C 150 -12.27 -28.31 -4.86
CA PRO C 150 -12.89 -29.13 -3.84
C PRO C 150 -13.58 -28.20 -2.85
N PRO C 151 -14.67 -28.70 -2.24
CA PRO C 151 -15.49 -27.89 -1.34
C PRO C 151 -14.69 -27.09 -0.31
N GLU C 152 -13.66 -27.68 0.30
CA GLU C 152 -12.95 -27.02 1.40
C GLU C 152 -12.08 -25.86 0.87
N LEU C 153 -11.79 -25.81 -0.44
CA LEU C 153 -11.00 -24.73 -1.08
C LEU C 153 -11.86 -23.72 -1.81
N ARG C 154 -13.19 -23.82 -1.76
CA ARG C 154 -14.06 -22.82 -2.44
C ARG C 154 -14.01 -21.53 -1.62
N SER C 155 -14.03 -20.40 -2.32
CA SER C 155 -13.97 -19.06 -1.74
C SER C 155 -15.39 -18.57 -1.46
N LYS C 156 -15.54 -17.77 -0.42
CA LYS C 156 -16.75 -16.94 -0.20
C LYS C 156 -16.83 -15.84 -1.25
N ILE C 157 -15.74 -15.52 -1.94
CA ILE C 157 -15.74 -14.53 -3.04
C ILE C 157 -16.10 -15.29 -4.32
N LEU C 158 -17.28 -15.08 -4.88
CA LEU C 158 -17.84 -16.03 -5.86
C LEU C 158 -17.11 -15.96 -7.19
N THR C 159 -16.41 -14.88 -7.53
CA THR C 159 -15.59 -14.77 -8.75
C THR C 159 -14.27 -15.49 -8.54
N ARG C 160 -13.96 -15.86 -7.31
CA ARG C 160 -12.68 -16.50 -6.96
C ARG C 160 -12.87 -18.01 -6.88
N PRO C 161 -12.32 -18.80 -7.82
CA PRO C 161 -12.59 -20.23 -7.84
C PRO C 161 -11.86 -21.02 -6.73
N SER C 162 -10.79 -20.51 -6.11
CA SER C 162 -10.13 -21.22 -5.00
C SER C 162 -9.59 -20.20 -4.00
N LYS C 163 -9.62 -20.54 -2.72
CA LYS C 163 -9.07 -19.66 -1.67
C LYS C 163 -7.61 -19.29 -2.03
N LYS C 164 -7.24 -18.06 -1.72
CA LYS C 164 -5.83 -17.63 -1.70
C LYS C 164 -5.10 -18.52 -0.71
N PRO C 165 -4.02 -19.18 -1.15
CA PRO C 165 -3.25 -20.06 -0.28
C PRO C 165 -2.57 -19.28 0.86
N LEU C 166 -2.13 -20.04 1.86
CA LEU C 166 -1.41 -19.54 3.05
C LEU C 166 0.10 -19.71 2.87
N GLN C 167 0.55 -19.91 1.64
CA GLN C 167 1.95 -20.24 1.34
C GLN C 167 2.57 -19.11 0.50
N GLY C 168 3.72 -18.61 0.89
CA GLY C 168 4.45 -17.60 0.11
C GLY C 168 3.68 -16.30 -0.06
N ILE C 169 3.91 -15.61 -1.16
CA ILE C 169 3.16 -14.41 -1.61
C ILE C 169 2.46 -14.86 -2.87
N PRO C 170 1.23 -15.38 -2.75
CA PRO C 170 0.65 -16.14 -3.84
C PRO C 170 0.18 -15.26 -5.01
N VAL C 171 0.47 -15.71 -6.21
CA VAL C 171 0.05 -15.03 -7.45
C VAL C 171 -1.43 -15.39 -7.68
N LYS C 172 -2.19 -14.46 -8.25
CA LYS C 172 -3.61 -14.70 -8.56
C LYS C 172 -3.70 -15.56 -9.83
N ARG C 173 -2.88 -15.24 -10.81
CA ARG C 173 -3.09 -15.77 -12.19
C ARG C 173 -1.89 -15.44 -13.05
N ILE C 174 -1.85 -16.10 -14.21
CA ILE C 174 -0.92 -15.70 -15.29
C ILE C 174 -1.29 -14.29 -15.73
N ASP C 175 -0.33 -13.53 -16.23
CA ASP C 175 -0.58 -12.13 -16.67
C ASP C 175 -0.26 -11.96 -18.15
N HIS C 176 0.99 -12.13 -18.52
CA HIS C 176 1.44 -11.83 -19.89
C HIS C 176 2.74 -12.53 -20.19
N LEU C 177 3.12 -12.41 -21.45
CA LEU C 177 4.27 -13.08 -22.03
C LEU C 177 5.13 -12.03 -22.72
N ASN C 178 6.45 -12.10 -22.59
CA ASN C 178 7.36 -11.23 -23.35
C ASN C 178 8.30 -12.13 -24.15
N LEU C 179 8.19 -12.07 -25.48
CA LEU C 179 8.98 -12.89 -26.45
C LEU C 179 10.18 -12.08 -26.92
N MET C 180 11.36 -12.66 -26.95
CA MET C 180 12.54 -12.05 -27.57
C MET C 180 12.56 -12.49 -29.04
N SER C 181 12.80 -11.59 -29.96
CA SER C 181 12.78 -11.86 -31.41
C SER C 181 13.96 -11.18 -32.09
N SER C 182 14.49 -11.82 -33.13
CA SER C 182 15.49 -11.20 -34.02
C SER C 182 14.79 -10.12 -34.83
N ASP C 183 13.46 -10.21 -34.97
CA ASP C 183 12.65 -9.27 -35.78
C ASP C 183 11.34 -8.99 -35.05
N VAL C 184 11.26 -7.87 -34.33
CA VAL C 184 10.05 -7.53 -33.56
C VAL C 184 8.89 -7.27 -34.53
N THR C 185 9.11 -6.57 -35.64
CA THR C 185 8.04 -6.20 -36.60
C THR C 185 7.36 -7.45 -37.13
N ALA C 186 8.12 -8.47 -37.50
CA ALA C 186 7.54 -9.72 -38.06
C ALA C 186 6.61 -10.36 -37.04
N VAL C 187 7.04 -10.41 -35.75
CA VAL C 187 6.20 -10.99 -34.66
C VAL C 187 4.95 -10.12 -34.47
N LYS C 188 5.12 -8.80 -34.34
CA LYS C 188 4.00 -7.83 -34.24
C LYS C 188 3.01 -7.98 -35.38
N ASP C 189 3.50 -8.03 -36.64
CA ASP C 189 2.62 -8.13 -37.82
C ASP C 189 1.79 -9.40 -37.75
N SER C 190 2.37 -10.49 -37.26
CA SER C 190 1.64 -11.78 -37.09
C SER C 190 0.49 -11.61 -36.12
N PHE C 191 0.75 -11.08 -34.93
CA PHE C 191 -0.31 -10.84 -33.94
C PHE C 191 -1.35 -9.85 -34.47
N GLU C 192 -0.94 -8.78 -35.12
CA GLU C 192 -1.89 -7.77 -35.65
C GLU C 192 -2.73 -8.38 -36.76
N ARG C 193 -2.08 -8.94 -37.77
CA ARG C 193 -2.75 -9.29 -39.05
C ARG C 193 -3.47 -10.62 -38.87
N HIS C 194 -2.89 -11.61 -38.20
CA HIS C 194 -3.52 -12.94 -38.07
C HIS C 194 -4.38 -13.08 -36.81
N LEU C 195 -4.08 -12.38 -35.70
CA LEU C 195 -4.83 -12.59 -34.43
C LEU C 195 -5.69 -11.37 -34.09
N GLY C 196 -5.53 -10.25 -34.80
CA GLY C 196 -6.37 -9.06 -34.57
C GLY C 196 -5.91 -8.24 -33.36
N PHE C 197 -4.73 -8.50 -32.80
CA PHE C 197 -4.18 -7.69 -31.68
C PHE C 197 -3.95 -6.26 -32.17
N ARG C 198 -4.05 -5.31 -31.27
CA ARG C 198 -3.55 -3.95 -31.53
C ARG C 198 -2.24 -3.82 -30.77
N THR C 199 -1.35 -2.95 -31.24
CA THR C 199 -0.13 -2.58 -30.56
C THR C 199 -0.45 -1.31 -29.77
N THR C 200 -0.47 -1.40 -28.45
CA THR C 200 -0.83 -0.21 -27.62
C THR C 200 0.36 0.77 -27.57
N GLU C 201 1.55 0.24 -27.40
CA GLU C 201 2.80 0.99 -27.29
C GLU C 201 3.93 0.23 -27.96
N ARG C 202 4.93 0.97 -28.39
CA ARG C 202 6.15 0.36 -28.95
C ARG C 202 7.30 1.31 -28.72
N VAL C 203 8.50 0.74 -28.77
CA VAL C 203 9.78 1.49 -28.71
C VAL C 203 10.45 1.35 -30.07
N VAL C 204 10.82 2.47 -30.67
CA VAL C 204 11.49 2.49 -32.00
C VAL C 204 12.86 3.14 -31.87
N ASP C 205 13.76 2.71 -32.74
CA ASP C 205 15.03 3.41 -32.98
C ASP C 205 15.14 3.56 -34.49
N GLY C 206 15.05 4.78 -34.98
CA GLY C 206 14.79 5.06 -36.40
C GLY C 206 13.59 4.27 -36.85
N ASN C 207 13.77 3.38 -37.81
CA ASN C 207 12.67 2.61 -38.46
C ASN C 207 12.65 1.19 -37.92
N VAL C 208 13.44 0.90 -36.89
CA VAL C 208 13.54 -0.44 -36.26
C VAL C 208 12.69 -0.44 -34.98
N GLU C 209 11.74 -1.39 -34.88
CA GLU C 209 10.95 -1.62 -33.65
C GLU C 209 11.82 -2.47 -32.74
N ILE C 210 12.17 -1.93 -31.56
CA ILE C 210 12.95 -2.61 -30.49
C ILE C 210 11.96 -3.30 -29.54
N GLY C 211 10.72 -2.78 -29.42
CA GLY C 211 9.70 -3.42 -28.54
C GLY C 211 8.31 -3.15 -29.04
N ALA C 212 7.40 -4.11 -28.85
CA ALA C 212 5.97 -3.92 -29.15
C ALA C 212 5.15 -4.59 -28.06
N TRP C 213 4.17 -3.86 -27.56
CA TRP C 213 3.26 -4.31 -26.50
C TRP C 213 1.88 -4.45 -27.14
N MET C 214 1.33 -5.67 -27.12
CA MET C 214 0.13 -5.99 -27.89
C MET C 214 -0.98 -6.52 -27.03
N SER C 215 -2.21 -6.23 -27.41
CA SER C 215 -3.39 -6.62 -26.66
C SER C 215 -4.58 -6.86 -27.57
N SER C 216 -5.50 -7.72 -27.12
CA SER C 216 -6.81 -7.94 -27.76
C SER C 216 -7.94 -7.43 -26.85
N ASN C 217 -7.59 -6.78 -25.73
CA ASN C 217 -8.60 -6.39 -24.70
C ASN C 217 -8.10 -5.13 -23.98
N LEU C 218 -8.68 -4.79 -22.83
CA LEU C 218 -8.37 -3.52 -22.13
C LEU C 218 -6.92 -3.54 -21.65
N LEU C 219 -6.31 -4.70 -21.47
CA LEU C 219 -4.94 -4.74 -20.91
C LEU C 219 -3.95 -3.99 -21.79
N GLY C 220 -2.92 -3.42 -21.20
CA GLY C 220 -1.87 -2.80 -22.05
C GLY C 220 -1.29 -3.84 -23.04
N HIS C 221 -1.11 -5.04 -22.51
CA HIS C 221 -0.58 -6.18 -23.25
C HIS C 221 -0.82 -7.47 -22.51
N GLU C 222 -1.00 -8.50 -23.30
CA GLU C 222 -0.78 -9.86 -22.80
C GLU C 222 0.39 -10.46 -23.54
N VAL C 223 0.76 -9.91 -24.69
CA VAL C 223 1.97 -10.37 -25.41
C VAL C 223 2.82 -9.15 -25.77
N ALA C 224 4.07 -9.25 -25.46
CA ALA C 224 5.08 -8.26 -25.86
C ALA C 224 6.16 -8.98 -26.61
N CYS C 225 6.88 -8.23 -27.42
CA CYS C 225 8.03 -8.76 -28.15
C CYS C 225 9.13 -7.72 -28.12
N MET C 226 10.33 -8.13 -27.72
CA MET C 226 11.47 -7.19 -27.64
C MET C 226 12.64 -7.75 -28.47
N ARG C 227 13.43 -6.84 -29.02
CA ARG C 227 14.51 -7.23 -29.96
C ARG C 227 15.59 -7.99 -29.18
N ASP C 228 15.98 -9.16 -29.70
CA ASP C 228 17.15 -9.94 -29.19
C ASP C 228 18.42 -9.28 -29.74
N MET C 229 19.16 -8.56 -28.91
CA MET C 229 20.37 -7.76 -29.30
C MET C 229 21.57 -8.69 -29.51
N THR C 230 21.43 -9.99 -29.25
CA THR C 230 22.52 -10.97 -29.41
C THR C 230 22.40 -11.67 -30.75
N GLY C 231 21.37 -11.38 -31.55
CA GLY C 231 21.16 -12.04 -32.85
C GLY C 231 20.50 -13.40 -32.70
N GLY C 232 20.13 -13.81 -31.47
CA GLY C 232 19.42 -15.07 -31.25
C GLY C 232 18.00 -15.02 -31.79
N HIS C 233 17.29 -16.13 -31.76
CA HIS C 233 15.92 -16.30 -32.34
CA HIS C 233 15.88 -16.14 -32.24
C HIS C 233 15.01 -17.02 -31.34
N GLY C 234 13.73 -16.67 -31.28
CA GLY C 234 12.71 -17.55 -30.69
C GLY C 234 12.84 -17.72 -29.17
N LYS C 235 13.45 -16.76 -28.47
CA LYS C 235 13.66 -16.91 -27.01
C LYS C 235 12.48 -16.34 -26.22
N LEU C 236 12.41 -16.79 -24.98
CA LEU C 236 11.50 -16.20 -23.97
C LEU C 236 12.25 -15.10 -23.24
N HIS C 237 11.74 -13.87 -23.21
CA HIS C 237 12.27 -12.82 -22.31
C HIS C 237 11.74 -13.11 -20.91
N HIS C 238 10.42 -13.14 -20.75
CA HIS C 238 9.85 -13.44 -19.43
C HIS C 238 8.40 -13.88 -19.56
N LEU C 239 7.99 -14.62 -18.55
CA LEU C 239 6.58 -14.91 -18.26
C LEU C 239 6.22 -14.13 -17.01
N ALA C 240 5.02 -13.59 -16.96
CA ALA C 240 4.61 -12.71 -15.86
C ALA C 240 3.35 -13.28 -15.20
N PHE C 241 3.28 -13.07 -13.89
CA PHE C 241 2.13 -13.45 -13.04
C PHE C 241 1.66 -12.19 -12.31
N PHE C 242 0.39 -12.21 -11.95
CA PHE C 242 -0.35 -11.02 -11.45
C PHE C 242 -0.62 -11.08 -9.97
N TYR C 243 -0.30 -9.98 -9.27
CA TYR C 243 -0.72 -9.70 -7.87
C TYR C 243 -1.88 -8.70 -7.83
N GLY C 244 -1.81 -7.61 -8.61
CA GLY C 244 -2.79 -6.51 -8.61
C GLY C 244 -2.50 -5.47 -7.52
N THR C 245 -1.47 -5.69 -6.69
CA THR C 245 -1.16 -4.87 -5.48
C THR C 245 0.34 -4.62 -5.49
N GLY C 246 0.80 -3.37 -5.50
CA GLY C 246 2.23 -3.02 -5.54
C GLY C 246 2.97 -3.58 -4.34
N GLN C 247 2.30 -3.61 -3.18
CA GLN C 247 2.97 -4.09 -1.94
C GLN C 247 3.39 -5.54 -2.13
N HIS C 248 2.70 -6.34 -2.94
CA HIS C 248 3.03 -7.77 -3.07
C HIS C 248 4.36 -7.90 -3.82
N ASN C 249 4.71 -6.94 -4.66
CA ASN C 249 6.05 -6.96 -5.29
C ASN C 249 7.09 -6.64 -4.22
N ILE C 250 6.82 -5.70 -3.34
CA ILE C 250 7.70 -5.41 -2.20
C ILE C 250 7.86 -6.65 -1.33
N ASP C 251 6.74 -7.30 -0.97
CA ASP C 251 6.80 -8.52 -0.17
C ASP C 251 7.57 -9.59 -0.94
N ALA C 252 7.30 -9.76 -2.22
CA ALA C 252 7.94 -10.82 -3.01
C ALA C 252 9.45 -10.55 -3.06
N VAL C 253 9.87 -9.30 -3.28
CA VAL C 253 11.35 -9.08 -3.47
C VAL C 253 12.06 -9.33 -2.13
N GLU C 254 11.42 -9.02 -0.99
CA GLU C 254 12.05 -9.27 0.34
C GLU C 254 12.19 -10.78 0.58
N MET C 255 11.18 -11.53 0.18
CA MET C 255 11.17 -13.00 0.22
C MET C 255 12.30 -13.54 -0.68
N PHE C 256 12.36 -13.12 -1.92
CA PHE C 256 13.41 -13.58 -2.86
C PHE C 256 14.80 -13.21 -2.31
N ARG C 257 14.94 -12.02 -1.74
CA ARG C 257 16.26 -11.58 -1.25
C ARG C 257 16.72 -12.52 -0.13
N ASP C 258 15.87 -12.81 0.86
CA ASP C 258 16.25 -13.62 2.04
C ASP C 258 16.24 -15.11 1.74
N TYR C 259 15.68 -15.58 0.64
CA TYR C 259 15.64 -17.02 0.32
C TYR C 259 16.39 -17.28 -0.97
N ASP C 260 17.33 -16.41 -1.31
CA ASP C 260 18.44 -16.68 -2.28
C ASP C 260 17.91 -16.87 -3.71
N ILE C 261 16.93 -16.08 -4.13
CA ILE C 261 16.54 -15.99 -5.56
C ILE C 261 17.20 -14.74 -6.15
N GLN C 262 17.73 -14.86 -7.35
CA GLN C 262 18.39 -13.73 -8.02
C GLN C 262 17.35 -12.70 -8.48
N ILE C 263 17.51 -11.45 -8.07
CA ILE C 263 16.62 -10.32 -8.43
C ILE C 263 17.31 -9.50 -9.51
N GLU C 264 16.61 -9.27 -10.62
CA GLU C 264 17.16 -8.48 -11.73
C GLU C 264 16.88 -7.00 -11.53
N ALA C 265 15.63 -6.61 -11.34
CA ALA C 265 15.25 -5.21 -11.27
C ALA C 265 13.88 -5.11 -10.62
N GLY C 266 13.62 -3.94 -10.07
CA GLY C 266 12.35 -3.63 -9.38
C GLY C 266 12.46 -3.98 -7.92
N PRO C 267 11.42 -3.72 -7.12
CA PRO C 267 10.16 -3.20 -7.60
C PRO C 267 10.20 -1.74 -8.09
N ASP C 268 9.52 -1.46 -9.19
CA ASP C 268 9.32 -0.09 -9.69
C ASP C 268 8.14 -0.17 -10.64
N LYS C 269 7.94 0.86 -11.43
CA LYS C 269 6.80 1.00 -12.34
C LYS C 269 7.35 1.34 -13.73
N HIS C 270 7.03 0.53 -14.72
CA HIS C 270 7.35 0.82 -16.13
C HIS C 270 6.52 2.03 -16.60
N GLY C 271 7.12 3.05 -17.20
CA GLY C 271 6.35 4.08 -17.94
C GLY C 271 5.54 3.42 -19.08
N ILE C 272 6.17 2.53 -19.80
CA ILE C 272 5.53 1.71 -20.86
C ILE C 272 4.61 0.72 -20.18
N THR C 273 3.31 0.77 -20.46
CA THR C 273 2.19 -0.01 -19.84
C THR C 273 1.79 0.53 -18.46
N GLN C 274 2.61 1.33 -17.81
CA GLN C 274 2.31 1.79 -16.44
C GLN C 274 2.11 0.57 -15.54
N SER C 275 2.95 -0.41 -15.65
CA SER C 275 2.81 -1.65 -14.83
CA SER C 275 2.79 -1.62 -14.80
C SER C 275 3.85 -1.64 -13.72
N GLN C 276 3.45 -1.99 -12.51
CA GLN C 276 4.37 -2.24 -11.37
C GLN C 276 5.00 -3.61 -11.58
N PHE C 277 6.31 -3.64 -11.59
CA PHE C 277 7.09 -4.81 -12.05
C PHE C 277 8.15 -5.17 -11.00
N LEU C 278 8.48 -6.45 -11.01
CA LEU C 278 9.61 -7.07 -10.30
C LEU C 278 10.09 -8.23 -11.16
N TYR C 279 11.36 -8.24 -11.50
CA TYR C 279 11.94 -9.31 -12.33
C TYR C 279 12.92 -10.12 -11.50
N VAL C 280 12.74 -11.43 -11.53
CA VAL C 280 13.63 -12.38 -10.85
C VAL C 280 13.94 -13.53 -11.83
N PHE C 281 14.94 -14.32 -11.48
CA PHE C 281 15.28 -15.56 -12.19
C PHE C 281 14.84 -16.73 -11.33
N GLU C 282 13.96 -17.56 -11.86
CA GLU C 282 13.65 -18.83 -11.16
C GLU C 282 14.86 -19.75 -11.32
N PRO C 283 15.01 -20.76 -10.43
CA PRO C 283 16.23 -21.57 -10.38
C PRO C 283 16.62 -22.25 -11.70
N GLY C 284 15.67 -22.57 -12.56
CA GLY C 284 15.97 -23.16 -13.88
C GLY C 284 16.57 -22.19 -14.87
N GLY C 285 16.56 -20.87 -14.59
CA GLY C 285 17.15 -19.84 -15.45
C GLY C 285 16.15 -18.97 -16.17
N ASN C 286 14.85 -19.27 -16.10
CA ASN C 286 13.85 -18.44 -16.81
C ASN C 286 13.62 -17.15 -15.99
N ARG C 287 13.44 -16.05 -16.72
CA ARG C 287 13.07 -14.76 -16.09
C ARG C 287 11.57 -14.76 -15.84
N ILE C 288 11.21 -14.43 -14.60
CA ILE C 288 9.78 -14.35 -14.19
C ILE C 288 9.52 -12.91 -13.75
N GLU C 289 8.39 -12.33 -14.18
CA GLU C 289 8.00 -10.98 -13.74
C GLU C 289 6.77 -11.14 -12.84
N LEU C 290 6.76 -10.37 -11.75
CA LEU C 290 5.59 -10.24 -10.84
C LEU C 290 5.01 -8.84 -11.08
N PHE C 291 3.70 -8.77 -11.32
CA PHE C 291 3.00 -7.54 -11.72
C PHE C 291 2.19 -7.09 -10.52
N GLY C 292 2.33 -5.83 -10.14
CA GLY C 292 1.51 -5.25 -9.06
C GLY C 292 0.20 -4.74 -9.64
N GLU C 293 -0.12 -3.48 -9.44
CA GLU C 293 -1.40 -2.86 -9.89
C GLU C 293 -1.52 -2.99 -11.40
N ALA C 294 -2.70 -3.31 -11.86
CA ALA C 294 -2.94 -3.52 -13.31
C ALA C 294 -2.41 -2.30 -14.07
N GLY C 295 -2.61 -1.10 -13.52
CA GLY C 295 -2.13 0.15 -14.17
C GLY C 295 -3.15 0.72 -15.15
N TYR C 296 -2.72 0.91 -16.43
CA TYR C 296 -3.46 1.72 -17.44
C TYR C 296 -4.32 0.81 -18.29
N LEU C 297 -5.62 0.90 -18.11
CA LEU C 297 -6.58 0.14 -18.91
C LEU C 297 -6.95 0.97 -20.15
N HIS C 298 -6.94 0.29 -21.28
CA HIS C 298 -7.13 0.92 -22.60
C HIS C 298 -8.62 0.92 -22.95
N LEU C 299 -9.37 1.78 -22.29
CA LEU C 299 -10.84 1.91 -22.45
C LEU C 299 -11.12 2.57 -23.81
N ASP C 300 -10.33 3.58 -24.19
CA ASP C 300 -10.52 4.29 -25.48
C ASP C 300 -10.28 3.25 -26.61
N PRO C 301 -11.35 2.89 -27.37
CA PRO C 301 -11.25 1.84 -28.39
C PRO C 301 -10.41 2.16 -29.65
N ASP C 302 -10.06 3.40 -29.90
CA ASP C 302 -9.27 3.74 -31.11
C ASP C 302 -8.16 4.72 -30.73
N ALA C 303 -7.51 4.51 -29.59
CA ALA C 303 -6.28 5.24 -29.24
C ALA C 303 -5.22 4.94 -30.30
N GLU C 304 -4.41 5.91 -30.66
CA GLU C 304 -3.22 5.68 -31.48
C GLU C 304 -2.22 4.90 -30.64
N THR C 305 -1.45 4.01 -31.28
CA THR C 305 -0.22 3.41 -30.74
C THR C 305 0.65 4.54 -30.19
N LYS C 306 1.17 4.38 -28.97
CA LYS C 306 2.10 5.36 -28.39
C LYS C 306 3.50 4.87 -28.74
N THR C 307 4.28 5.67 -29.45
CA THR C 307 5.64 5.31 -29.90
C THR C 307 6.66 6.01 -29.04
N TRP C 308 7.44 5.23 -28.32
CA TRP C 308 8.53 5.71 -27.44
C TRP C 308 9.79 5.75 -28.30
N GLN C 309 10.40 6.93 -28.38
CA GLN C 309 11.66 7.20 -29.12
C GLN C 309 12.75 6.98 -28.11
N MET C 310 13.97 7.38 -28.45
CA MET C 310 15.14 7.27 -27.54
C MET C 310 15.21 8.51 -26.63
N SER C 311 14.58 9.61 -27.02
CA SER C 311 14.39 10.87 -26.21
C SER C 311 13.28 10.68 -25.15
N ASP C 312 12.32 9.81 -25.47
CA ASP C 312 11.20 9.39 -24.59
C ASP C 312 11.68 8.37 -23.55
N ILE C 313 12.87 7.76 -23.73
CA ILE C 313 13.06 6.35 -23.31
C ILE C 313 13.11 6.16 -21.79
N ASP C 314 13.70 7.08 -21.06
CA ASP C 314 14.09 6.88 -19.64
C ASP C 314 12.86 6.45 -18.80
N THR C 315 11.81 7.27 -18.80
CA THR C 315 10.53 6.99 -18.12
C THR C 315 9.93 5.66 -18.61
N GLY C 316 10.13 5.26 -19.87
CA GLY C 316 9.52 4.03 -20.43
C GLY C 316 9.91 2.82 -19.62
N LEU C 317 11.19 2.78 -19.32
CA LEU C 317 11.82 1.69 -18.56
C LEU C 317 11.36 1.71 -17.08
N ALA C 318 11.44 2.86 -16.45
CA ALA C 318 11.12 2.97 -15.01
C ALA C 318 10.77 4.42 -14.67
N VAL C 319 9.64 4.59 -13.98
CA VAL C 319 9.23 5.92 -13.49
C VAL C 319 10.13 6.32 -12.34
N GLY C 320 10.44 5.36 -11.45
CA GLY C 320 11.30 5.61 -10.30
C GLY C 320 12.75 5.52 -10.69
N GLY C 321 13.60 5.29 -9.71
CA GLY C 321 15.06 5.29 -9.84
C GLY C 321 15.59 4.01 -10.41
N ALA C 322 14.75 3.01 -10.68
CA ALA C 322 15.25 1.68 -11.07
C ALA C 322 16.11 1.77 -12.33
N LYS C 323 17.17 0.97 -12.33
CA LYS C 323 18.07 0.76 -13.48
C LYS C 323 17.91 -0.69 -13.95
N LEU C 324 17.51 -0.88 -15.20
CA LEU C 324 17.47 -2.23 -15.83
C LEU C 324 18.88 -2.60 -16.30
N PRO C 325 19.45 -3.74 -15.83
CA PRO C 325 20.84 -4.06 -16.15
C PRO C 325 21.00 -4.40 -17.64
N TRP C 326 21.88 -3.65 -18.31
CA TRP C 326 22.31 -3.91 -19.70
C TRP C 326 22.69 -5.39 -19.88
N GLU C 327 23.45 -5.91 -18.93
CA GLU C 327 24.13 -7.22 -19.06
C GLU C 327 23.15 -8.37 -18.91
N SER C 328 21.86 -8.15 -18.62
CA SER C 328 20.89 -9.25 -18.56
C SER C 328 19.62 -8.83 -19.29
N TYR C 329 19.12 -7.64 -19.01
CA TYR C 329 17.71 -7.32 -19.37
C TYR C 329 17.61 -7.23 -20.88
N PHE C 330 18.62 -6.66 -21.50
CA PHE C 330 18.58 -6.33 -22.94
C PHE C 330 19.14 -7.48 -23.78
N THR C 331 19.74 -8.51 -23.16
CA THR C 331 20.57 -9.53 -23.86
C THR C 331 20.25 -10.97 -23.48
N TYR C 332 19.74 -11.24 -22.27
CA TYR C 332 19.51 -12.62 -21.79
C TYR C 332 18.03 -12.97 -21.96
N GLY C 333 17.82 -14.11 -22.63
CA GLY C 333 16.54 -14.83 -22.69
C GLY C 333 16.79 -16.33 -22.72
N THR C 334 15.73 -17.12 -22.69
CA THR C 334 15.85 -18.60 -22.58
C THR C 334 15.20 -19.24 -23.80
N PRO C 335 15.81 -20.30 -24.39
CA PRO C 335 17.12 -20.82 -23.97
C PRO C 335 18.29 -19.90 -24.34
N SER C 336 19.32 -19.88 -23.52
CA SER C 336 20.54 -19.05 -23.64
C SER C 336 21.70 -20.00 -23.96
N PRO C 337 22.57 -19.71 -24.96
CA PRO C 337 23.72 -20.58 -25.22
C PRO C 337 24.66 -20.57 -24.01
N LEU C 338 24.55 -19.57 -23.12
CA LEU C 338 25.33 -19.44 -21.87
C LEU C 338 24.41 -19.58 -20.65
N SER C 339 24.94 -20.10 -19.55
CA SER C 339 24.35 -19.99 -18.20
C SER C 339 24.11 -18.51 -17.90
N LEU C 340 23.23 -18.20 -16.96
CA LEU C 340 22.95 -16.79 -16.59
C LEU C 340 24.25 -16.14 -16.12
N ASP C 341 25.01 -16.83 -15.27
CA ASP C 341 26.28 -16.32 -14.69
C ASP C 341 27.27 -16.07 -15.83
N GLN C 342 27.44 -17.02 -16.75
CA GLN C 342 28.34 -16.89 -17.93
C GLN C 342 27.86 -15.74 -18.83
N HIS C 343 26.54 -15.62 -19.02
CA HIS C 343 25.96 -14.51 -19.82
C HIS C 343 26.36 -13.14 -19.23
N ILE C 344 26.12 -12.94 -17.94
CA ILE C 344 26.36 -11.66 -17.22
C ILE C 344 27.85 -11.34 -17.30
N GLU C 345 28.69 -12.36 -17.07
CA GLU C 345 30.18 -12.29 -17.24
C GLU C 345 30.50 -11.70 -18.62
N LYS C 346 30.00 -12.33 -19.68
CA LYS C 346 30.34 -11.95 -21.06
C LYS C 346 29.85 -10.54 -21.39
N TYR C 347 28.62 -10.18 -21.02
CA TYR C 347 27.97 -8.93 -21.52
C TYR C 347 28.31 -7.76 -20.59
N ALA C 348 28.86 -8.05 -19.40
CA ALA C 348 29.61 -7.07 -18.57
C ALA C 348 31.10 -7.12 -18.98
N PRO C 357 33.64 -9.77 -29.20
CA PRO C 357 33.08 -9.13 -30.42
C PRO C 357 31.54 -9.06 -30.41
N ASP C 358 30.91 -10.08 -29.79
CA ASP C 358 29.44 -10.27 -29.69
C ASP C 358 28.80 -9.19 -28.80
N ALA C 359 29.36 -8.97 -27.60
CA ALA C 359 28.95 -7.90 -26.65
C ALA C 359 29.05 -6.51 -27.35
N LEU C 360 30.13 -6.24 -28.10
CA LEU C 360 30.35 -4.94 -28.81
C LEU C 360 29.35 -4.78 -29.98
N ALA C 361 29.09 -5.86 -30.74
CA ALA C 361 28.08 -5.90 -31.82
C ALA C 361 26.71 -5.48 -31.25
N ALA C 362 26.32 -6.05 -30.10
CA ALA C 362 25.07 -5.72 -29.35
C ALA C 362 25.07 -4.24 -28.98
N GLU C 363 26.18 -3.75 -28.40
CA GLU C 363 26.33 -2.33 -27.97
C GLU C 363 26.14 -1.40 -29.17
N LEU C 364 26.74 -1.70 -30.33
CA LEU C 364 26.71 -0.81 -31.53
C LEU C 364 25.30 -0.81 -32.15
N SER C 365 24.57 -1.93 -32.11
CA SER C 365 23.21 -2.03 -32.70
C SER C 365 22.19 -1.23 -31.85
N VAL C 366 22.38 -1.16 -30.52
CA VAL C 366 21.50 -0.42 -29.57
C VAL C 366 21.83 1.08 -29.61
N PRO C 367 20.83 1.97 -29.75
CA PRO C 367 21.09 3.41 -29.65
C PRO C 367 21.48 3.84 -28.22
N ASP C 368 22.38 4.82 -28.11
CA ASP C 368 23.09 5.20 -26.85
C ASP C 368 22.13 5.79 -25.82
N GLU C 369 21.02 6.40 -26.25
CA GLU C 369 20.01 7.01 -25.33
C GLU C 369 19.36 5.88 -24.53
N LEU C 370 19.22 4.70 -25.13
CA LEU C 370 18.72 3.44 -24.50
C LEU C 370 19.88 2.83 -23.69
N GLU C 371 21.06 2.68 -24.30
CA GLU C 371 22.25 2.01 -23.69
C GLU C 371 22.76 2.80 -22.47
N HIS C 372 22.82 4.14 -22.55
CA HIS C 372 23.34 5.04 -21.50
C HIS C 372 22.20 5.84 -20.85
N SER C 373 20.95 5.39 -21.00
CA SER C 373 19.79 5.90 -20.22
C SER C 373 20.12 5.85 -18.71
N ARG C 374 19.60 6.83 -17.95
CA ARG C 374 19.66 6.81 -16.45
C ARG C 374 18.85 5.60 -15.90
N ALA C 375 18.04 4.90 -16.73
CA ALA C 375 17.24 3.71 -16.32
C ALA C 375 17.95 2.39 -16.71
N VAL C 376 19.22 2.48 -17.13
CA VAL C 376 20.08 1.31 -17.49
C VAL C 376 21.35 1.38 -16.63
N ALA C 377 21.77 0.24 -16.06
CA ALA C 377 23.04 0.05 -15.32
C ALA C 377 23.94 -0.92 -16.12
N ASP C 378 25.25 -0.68 -16.17
CA ASP C 378 26.19 -1.61 -16.88
C ASP C 378 26.99 -2.43 -15.86
N ASP D 24 24.62 8.30 33.13
CA ASP D 24 23.70 7.68 32.11
C ASP D 24 23.06 8.80 31.29
N ALA D 25 23.72 9.19 30.19
CA ALA D 25 23.30 10.22 29.23
C ALA D 25 22.33 9.65 28.18
N ARG D 26 21.94 8.36 28.27
CA ARG D 26 21.25 7.61 27.18
C ARG D 26 20.01 8.39 26.71
N PHE D 27 19.29 8.98 27.66
CA PHE D 27 17.92 9.52 27.48
C PHE D 27 17.90 11.04 27.48
N ASP D 28 19.07 11.67 27.46
CA ASP D 28 19.21 13.15 27.55
C ASP D 28 18.73 13.82 26.24
N ILE D 29 18.87 13.19 25.09
CA ILE D 29 18.41 13.78 23.79
C ILE D 29 17.08 13.13 23.43
N ALA D 30 16.08 13.94 23.13
CA ALA D 30 14.72 13.48 22.79
C ALA D 30 14.66 13.18 21.30
N HIS D 31 14.96 14.16 20.44
CA HIS D 31 14.79 13.98 18.98
C HIS D 31 15.45 15.10 18.21
N LEU D 32 15.48 14.92 16.90
CA LEU D 32 15.96 15.95 15.95
C LEU D 32 14.84 16.98 15.74
N ALA D 33 15.02 18.22 16.23
CA ALA D 33 13.95 19.21 16.13
C ALA D 33 13.91 19.81 14.74
N ARG D 34 15.06 20.15 14.16
CA ARG D 34 15.03 21.05 13.00
C ARG D 34 16.37 21.03 12.29
N ALA D 35 16.37 21.55 11.09
CA ALA D 35 17.61 21.77 10.31
C ALA D 35 17.41 22.97 9.40
N GLU D 36 18.54 23.57 9.04
CA GLU D 36 18.64 24.70 8.12
C GLU D 36 19.40 24.25 6.89
N LEU D 37 18.81 24.45 5.73
CA LEU D 37 19.46 24.23 4.43
C LEU D 37 19.83 25.58 3.82
N PHE D 38 21.05 25.67 3.31
CA PHE D 38 21.52 26.76 2.43
C PHE D 38 21.13 26.39 1.01
N SER D 39 20.65 27.37 0.25
CA SER D 39 20.30 27.22 -1.18
C SER D 39 20.70 28.49 -1.96
N PRO D 40 21.41 28.34 -3.09
CA PRO D 40 21.66 29.41 -4.03
C PRO D 40 20.48 29.61 -4.97
N LYS D 41 19.41 28.80 -4.82
CA LYS D 41 18.15 29.00 -5.59
C LYS D 41 17.02 28.98 -4.59
N PRO D 42 16.98 29.96 -3.67
CA PRO D 42 16.11 29.89 -2.52
C PRO D 42 14.62 29.80 -2.87
N GLN D 43 14.17 30.46 -3.93
CA GLN D 43 12.74 30.45 -4.27
C GLN D 43 12.41 29.07 -4.85
N GLU D 44 13.29 28.49 -5.64
CA GLU D 44 13.04 27.13 -6.22
C GLU D 44 13.07 26.08 -5.10
N THR D 45 13.98 26.21 -4.14
CA THR D 45 14.03 25.33 -2.95
C THR D 45 12.70 25.48 -2.20
N LEU D 46 12.24 26.72 -1.96
CA LEU D 46 10.99 26.95 -1.23
C LEU D 46 9.84 26.29 -2.00
N ASP D 47 9.78 26.47 -3.31
CA ASP D 47 8.69 25.89 -4.14
C ASP D 47 8.71 24.35 -4.04
N PHE D 48 9.89 23.76 -3.98
CA PHE D 48 10.04 22.29 -3.83
C PHE D 48 9.35 21.83 -2.52
N PHE D 49 9.62 22.53 -1.40
CA PHE D 49 9.13 22.09 -0.09
C PHE D 49 7.66 22.41 0.09
N THR D 50 7.11 23.43 -0.58
CA THR D 50 5.69 23.84 -0.44
C THR D 50 4.84 23.15 -1.51
N LYS D 51 5.25 23.20 -2.78
CA LYS D 51 4.39 22.70 -3.89
C LYS D 51 4.48 21.18 -4.00
N PHE D 52 5.63 20.58 -3.79
CA PHE D 52 5.81 19.10 -3.89
C PHE D 52 5.59 18.46 -2.52
N LEU D 53 6.19 18.99 -1.47
CA LEU D 53 6.20 18.29 -0.16
C LEU D 53 5.20 18.93 0.82
N GLY D 54 4.44 19.94 0.40
CA GLY D 54 3.25 20.41 1.11
C GLY D 54 3.56 20.94 2.50
N MET D 55 4.75 21.51 2.68
CA MET D 55 5.13 22.07 3.99
C MET D 55 4.47 23.44 4.21
N TYR D 56 4.11 23.71 5.44
CA TYR D 56 3.54 24.99 5.89
C TYR D 56 4.67 25.98 6.12
N VAL D 57 4.49 27.20 5.65
CA VAL D 57 5.39 28.35 5.94
C VAL D 57 4.86 29.08 7.17
N THR D 58 5.68 29.22 8.19
CA THR D 58 5.26 29.78 9.50
C THR D 58 5.97 31.09 9.78
N HIS D 59 7.08 31.41 9.12
CA HIS D 59 7.87 32.62 9.44
C HIS D 59 8.81 32.94 8.31
N ARG D 60 9.09 34.24 8.14
CA ARG D 60 10.16 34.73 7.24
C ARG D 60 10.98 35.74 8.00
N GLU D 61 12.29 35.70 7.85
CA GLU D 61 13.14 36.68 8.56
C GLU D 61 14.45 36.73 7.82
N GLY D 62 14.98 37.92 7.56
CA GLY D 62 16.23 38.08 6.80
C GLY D 62 16.04 37.44 5.45
N GLN D 63 16.96 36.59 5.05
CA GLN D 63 16.92 35.88 3.75
C GLN D 63 16.54 34.41 4.00
N SER D 64 15.77 34.15 5.04
CA SER D 64 15.37 32.79 5.47
C SER D 64 13.83 32.65 5.51
N VAL D 65 13.36 31.46 5.21
CA VAL D 65 11.94 31.05 5.35
C VAL D 65 11.92 29.81 6.22
N TYR D 66 10.92 29.71 7.07
CA TYR D 66 10.76 28.71 8.13
C TYR D 66 9.49 27.92 7.83
N LEU D 67 9.64 26.59 7.85
CA LEU D 67 8.59 25.64 7.42
C LEU D 67 8.47 24.52 8.43
N ARG D 68 7.27 23.95 8.50
CA ARG D 68 7.04 22.70 9.23
C ARG D 68 6.18 21.76 8.37
N GLY D 69 6.35 20.46 8.61
CA GLY D 69 5.40 19.46 8.12
C GLY D 69 4.21 19.49 9.06
N TYR D 70 3.08 18.95 8.63
CA TYR D 70 1.82 19.08 9.38
C TYR D 70 1.87 18.39 10.73
N GLU D 71 2.80 17.47 11.00
CA GLU D 71 2.91 16.83 12.34
C GLU D 71 4.21 17.21 13.04
N ASP D 72 4.96 18.17 12.52
CA ASP D 72 6.10 18.73 13.29
C ASP D 72 5.53 19.50 14.49
N PRO D 73 6.08 19.30 15.70
CA PRO D 73 5.46 19.84 16.91
C PRO D 73 5.75 21.33 17.16
N TYR D 74 6.82 21.87 16.60
CA TYR D 74 7.30 23.23 16.92
C TYR D 74 7.00 24.07 15.68
N PRO D 75 7.16 25.40 15.75
CA PRO D 75 6.73 26.24 14.64
C PRO D 75 7.51 26.02 13.34
N TRP D 76 8.72 25.49 13.44
CA TRP D 76 9.48 25.04 12.25
C TRP D 76 10.37 23.85 12.55
N SER D 77 10.56 23.03 11.50
CA SER D 77 11.54 21.93 11.43
C SER D 77 12.56 22.21 10.33
N LEU D 78 12.22 23.09 9.39
CA LEU D 78 13.09 23.39 8.23
C LEU D 78 13.21 24.92 8.09
N LYS D 79 14.46 25.35 7.92
CA LYS D 79 14.83 26.75 7.60
C LYS D 79 15.57 26.72 6.28
N ILE D 80 15.04 27.43 5.28
CA ILE D 80 15.68 27.63 3.97
C ILE D 80 16.33 29.01 3.99
N THR D 81 17.64 29.07 3.80
CA THR D 81 18.41 30.32 3.83
C THR D 81 19.11 30.53 2.49
N GLU D 82 18.85 31.66 1.85
CA GLU D 82 19.65 32.10 0.68
C GLU D 82 21.13 32.11 1.05
N ALA D 83 21.97 31.55 0.18
CA ALA D 83 23.43 31.49 0.38
C ALA D 83 24.06 31.25 -0.97
N PRO D 84 25.37 31.59 -1.12
CA PRO D 84 26.05 31.37 -2.40
C PRO D 84 26.28 29.91 -2.72
N GLU D 85 26.21 29.03 -1.71
CA GLU D 85 26.42 27.56 -1.87
C GLU D 85 25.34 26.81 -1.07
N ALA D 86 25.07 25.57 -1.45
CA ALA D 86 24.14 24.66 -0.74
C ALA D 86 24.84 24.13 0.52
N GLY D 87 24.10 23.42 1.37
CA GLY D 87 24.67 22.73 2.53
C GLY D 87 23.79 22.89 3.75
N MET D 88 24.26 22.43 4.89
CA MET D 88 23.52 22.50 6.15
C MET D 88 23.99 23.71 6.95
N GLY D 89 23.09 24.66 7.23
CA GLY D 89 23.40 25.77 8.15
C GLY D 89 23.60 25.25 9.55
N HIS D 90 22.69 24.39 10.00
CA HIS D 90 22.80 23.73 11.32
C HIS D 90 21.74 22.61 11.42
N ALA D 91 21.89 21.78 12.44
CA ALA D 91 20.79 20.91 12.90
C ALA D 91 20.70 21.08 14.40
N ALA D 92 19.46 21.08 14.93
CA ALA D 92 19.25 21.18 16.38
C ALA D 92 18.52 19.96 16.87
N MET D 93 19.02 19.40 17.97
CA MET D 93 18.38 18.34 18.77
C MET D 93 17.72 18.93 20.00
N ARG D 94 16.52 18.44 20.30
CA ARG D 94 15.83 18.83 21.52
C ARG D 94 16.17 17.76 22.59
N THR D 95 16.51 18.24 23.79
CA THR D 95 16.77 17.43 24.97
C THR D 95 15.44 16.96 25.58
N SER D 96 15.52 16.07 26.56
CA SER D 96 14.34 15.45 27.21
C SER D 96 14.00 16.24 28.47
N SER D 97 14.82 17.21 28.83
CA SER D 97 14.56 18.15 29.97
C SER D 97 15.51 19.33 29.89
N PRO D 98 15.23 20.41 30.64
CA PRO D 98 16.20 21.51 30.76
C PRO D 98 17.50 21.03 31.42
N GLU D 99 17.41 20.13 32.40
CA GLU D 99 18.59 19.63 33.12
C GLU D 99 19.46 18.85 32.13
N ALA D 100 18.85 18.05 31.24
CA ALA D 100 19.60 17.30 30.23
C ALA D 100 20.37 18.27 29.34
N LEU D 101 19.80 19.41 28.98
CA LEU D 101 20.52 20.40 28.16
C LEU D 101 21.77 20.88 28.92
N GLU D 102 21.63 21.20 30.20
CA GLU D 102 22.80 21.67 31.01
C GLU D 102 23.82 20.53 31.05
N ARG D 103 23.40 19.29 31.28
CA ARG D 103 24.36 18.16 31.36
C ARG D 103 25.09 17.98 30.03
N ARG D 104 24.38 18.00 28.88
CA ARG D 104 25.05 17.75 27.58
C ARG D 104 26.02 18.89 27.25
N ALA D 105 25.59 20.15 27.43
CA ALA D 105 26.46 21.33 27.15
C ALA D 105 27.71 21.25 28.05
N LYS D 106 27.54 20.87 29.30
CA LYS D 106 28.68 20.73 30.26
C LYS D 106 29.61 19.60 29.81
N SER D 107 29.07 18.48 29.33
CA SER D 107 29.89 17.35 28.84
C SER D 107 30.76 17.88 27.71
N LEU D 108 30.16 18.60 26.77
CA LEU D 108 30.91 19.10 25.58
C LEU D 108 31.99 20.10 26.02
N THR D 109 31.65 21.09 26.84
CA THR D 109 32.58 22.11 27.39
C THR D 109 33.73 21.41 28.11
N ASP D 110 33.44 20.49 29.04
CA ASP D 110 34.46 19.69 29.77
C ASP D 110 35.31 18.90 28.78
N GLY D 111 34.80 18.55 27.60
CA GLY D 111 35.58 17.83 26.58
C GLY D 111 36.31 18.78 25.64
N ASN D 112 36.42 20.06 26.01
CA ASN D 112 37.16 21.10 25.25
C ASN D 112 36.49 21.38 23.91
N VAL D 113 35.19 21.16 23.81
CA VAL D 113 34.41 21.57 22.61
C VAL D 113 33.96 23.01 22.86
N ASP D 114 34.25 23.89 21.93
CA ASP D 114 33.87 25.33 22.00
C ASP D 114 32.38 25.45 21.68
N GLY D 115 31.59 25.92 22.63
CA GLY D 115 30.17 26.19 22.40
C GLY D 115 29.83 27.63 22.62
N THR D 116 28.69 28.07 22.09
CA THR D 116 28.14 29.42 22.34
C THR D 116 26.66 29.26 22.68
N TRP D 117 26.19 30.03 23.67
CA TRP D 117 24.76 30.15 24.00
C TRP D 117 24.15 31.26 23.16
N SER D 118 22.98 31.01 22.60
CA SER D 118 22.22 31.96 21.75
C SER D 118 20.73 31.80 22.06
N GLU D 119 19.95 32.75 21.59
CA GLU D 119 18.49 32.71 21.65
C GLU D 119 18.03 33.71 20.59
N ASP D 120 18.21 33.35 19.31
CA ASP D 120 17.87 34.28 18.21
C ASP D 120 16.95 33.62 17.18
N GLN D 121 16.31 32.48 17.44
CA GLN D 121 15.45 31.82 16.42
C GLN D 121 13.99 31.87 16.86
N PHE D 122 13.12 32.36 15.99
CA PHE D 122 11.66 32.23 16.10
C PHE D 122 11.27 30.82 16.59
N GLY D 123 10.35 30.73 17.56
CA GLY D 123 9.64 29.50 17.96
C GLY D 123 10.41 28.69 19.01
N TYR D 124 11.62 29.14 19.37
CA TYR D 124 12.52 28.37 20.26
C TYR D 124 13.24 29.33 21.21
N GLY D 125 13.85 28.79 22.27
CA GLY D 125 14.54 29.60 23.30
C GLY D 125 16.01 29.30 23.30
N LYS D 126 16.54 29.08 24.50
CA LYS D 126 17.99 29.05 24.78
C LYS D 126 18.58 27.82 24.09
N THR D 127 19.65 28.07 23.32
CA THR D 127 20.28 27.13 22.38
C THR D 127 21.79 27.14 22.60
N PHE D 128 22.36 25.96 22.66
CA PHE D 128 23.82 25.73 22.70
C PHE D 128 24.29 25.35 21.31
N GLU D 129 25.17 26.16 20.72
CA GLU D 129 25.73 25.92 19.37
C GLU D 129 27.16 25.41 19.50
N TYR D 130 27.49 24.35 18.75
CA TYR D 130 28.86 23.82 18.71
C TYR D 130 29.08 23.17 17.35
N GLN D 131 30.29 22.75 17.09
CA GLN D 131 30.63 22.06 15.83
C GLN D 131 31.00 20.62 16.13
N SER D 132 30.62 19.73 15.21
CA SER D 132 31.06 18.33 15.25
C SER D 132 32.57 18.34 15.08
N PRO D 133 33.26 17.24 15.39
CA PRO D 133 34.69 17.15 15.07
C PRO D 133 35.06 17.42 13.61
N ASP D 134 34.12 17.36 12.68
CA ASP D 134 34.38 17.56 11.22
C ASP D 134 33.84 18.91 10.76
N GLY D 135 33.31 19.73 11.67
CA GLY D 135 32.87 21.09 11.31
C GLY D 135 31.38 21.24 11.08
N HIS D 136 30.56 20.20 11.29
CA HIS D 136 29.08 20.33 11.12
C HIS D 136 28.53 21.21 12.23
N ASN D 137 27.64 22.15 11.91
CA ASN D 137 27.03 23.05 12.93
C ASN D 137 25.90 22.31 13.61
N LEU D 138 26.07 21.99 14.89
CA LEU D 138 25.08 21.25 15.70
C LEU D 138 24.61 22.15 16.83
N GLN D 139 23.38 21.90 17.28
CA GLN D 139 22.77 22.72 18.34
C GLN D 139 21.97 21.82 19.25
N LEU D 140 21.86 22.23 20.51
CA LEU D 140 21.02 21.58 21.51
C LEU D 140 20.10 22.60 22.13
N LEU D 141 18.86 22.21 22.37
CA LEU D 141 17.90 23.12 23.03
C LEU D 141 16.87 22.30 23.78
N TRP D 142 16.24 22.95 24.75
CA TRP D 142 15.06 22.44 25.47
C TRP D 142 13.84 23.27 25.10
N GLU D 143 13.96 24.60 25.13
CA GLU D 143 12.84 25.56 24.95
C GLU D 143 12.36 25.52 23.49
N ALA D 144 11.13 25.10 23.31
CA ALA D 144 10.50 24.96 21.98
C ALA D 144 9.01 25.23 22.14
N GLU D 145 8.49 26.24 21.47
CA GLU D 145 7.05 26.54 21.40
C GLU D 145 6.34 25.36 20.75
N LYS D 146 5.14 25.02 21.20
CA LYS D 146 4.28 24.01 20.54
C LYS D 146 3.46 24.76 19.49
N TYR D 147 3.61 24.39 18.22
CA TYR D 147 2.82 24.98 17.14
C TYR D 147 1.32 24.78 17.38
N VAL D 148 0.56 25.85 17.28
CA VAL D 148 -0.93 25.79 17.31
C VAL D 148 -1.48 26.28 15.99
N ALA D 149 -2.25 25.49 15.28
CA ALA D 149 -2.80 25.93 13.99
C ALA D 149 -3.94 26.91 14.23
N PRO D 150 -4.22 27.79 13.25
CA PRO D 150 -5.47 28.54 13.26
C PRO D 150 -6.62 27.57 13.29
N PRO D 151 -7.76 27.98 13.89
CA PRO D 151 -8.89 27.10 14.10
C PRO D 151 -9.27 26.26 12.87
N GLU D 152 -9.31 26.87 11.71
CA GLU D 152 -9.81 26.22 10.47
C GLU D 152 -8.80 25.17 9.98
N LEU D 153 -7.54 25.19 10.44
CA LEU D 153 -6.49 24.22 10.06
C LEU D 153 -6.23 23.17 11.15
N ARG D 154 -7.00 23.17 12.24
CA ARG D 154 -6.85 22.12 13.27
C ARG D 154 -7.45 20.82 12.75
N SER D 155 -6.89 19.72 13.18
CA SER D 155 -7.27 18.35 12.76
C SER D 155 -8.27 17.79 13.76
N LYS D 156 -9.17 16.96 13.29
CA LYS D 156 -10.02 16.11 14.16
C LYS D 156 -9.15 15.02 14.83
N ILE D 157 -7.94 14.77 14.34
CA ILE D 157 -6.97 13.80 14.90
C ILE D 157 -6.17 14.57 15.94
N LEU D 158 -6.37 14.32 17.22
CA LEU D 158 -5.90 15.26 18.26
C LEU D 158 -4.38 15.25 18.41
N THR D 159 -3.68 14.20 17.95
CA THR D 159 -2.19 14.16 17.99
C THR D 159 -1.65 15.01 16.84
N ARG D 160 -2.51 15.34 15.88
CA ARG D 160 -2.11 16.06 14.65
C ARG D 160 -2.39 17.54 14.79
N PRO D 161 -1.37 18.40 14.89
CA PRO D 161 -1.59 19.83 15.15
C PRO D 161 -2.16 20.61 13.96
N SER D 162 -2.00 20.12 12.71
CA SER D 162 -2.53 20.82 11.55
C SER D 162 -2.98 19.81 10.50
N LYS D 163 -4.07 20.09 9.83
CA LYS D 163 -4.56 19.25 8.72
C LYS D 163 -3.43 18.94 7.73
N LYS D 164 -3.44 17.72 7.23
CA LYS D 164 -2.67 17.36 6.04
C LYS D 164 -3.12 18.24 4.89
N PRO D 165 -2.19 18.98 4.28
CA PRO D 165 -2.53 19.86 3.18
C PRO D 165 -3.01 19.07 1.94
N LEU D 166 -3.69 19.81 1.07
CA LEU D 166 -4.21 19.31 -0.22
C LEU D 166 -3.20 19.62 -1.34
N GLN D 167 -1.96 19.91 -1.01
CA GLN D 167 -0.91 20.29 -1.99
C GLN D 167 0.19 19.24 -2.03
N GLY D 168 0.50 18.75 -3.24
CA GLY D 168 1.61 17.81 -3.45
C GLY D 168 1.37 16.47 -2.71
N ILE D 169 2.46 15.85 -2.28
CA ILE D 169 2.46 14.62 -1.44
C ILE D 169 3.08 15.07 -0.13
N PRO D 170 2.26 15.56 0.81
CA PRO D 170 2.81 16.32 1.97
C PRO D 170 3.53 15.42 2.98
N VAL D 171 4.71 15.87 3.40
CA VAL D 171 5.50 15.21 4.45
C VAL D 171 4.86 15.50 5.80
N LYS D 172 4.91 14.53 6.71
CA LYS D 172 4.41 14.72 8.09
C LYS D 172 5.38 15.58 8.86
N ARG D 173 6.69 15.30 8.75
CA ARG D 173 7.67 15.86 9.71
C ARG D 173 9.08 15.67 9.18
N ILE D 174 10.03 16.34 9.82
CA ILE D 174 11.47 15.99 9.71
C ILE D 174 11.66 14.56 10.22
N ASP D 175 12.64 13.85 9.68
CA ASP D 175 12.93 12.46 10.11
C ASP D 175 14.35 12.33 10.66
N HIS D 176 15.35 12.61 9.84
CA HIS D 176 16.75 12.33 10.24
C HIS D 176 17.70 13.11 9.36
N LEU D 177 18.96 13.02 9.73
CA LEU D 177 20.06 13.77 9.14
C LEU D 177 21.16 12.78 8.80
N ASN D 178 21.78 12.92 7.63
CA ASN D 178 22.95 12.10 7.30
C ASN D 178 24.10 13.05 6.99
N LEU D 179 25.13 13.02 7.84
CA LEU D 179 26.34 13.88 7.74
C LEU D 179 27.44 13.14 7.01
N MET D 180 28.16 13.83 6.16
CA MET D 180 29.39 13.29 5.53
C MET D 180 30.56 13.75 6.37
N SER D 181 31.51 12.88 6.65
CA SER D 181 32.69 13.23 7.49
C SER D 181 33.97 12.64 6.89
N SER D 182 35.10 13.32 7.07
CA SER D 182 36.43 12.77 6.75
C SER D 182 36.72 11.65 7.74
N ASP D 183 36.08 11.68 8.91
CA ASP D 183 36.31 10.70 10.00
C ASP D 183 34.98 10.34 10.66
N VAL D 184 34.41 9.22 10.29
CA VAL D 184 33.10 8.78 10.86
C VAL D 184 33.26 8.51 12.36
N THR D 185 34.33 7.86 12.80
CA THR D 185 34.50 7.47 14.22
C THR D 185 34.54 8.70 15.12
N ALA D 186 35.23 9.77 14.71
CA ALA D 186 35.33 11.00 15.52
C ALA D 186 33.92 11.58 15.72
N VAL D 187 33.12 11.62 14.65
CA VAL D 187 31.71 12.13 14.74
C VAL D 187 30.89 11.20 15.65
N LYS D 188 30.92 9.90 15.39
CA LYS D 188 30.24 8.87 16.21
C LYS D 188 30.61 9.00 17.69
N ASP D 189 31.90 9.06 18.02
CA ASP D 189 32.35 9.12 19.43
C ASP D 189 31.81 10.38 20.09
N SER D 190 31.70 11.51 19.37
CA SER D 190 31.10 12.75 19.90
C SER D 190 29.65 12.51 20.32
N PHE D 191 28.85 11.97 19.40
CA PHE D 191 27.42 11.66 19.69
C PHE D 191 27.32 10.66 20.83
N GLU D 192 28.15 9.60 20.82
CA GLU D 192 28.07 8.55 21.87
C GLU D 192 28.47 9.15 23.22
N ARG D 193 29.65 9.75 23.28
CA ARG D 193 30.32 10.12 24.56
C ARG D 193 29.68 11.41 25.10
N HIS D 194 29.41 12.41 24.28
CA HIS D 194 28.87 13.71 24.77
C HIS D 194 27.34 13.75 24.77
N LEU D 195 26.65 13.06 23.86
CA LEU D 195 25.17 13.19 23.74
C LEU D 195 24.47 11.93 24.21
N GLY D 196 25.18 10.84 24.47
CA GLY D 196 24.59 9.58 24.97
C GLY D 196 23.91 8.76 23.88
N PHE D 197 24.12 9.07 22.61
CA PHE D 197 23.55 8.26 21.49
C PHE D 197 24.11 6.85 21.54
N ARG D 198 23.33 5.89 21.06
CA ARG D 198 23.88 4.55 20.76
C ARG D 198 23.98 4.43 19.26
N THR D 199 24.89 3.61 18.79
CA THR D 199 25.07 3.29 17.38
C THR D 199 24.32 1.98 17.16
N THR D 200 23.20 2.03 16.42
CA THR D 200 22.38 0.83 16.18
C THR D 200 23.03 -0.07 15.15
N GLU D 201 23.60 0.51 14.11
CA GLU D 201 24.18 -0.18 12.94
C GLU D 201 25.37 0.62 12.43
N ARG D 202 26.29 -0.06 11.78
CA ARG D 202 27.45 0.59 11.17
C ARG D 202 27.94 -0.29 10.04
N VAL D 203 28.67 0.33 9.12
CA VAL D 203 29.34 -0.37 7.99
C VAL D 203 30.85 -0.16 8.23
N VAL D 204 31.61 -1.24 8.20
CA VAL D 204 33.09 -1.18 8.37
C VAL D 204 33.77 -1.71 7.11
N ASP D 205 34.95 -1.17 6.84
CA ASP D 205 35.86 -1.74 5.82
C ASP D 205 37.22 -1.89 6.50
N GLY D 206 37.64 -3.13 6.71
CA GLY D 206 38.74 -3.44 7.62
C GLY D 206 38.44 -2.83 8.98
N ASN D 207 39.32 -1.92 9.42
CA ASN D 207 39.24 -1.32 10.78
C ASN D 207 38.67 0.09 10.70
N VAL D 208 38.20 0.49 9.52
CA VAL D 208 37.67 1.86 9.26
C VAL D 208 36.13 1.80 9.24
N GLU D 209 35.46 2.63 10.06
CA GLU D 209 33.99 2.83 10.03
C GLU D 209 33.68 3.73 8.84
N ILE D 210 32.95 3.25 7.84
CA ILE D 210 32.56 4.13 6.72
C ILE D 210 31.08 4.59 6.86
N GLY D 211 30.32 4.02 7.77
CA GLY D 211 29.01 4.59 8.17
C GLY D 211 28.64 4.22 9.60
N ALA D 212 27.95 5.11 10.30
CA ALA D 212 27.36 4.86 11.62
C ALA D 212 25.95 5.48 11.65
N TRP D 213 25.01 4.73 12.17
CA TRP D 213 23.59 5.10 12.32
C TRP D 213 23.34 5.17 13.83
N MET D 214 22.94 6.34 14.31
CA MET D 214 22.90 6.64 15.74
C MET D 214 21.52 7.13 16.17
N SER D 215 21.15 6.77 17.37
CA SER D 215 19.82 7.09 17.93
C SER D 215 19.91 7.31 19.43
N SER D 216 18.99 8.10 19.96
CA SER D 216 18.79 8.25 21.42
C SER D 216 17.43 7.64 21.82
N ASN D 217 16.72 7.02 20.87
CA ASN D 217 15.32 6.57 21.08
C ASN D 217 15.05 5.30 20.25
N LEU D 218 13.78 4.93 20.09
CA LEU D 218 13.40 3.68 19.36
C LEU D 218 13.80 3.78 17.90
N LEU D 219 13.97 4.97 17.33
CA LEU D 219 14.27 5.05 15.88
C LEU D 219 15.63 4.37 15.57
N GLY D 220 15.76 3.81 14.37
CA GLY D 220 17.09 3.27 13.96
C GLY D 220 18.18 4.35 14.11
N HIS D 221 17.80 5.55 13.72
CA HIS D 221 18.67 6.71 13.69
C HIS D 221 17.87 7.97 13.48
N GLU D 222 18.35 9.00 14.11
CA GLU D 222 18.03 10.35 13.69
C GLU D 222 19.26 11.00 13.12
N VAL D 223 20.44 10.51 13.47
CA VAL D 223 21.69 11.04 12.91
C VAL D 223 22.54 9.88 12.40
N ALA D 224 22.97 10.01 11.17
CA ALA D 224 23.91 9.07 10.55
C ALA D 224 25.10 9.88 10.10
N CYS D 225 26.20 9.17 9.94
CA CYS D 225 27.46 9.78 9.44
C CYS D 225 28.07 8.79 8.48
N MET D 226 28.38 9.25 7.28
CA MET D 226 29.03 8.38 6.26
C MET D 226 30.34 9.04 5.81
N ARG D 227 31.30 8.20 5.49
CA ARG D 227 32.68 8.66 5.18
C ARG D 227 32.64 9.44 3.87
N ASP D 228 33.25 10.62 3.84
CA ASP D 228 33.41 11.44 2.61
C ASP D 228 34.59 10.84 1.83
N MET D 229 34.33 10.15 0.73
CA MET D 229 35.33 9.35 -0.03
C MET D 229 36.14 10.32 -0.93
N THR D 230 35.80 11.61 -0.95
CA THR D 230 36.50 12.62 -1.76
C THR D 230 37.54 13.35 -0.93
N GLY D 231 37.64 13.07 0.38
CA GLY D 231 38.53 13.82 1.29
C GLY D 231 37.96 15.16 1.73
N GLY D 232 36.71 15.49 1.40
CA GLY D 232 36.03 16.69 1.94
C GLY D 232 35.77 16.59 3.44
N HIS D 233 35.30 17.66 4.08
CA HIS D 233 35.03 17.79 5.54
CA HIS D 233 34.96 17.69 5.53
C HIS D 233 33.65 18.44 5.76
N GLY D 234 32.91 18.03 6.79
CA GLY D 234 31.80 18.81 7.33
C GLY D 234 30.62 18.97 6.38
N LYS D 235 30.41 18.05 5.43
CA LYS D 235 29.31 18.22 4.46
C LYS D 235 28.02 17.54 4.93
N LEU D 236 26.92 17.91 4.28
CA LEU D 236 25.60 17.26 4.42
C LEU D 236 25.48 16.18 3.34
N HIS D 237 25.21 14.94 3.71
CA HIS D 237 24.81 13.91 2.70
C HIS D 237 23.33 14.14 2.35
N HIS D 238 22.45 14.09 3.33
CA HIS D 238 21.03 14.34 3.09
C HIS D 238 20.29 14.74 4.36
N LEU D 239 19.16 15.39 4.12
CA LEU D 239 18.11 15.63 5.14
C LEU D 239 16.90 14.82 4.72
N ALA D 240 16.26 14.16 5.66
CA ALA D 240 15.16 13.24 5.39
C ALA D 240 13.89 13.72 6.08
N PHE D 241 12.78 13.55 5.39
CA PHE D 241 11.41 13.82 5.86
C PHE D 241 10.62 12.54 5.82
N PHE D 242 9.55 12.50 6.60
CA PHE D 242 8.80 11.27 6.90
C PHE D 242 7.40 11.29 6.31
N TYR D 243 7.05 10.20 5.61
CA TYR D 243 5.67 9.90 5.18
C TYR D 243 5.02 8.83 6.08
N GLY D 244 5.74 7.78 6.44
CA GLY D 244 5.22 6.62 7.21
C GLY D 244 4.56 5.56 6.31
N THR D 245 4.45 5.82 5.01
CA THR D 245 3.67 4.99 4.05
C THR D 245 4.50 4.79 2.80
N GLY D 246 4.84 3.56 2.41
CA GLY D 246 5.67 3.28 1.22
C GLY D 246 5.05 3.82 -0.04
N GLN D 247 3.72 3.79 -0.15
CA GLN D 247 3.04 4.29 -1.36
C GLN D 247 3.38 5.76 -1.56
N HIS D 248 3.61 6.54 -0.50
CA HIS D 248 3.86 7.96 -0.68
C HIS D 248 5.24 8.19 -1.32
N ASN D 249 6.16 7.28 -1.16
CA ASN D 249 7.46 7.39 -1.93
C ASN D 249 7.19 7.07 -3.41
N ILE D 250 6.31 6.14 -3.68
CA ILE D 250 5.89 5.83 -5.07
C ILE D 250 5.20 7.06 -5.65
N ASP D 251 4.25 7.63 -4.92
CA ASP D 251 3.57 8.85 -5.39
C ASP D 251 4.60 9.98 -5.56
N ALA D 252 5.51 10.16 -4.61
CA ALA D 252 6.47 11.27 -4.67
C ALA D 252 7.36 11.08 -5.88
N VAL D 253 7.85 9.86 -6.15
CA VAL D 253 8.81 9.71 -7.27
C VAL D 253 8.09 9.97 -8.61
N GLU D 254 6.81 9.61 -8.72
CA GLU D 254 6.02 9.85 -9.96
C GLU D 254 5.83 11.36 -10.17
N MET D 255 5.58 12.07 -9.09
CA MET D 255 5.47 13.54 -9.07
C MET D 255 6.81 14.14 -9.51
N PHE D 256 7.89 13.77 -8.88
CA PHE D 256 9.23 14.31 -9.22
C PHE D 256 9.57 14.00 -10.68
N ARG D 257 9.26 12.79 -11.15
CA ARG D 257 9.53 12.38 -12.52
C ARG D 257 8.82 13.31 -13.49
N ASP D 258 7.50 13.50 -13.33
CA ASP D 258 6.73 14.30 -14.31
C ASP D 258 6.91 15.81 -14.11
N TYR D 259 7.48 16.29 -13.02
CA TYR D 259 7.64 17.74 -12.77
C TYR D 259 9.13 18.10 -12.69
N ASP D 260 9.99 17.27 -13.24
CA ASP D 260 11.40 17.65 -13.58
C ASP D 260 12.27 17.84 -12.37
N ILE D 261 12.13 16.98 -11.35
CA ILE D 261 13.10 16.94 -10.24
C ILE D 261 14.00 15.76 -10.47
N GLN D 262 15.31 15.93 -10.22
CA GLN D 262 16.27 14.84 -10.45
C GLN D 262 16.11 13.77 -9.35
N ILE D 263 15.96 12.54 -9.77
CA ILE D 263 15.79 11.36 -8.87
C ILE D 263 17.09 10.59 -8.80
N GLU D 264 17.62 10.37 -7.62
CA GLU D 264 18.91 9.65 -7.44
C GLU D 264 18.67 8.15 -7.35
N ALA D 265 17.80 7.68 -6.44
CA ALA D 265 17.60 6.25 -6.25
C ALA D 265 16.28 6.05 -5.49
N GLY D 266 15.77 4.85 -5.61
CA GLY D 266 14.53 4.42 -4.95
C GLY D 266 13.36 4.74 -5.87
N PRO D 267 12.11 4.46 -5.43
CA PRO D 267 11.86 3.93 -4.09
C PRO D 267 12.32 2.47 -3.90
N ASP D 268 12.85 2.18 -2.73
CA ASP D 268 13.21 0.80 -2.34
C ASP D 268 13.33 0.83 -0.83
N LYS D 269 13.98 -0.20 -0.26
CA LYS D 269 14.12 -0.34 1.20
C LYS D 269 15.60 -0.62 1.50
N HIS D 270 16.19 0.18 2.37
CA HIS D 270 17.56 -0.06 2.88
C HIS D 270 17.52 -1.28 3.82
N GLY D 271 18.36 -2.28 3.66
CA GLY D 271 18.58 -3.32 4.68
C GLY D 271 19.03 -2.68 6.00
N ILE D 272 19.96 -1.74 5.90
CA ILE D 272 20.44 -0.90 7.05
C ILE D 272 19.30 0.01 7.45
N THR D 273 18.82 -0.09 8.70
CA THR D 273 17.64 0.62 9.30
C THR D 273 16.31 0.03 8.83
N GLN D 274 16.27 -0.77 7.76
CA GLN D 274 14.99 -1.25 7.23
C GLN D 274 14.08 -0.07 6.90
N SER D 275 14.62 0.95 6.31
CA SER D 275 13.82 2.16 5.96
CA SER D 275 13.79 2.15 5.98
C SER D 275 13.49 2.17 4.47
N GLN D 276 12.25 2.45 4.15
CA GLN D 276 11.80 2.71 2.76
C GLN D 276 12.24 4.11 2.36
N PHE D 277 13.02 4.22 1.31
CA PHE D 277 13.75 5.45 0.94
C PHE D 277 13.45 5.85 -0.51
N LEU D 278 13.57 7.15 -0.73
CA LEU D 278 13.57 7.81 -2.05
C LEU D 278 14.51 8.99 -1.91
N TYR D 279 15.50 9.06 -2.77
CA TYR D 279 16.47 10.17 -2.79
C TYR D 279 16.24 10.99 -4.04
N VAL D 280 16.11 12.29 -3.85
CA VAL D 280 16.03 13.29 -4.93
C VAL D 280 16.97 14.45 -4.59
N PHE D 281 17.21 15.29 -5.61
CA PHE D 281 17.94 16.57 -5.41
C PHE D 281 16.94 17.70 -5.50
N GLU D 282 16.83 18.49 -4.43
CA GLU D 282 16.05 19.74 -4.53
C GLU D 282 16.81 20.72 -5.43
N PRO D 283 16.13 21.70 -6.03
CA PRO D 283 16.74 22.54 -7.06
C PRO D 283 18.02 23.28 -6.62
N GLY D 284 18.17 23.60 -5.33
CA GLY D 284 19.41 24.23 -4.83
C GLY D 284 20.61 23.29 -4.77
N GLY D 285 20.43 21.97 -4.97
CA GLY D 285 21.52 20.98 -5.02
C GLY D 285 21.61 20.10 -3.78
N ASN D 286 20.80 20.34 -2.74
CA ASN D 286 20.84 19.47 -1.53
C ASN D 286 20.10 18.17 -1.84
N ARG D 287 20.62 17.09 -1.30
CA ARG D 287 19.99 15.75 -1.40
C ARG D 287 18.94 15.66 -0.30
N ILE D 288 17.74 15.34 -0.70
CA ILE D 288 16.59 15.16 0.23
C ILE D 288 16.16 13.70 0.14
N GLU D 289 15.90 13.08 1.30
CA GLU D 289 15.39 11.71 1.34
C GLU D 289 13.94 11.77 1.84
N LEU D 290 13.07 11.00 1.22
CA LEU D 290 11.67 10.78 1.67
C LEU D 290 11.61 9.35 2.24
N PHE D 291 11.07 9.22 3.43
CA PHE D 291 11.04 7.94 4.20
C PHE D 291 9.61 7.44 4.19
N GLY D 292 9.41 6.19 3.81
CA GLY D 292 8.09 5.54 3.86
C GLY D 292 7.84 4.99 5.27
N GLU D 293 7.56 3.71 5.36
CA GLU D 293 7.26 3.02 6.66
C GLU D 293 8.41 3.21 7.63
N ALA D 294 8.07 3.47 8.86
CA ALA D 294 9.06 3.66 9.94
C ALA D 294 10.08 2.52 9.88
N GLY D 295 9.61 1.29 9.63
CA GLY D 295 10.49 0.11 9.56
C GLY D 295 10.77 -0.51 10.95
N TYR D 296 12.07 -0.62 11.32
CA TYR D 296 12.51 -1.46 12.46
C TYR D 296 12.67 -0.57 13.70
N LEU D 297 11.79 -0.78 14.68
CA LEU D 297 11.88 -0.01 15.95
C LEU D 297 12.75 -0.79 16.93
N HIS D 298 13.65 -0.06 17.57
CA HIS D 298 14.67 -0.63 18.47
C HIS D 298 14.10 -0.75 19.88
N LEU D 299 13.19 -1.69 20.09
CA LEU D 299 12.51 -1.87 21.37
C LEU D 299 13.49 -2.48 22.39
N ASP D 300 14.29 -3.44 21.95
CA ASP D 300 15.30 -4.10 22.84
C ASP D 300 16.30 -3.03 23.29
N PRO D 301 16.33 -2.70 24.60
CA PRO D 301 17.16 -1.61 25.12
C PRO D 301 18.68 -1.87 25.15
N ASP D 302 19.15 -3.09 24.97
CA ASP D 302 20.62 -3.33 24.97
C ASP D 302 20.99 -4.27 23.82
N ALA D 303 20.39 -4.10 22.65
CA ALA D 303 20.83 -4.78 21.42
C ALA D 303 22.27 -4.39 21.11
N GLU D 304 23.09 -5.32 20.67
CA GLU D 304 24.45 -5.02 20.21
C GLU D 304 24.33 -4.25 18.91
N THR D 305 25.27 -3.37 18.65
CA THR D 305 25.44 -2.68 17.34
C THR D 305 25.51 -3.78 16.28
N LYS D 306 24.80 -3.62 15.18
CA LYS D 306 24.87 -4.57 14.05
C LYS D 306 25.95 -4.02 13.11
N THR D 307 27.01 -4.79 12.85
CA THR D 307 28.15 -4.37 11.99
C THR D 307 28.03 -5.01 10.63
N TRP D 308 27.82 -4.21 9.61
CA TRP D 308 27.77 -4.65 8.20
C TRP D 308 29.19 -4.60 7.66
N GLN D 309 29.66 -5.73 7.16
CA GLN D 309 30.99 -5.88 6.50
C GLN D 309 30.75 -5.62 5.01
N MET D 310 31.73 -5.91 4.18
CA MET D 310 31.63 -5.76 2.70
C MET D 310 30.98 -7.01 2.07
N SER D 311 31.00 -8.14 2.78
CA SER D 311 30.30 -9.42 2.45
C SER D 311 28.79 -9.32 2.75
N ASP D 312 28.45 -8.50 3.74
CA ASP D 312 27.07 -8.19 4.20
C ASP D 312 26.43 -7.15 3.26
N ILE D 313 27.21 -6.45 2.42
CA ILE D 313 26.90 -5.02 2.07
C ILE D 313 25.68 -4.89 1.16
N ASP D 314 25.46 -5.80 0.22
CA ASP D 314 24.49 -5.60 -0.89
C ASP D 314 23.08 -5.29 -0.34
N THR D 315 22.55 -6.18 0.49
CA THR D 315 21.24 -6.01 1.18
C THR D 315 21.23 -4.70 2.03
N GLY D 316 22.36 -4.26 2.58
CA GLY D 316 22.42 -3.05 3.44
C GLY D 316 21.92 -1.83 2.71
N LEU D 317 22.37 -1.72 1.47
CA LEU D 317 22.04 -0.63 0.56
C LEU D 317 20.57 -0.73 0.10
N ALA D 318 20.16 -1.90 -0.37
CA ALA D 318 18.80 -2.09 -0.96
C ALA D 318 18.38 -3.55 -0.87
N VAL D 319 17.20 -3.80 -0.32
CA VAL D 319 16.61 -5.15 -0.29
C VAL D 319 16.18 -5.52 -1.71
N GLY D 320 15.58 -4.56 -2.42
CA GLY D 320 15.10 -4.81 -3.79
C GLY D 320 16.22 -4.56 -4.78
N GLY D 321 15.84 -4.31 -6.02
CA GLY D 321 16.78 -4.26 -7.15
C GLY D 321 17.43 -2.91 -7.27
N ALA D 322 17.17 -1.96 -6.37
CA ALA D 322 17.71 -0.60 -6.54
C ALA D 322 19.23 -0.60 -6.57
N LYS D 323 19.76 0.27 -7.44
CA LYS D 323 21.23 0.51 -7.55
C LYS D 323 21.48 1.97 -7.15
N LEU D 324 22.29 2.18 -6.13
CA LEU D 324 22.71 3.54 -5.68
C LEU D 324 23.86 4.00 -6.57
N PRO D 325 23.76 5.16 -7.23
CA PRO D 325 24.77 5.56 -8.22
C PRO D 325 26.08 5.90 -7.49
N TRP D 326 27.15 5.22 -7.92
CA TRP D 326 28.54 5.53 -7.49
C TRP D 326 28.81 7.03 -7.66
N GLU D 327 28.41 7.59 -8.79
CA GLU D 327 28.89 8.94 -9.20
C GLU D 327 28.18 10.05 -8.43
N SER D 328 27.22 9.73 -7.55
CA SER D 328 26.61 10.76 -6.68
C SER D 328 26.55 10.27 -5.25
N TYR D 329 26.08 9.05 -5.02
CA TYR D 329 25.63 8.64 -3.66
C TYR D 329 26.83 8.59 -2.73
N PHE D 330 27.94 8.10 -3.25
CA PHE D 330 29.13 7.78 -2.46
C PHE D 330 30.10 8.96 -2.45
N THR D 331 29.86 10.00 -3.26
CA THR D 331 30.86 11.08 -3.51
C THR D 331 30.31 12.50 -3.37
N TYR D 332 29.02 12.72 -3.63
CA TYR D 332 28.40 14.07 -3.61
C TYR D 332 27.72 14.34 -2.28
N GLY D 333 28.11 15.46 -1.67
CA GLY D 333 27.40 16.10 -0.54
C GLY D 333 27.49 17.61 -0.65
N THR D 334 26.86 18.36 0.26
CA THR D 334 26.79 19.83 0.13
C THR D 334 27.41 20.47 1.36
N PRO D 335 28.20 21.57 1.18
CA PRO D 335 28.54 22.12 -0.13
C PRO D 335 29.54 21.26 -0.91
N SER D 336 29.43 21.27 -2.22
CA SER D 336 30.28 20.52 -3.18
C SER D 336 31.18 21.53 -3.90
N PRO D 337 32.50 21.28 -4.06
CA PRO D 337 33.35 22.17 -4.84
C PRO D 337 32.87 22.23 -6.30
N LEU D 338 32.09 21.25 -6.76
CA LEU D 338 31.48 21.22 -8.12
C LEU D 338 29.96 21.31 -8.04
N SER D 339 29.33 21.84 -9.08
CA SER D 339 27.88 21.71 -9.36
C SER D 339 27.55 20.21 -9.40
N LEU D 340 26.29 19.84 -9.22
CA LEU D 340 25.89 18.41 -9.23
C LEU D 340 26.21 17.83 -10.60
N ASP D 341 25.91 18.56 -11.69
CA ASP D 341 26.16 18.11 -13.08
C ASP D 341 27.67 17.93 -13.28
N GLN D 342 28.49 18.91 -12.85
CA GLN D 342 29.97 18.83 -12.95
C GLN D 342 30.50 17.67 -12.09
N HIS D 343 29.91 17.47 -10.90
CA HIS D 343 30.28 16.32 -10.01
C HIS D 343 30.08 14.99 -10.73
N ILE D 344 28.89 14.76 -11.28
CA ILE D 344 28.49 13.48 -11.93
C ILE D 344 29.41 13.27 -13.15
N GLU D 345 29.65 14.33 -13.93
CA GLU D 345 30.62 14.37 -15.05
C GLU D 345 31.97 13.82 -14.55
N LYS D 346 32.53 14.43 -13.51
CA LYS D 346 33.88 14.10 -13.00
C LYS D 346 33.93 12.65 -12.51
N TYR D 347 32.94 12.19 -11.73
CA TYR D 347 33.04 10.89 -11.00
C TYR D 347 32.54 9.75 -11.89
N ALA D 348 31.84 10.07 -12.98
CA ALA D 348 31.51 9.14 -14.08
C ALA D 348 32.58 9.20 -15.18
N HIS D 349 33.58 10.08 -15.08
CA HIS D 349 34.70 10.27 -16.07
C HIS D 349 34.17 10.72 -17.45
N PHE D 350 33.16 11.61 -17.53
CA PHE D 350 32.71 12.24 -18.80
C PHE D 350 33.69 13.37 -19.13
N PRO D 355 41.01 9.91 -17.14
CA PRO D 355 40.18 10.14 -15.94
C PRO D 355 40.72 11.31 -15.09
N ASP D 356 40.03 11.64 -13.99
CA ASP D 356 40.51 12.61 -12.96
C ASP D 356 41.27 11.81 -11.88
N PRO D 357 42.53 12.20 -11.52
CA PRO D 357 43.28 11.53 -10.45
C PRO D 357 42.52 11.50 -9.10
N ASP D 358 41.70 12.52 -8.85
CA ASP D 358 40.81 12.65 -7.66
C ASP D 358 39.69 11.59 -7.67
N ALA D 359 38.99 11.41 -8.79
CA ALA D 359 37.98 10.34 -9.02
C ALA D 359 38.60 8.95 -8.75
N LEU D 360 39.82 8.70 -9.25
CA LEU D 360 40.55 7.40 -9.12
C LEU D 360 40.99 7.19 -7.65
N ALA D 361 41.48 8.25 -6.98
CA ALA D 361 41.82 8.24 -5.53
C ALA D 361 40.59 7.77 -4.72
N ALA D 362 39.41 8.33 -5.01
CA ALA D 362 38.11 7.97 -4.38
C ALA D 362 37.79 6.49 -4.63
N GLU D 363 37.95 6.04 -5.88
CA GLU D 363 37.72 4.63 -6.30
C GLU D 363 38.63 3.70 -5.50
N LEU D 364 39.93 4.04 -5.37
CA LEU D 364 40.93 3.15 -4.71
C LEU D 364 40.68 3.09 -3.20
N SER D 365 40.23 4.18 -2.56
CA SER D 365 39.96 4.23 -1.09
C SER D 365 38.71 3.38 -0.74
N VAL D 366 37.71 3.29 -1.63
CA VAL D 366 36.45 2.50 -1.42
C VAL D 366 36.72 1.02 -1.67
N PRO D 367 36.32 0.09 -0.77
CA PRO D 367 36.42 -1.34 -1.06
C PRO D 367 35.49 -1.79 -2.19
N ASP D 368 35.94 -2.72 -3.04
CA ASP D 368 35.31 -3.08 -4.34
C ASP D 368 33.95 -3.77 -4.11
N GLU D 369 33.76 -4.44 -2.97
CA GLU D 369 32.47 -5.13 -2.64
C GLU D 369 31.37 -4.07 -2.53
N LEU D 370 31.74 -2.88 -2.05
CA LEU D 370 30.87 -1.68 -1.93
C LEU D 370 30.78 -1.02 -3.32
N GLU D 371 31.92 -0.75 -3.96
CA GLU D 371 32.04 -0.04 -5.27
C GLU D 371 31.35 -0.84 -6.39
N HIS D 372 31.54 -2.15 -6.45
CA HIS D 372 31.00 -3.05 -7.51
C HIS D 372 29.90 -3.96 -6.94
N SER D 373 29.28 -3.58 -5.82
CA SER D 373 28.06 -4.23 -5.28
C SER D 373 26.98 -4.28 -6.40
N ARG D 374 26.12 -5.29 -6.42
CA ARG D 374 24.91 -5.32 -7.28
C ARG D 374 23.91 -4.21 -6.86
N ALA D 375 24.12 -3.52 -5.72
CA ALA D 375 23.28 -2.38 -5.26
C ALA D 375 23.92 -1.02 -5.65
N VAL D 376 24.98 -1.03 -6.47
CA VAL D 376 25.70 0.19 -6.96
C VAL D 376 25.71 0.12 -8.50
N ALA D 377 25.45 1.26 -9.17
CA ALA D 377 25.57 1.44 -10.64
C ALA D 377 26.67 2.49 -10.91
FE FE E . -19.89 0.95 -7.31
CA CA F . -36.90 -7.92 6.24
O01 8RU G . -20.93 -0.10 -5.77
O02 8RU G . -19.04 -0.82 -7.29
C03 8RU G . -20.91 -3.67 -4.89
C04 8RU G . -21.58 -4.73 -4.03
C05 8RU G . -21.28 -2.33 -4.90
C06 8RU G . -19.87 -4.06 -5.72
C07 8RU G . -20.65 -1.44 -5.71
C08 8RU G . -22.62 -4.19 -3.04
C09 8RU G . -19.23 -3.14 -6.52
C10 8RU G . -19.63 -1.83 -6.51
FE FE H . -5.16 -1.77 20.35
CA CA I . -26.00 5.78 27.08
O01 8RU J . -7.22 -0.93 20.25
O02 8RU J . -4.69 -0.02 19.70
C03 8RU J . -7.87 2.68 19.89
C04 8RU J . -8.99 3.77 19.94
C05 8RU J . -8.07 1.33 20.12
C06 8RU J . -6.58 3.10 19.60
C07 8RU J . -7.01 0.44 20.06
C08 8RU J . -10.41 3.25 20.14
C09 8RU J . -5.52 2.22 19.54
C10 8RU J . -5.75 0.89 19.79
FE FE K . 6.50 -7.80 -18.75
CA CA L . 25.10 1.96 -28.86
CA CA M . 1.01 -28.16 -40.84
O01 8RU N . 8.26 -6.51 -19.17
O02 8RU N . 5.75 -6.11 -18.94
C03 8RU N . 8.13 -2.90 -20.16
C04 8RU N . 8.97 -1.71 -20.64
C05 8RU N . 8.66 -4.16 -19.90
C06 8RU N . 6.77 -2.72 -20.01
C07 8RU N . 7.83 -5.20 -19.48
C08 8RU N . 10.47 -1.97 -20.71
C09 8RU N . 5.93 -3.76 -19.57
C10 8RU N . 6.49 -4.99 -19.33
FE FE O . 18.82 8.54 5.23
CA CA P . 37.77 0.50 -5.06
CA CA Q . 18.90 34.67 11.72
O01 8RU R . 20.17 7.31 4.06
O02 8RU R . 18.40 6.69 5.95
C03 8RU R . 21.15 3.81 4.69
C04 8RU R . 22.12 2.70 4.27
C05 8RU R . 21.15 5.09 4.17
C06 8RU R . 20.20 3.53 5.66
C07 8RU R . 20.22 6.03 4.62
C08 8RU R . 23.18 3.04 3.23
C09 8RU R . 19.28 4.47 6.10
C10 8RU R . 19.31 5.73 5.57
#